data_3K6D
# 
_entry.id   3K6D 
# 
_audit_conform.dict_name       mmcif_pdbx.dic 
_audit_conform.dict_version    5.387 
_audit_conform.dict_location   http://mmcif.pdb.org/dictionaries/ascii/mmcif_pdbx.dic 
# 
loop_
_database_2.database_id 
_database_2.database_code 
_database_2.pdbx_database_accession 
_database_2.pdbx_DOI 
PDB   3K6D         pdb_00003k6d 10.2210/pdb3k6d/pdb 
RCSB  RCSB055602   ?            ?                   
WWPDB D_1000055602 ?            ?                   
# 
loop_
_pdbx_audit_revision_history.ordinal 
_pdbx_audit_revision_history.data_content_type 
_pdbx_audit_revision_history.major_revision 
_pdbx_audit_revision_history.minor_revision 
_pdbx_audit_revision_history.revision_date 
1 'Structure model' 1 0 2010-03-02 
2 'Structure model' 1 1 2011-07-13 
3 'Structure model' 1 2 2024-02-21 
# 
_pdbx_audit_revision_details.ordinal             1 
_pdbx_audit_revision_details.revision_ordinal    1 
_pdbx_audit_revision_details.data_content_type   'Structure model' 
_pdbx_audit_revision_details.provider            repository 
_pdbx_audit_revision_details.type                'Initial release' 
_pdbx_audit_revision_details.description         ? 
_pdbx_audit_revision_details.details             ? 
# 
loop_
_pdbx_audit_revision_group.ordinal 
_pdbx_audit_revision_group.revision_ordinal 
_pdbx_audit_revision_group.data_content_type 
_pdbx_audit_revision_group.group 
1 2 'Structure model' 'Version format compliance' 
2 3 'Structure model' 'Data collection'           
3 3 'Structure model' 'Database references'       
4 3 'Structure model' 'Derived calculations'      
# 
loop_
_pdbx_audit_revision_category.ordinal 
_pdbx_audit_revision_category.revision_ordinal 
_pdbx_audit_revision_category.data_content_type 
_pdbx_audit_revision_category.category 
1 3 'Structure model' chem_comp_atom     
2 3 'Structure model' chem_comp_bond     
3 3 'Structure model' database_2         
4 3 'Structure model' struct_ref_seq_dif 
5 3 'Structure model' struct_site        
# 
loop_
_pdbx_audit_revision_item.ordinal 
_pdbx_audit_revision_item.revision_ordinal 
_pdbx_audit_revision_item.data_content_type 
_pdbx_audit_revision_item.item 
1 3 'Structure model' '_database_2.pdbx_DOI'                
2 3 'Structure model' '_database_2.pdbx_database_accession' 
3 3 'Structure model' '_struct_ref_seq_dif.details'         
4 3 'Structure model' '_struct_site.pdbx_auth_asym_id'      
5 3 'Structure model' '_struct_site.pdbx_auth_comp_id'      
6 3 'Structure model' '_struct_site.pdbx_auth_seq_id'       
# 
_pdbx_database_status.entry_id                        3K6D 
_pdbx_database_status.deposit_site                    RCSB 
_pdbx_database_status.process_site                    RCSB 
_pdbx_database_status.recvd_initial_deposition_date   2009-10-08 
_pdbx_database_status.status_code                     REL 
_pdbx_database_status.status_code_sf                  REL 
_pdbx_database_status.status_code_mr                  ? 
_pdbx_database_status.SG_entry                        ? 
_pdbx_database_status.pdb_format_compatible           Y 
_pdbx_database_status.status_code_cs                  ? 
_pdbx_database_status.status_code_nmr_data            ? 
_pdbx_database_status.methods_development_category    ? 
# 
loop_
_pdbx_database_related.db_name 
_pdbx_database_related.db_id 
_pdbx_database_related.details 
_pdbx_database_related.content_type 
PDB 3K6F 'Crystal structure of mouse T-cadherin EC1'   unspecified 
PDB 3K6I 'Crystal structure of chicken T-cadherin EC1' unspecified 
# 
loop_
_audit_author.name 
_audit_author.pdbx_ordinal 
'Shapiro, L.' 1 
'Ciatto, C.'  2 
# 
_citation.id                        primary 
_citation.title                     'T-cadherin structures reveal a novel adhesive binding mechanism' 
_citation.journal_abbrev            Nat.Struct.Mol.Biol. 
_citation.journal_volume            17 
_citation.page_first                339 
_citation.page_last                 347 
_citation.year                      2010 
_citation.journal_id_ASTM           ? 
_citation.country                   US 
_citation.journal_id_ISSN           1545-9993 
_citation.journal_id_CSD            ? 
_citation.book_publisher            ? 
_citation.pdbx_database_id_PubMed   20190755 
_citation.pdbx_database_id_DOI      10.1038/nsmb.1781 
# 
loop_
_citation_author.citation_id 
_citation_author.name 
_citation_author.ordinal 
_citation_author.identifier_ORCID 
primary 'Ciatto, C.'          1  ? 
primary 'Bahna, F.'           2  ? 
primary 'Zampieri, N.'        3  ? 
primary 'Vansteenhouse, H.C.' 4  ? 
primary 'Katsamba, P.S.'      5  ? 
primary 'Ahlsen, G.'          6  ? 
primary 'Harrison, O.J.'      7  ? 
primary 'Brasch, J.'          8  ? 
primary 'Jin, X.'             9  ? 
primary 'Posy, S.'            10 ? 
primary 'Vendome, J.'         11 ? 
primary 'Ranscht, B.'         12 ? 
primary 'Jessell, T.M.'       13 ? 
primary 'Honig, B.'           14 ? 
primary 'Shapiro, L.'         15 ? 
# 
loop_
_entity.id 
_entity.type 
_entity.src_method 
_entity.pdbx_description 
_entity.formula_weight 
_entity.pdbx_number_of_molecules 
_entity.pdbx_ec 
_entity.pdbx_mutation 
_entity.pdbx_fragment 
_entity.details 
1 polymer     man T-cadherin 10797.280 1   ? ? 'EC1 domain: UNP residues 136-233' ? 
2 non-polymer syn 'ZINC ION' 65.409    1   ? ? ?                                  ? 
3 water       nat water      18.015    102 ? ? ?                                  ? 
# 
_entity_name_com.entity_id   1 
_entity_name_com.name        'LOC495024 protein' 
# 
_entity_poly.entity_id                      1 
_entity_poly.type                           'polypeptide(L)' 
_entity_poly.nstd_linkage                   no 
_entity_poly.nstd_monomer                   no 
_entity_poly.pdbx_seq_one_letter_code       
;SIVAPSISIPENQRIPFPKIVGRVVVSDRIPGSKIKLYGKGVDQEPKGIFKINENSGEVSVTKALDREAIPSYQLQVETT
DENGKTIEGPVDLEILVID
;
_entity_poly.pdbx_seq_one_letter_code_can   
;SIVAPSISIPENQRIPFPKIVGRVVVSDRIPGSKIKLYGKGVDQEPKGIFKINENSGEVSVTKALDREAIPSYQLQVETT
DENGKTIEGPVDLEILVID
;
_entity_poly.pdbx_strand_id                 A 
_entity_poly.pdbx_target_identifier         ? 
# 
loop_
_pdbx_entity_nonpoly.entity_id 
_pdbx_entity_nonpoly.name 
_pdbx_entity_nonpoly.comp_id 
2 'ZINC ION' ZN  
3 water      HOH 
# 
loop_
_entity_poly_seq.entity_id 
_entity_poly_seq.num 
_entity_poly_seq.mon_id 
_entity_poly_seq.hetero 
1 1  SER n 
1 2  ILE n 
1 3  VAL n 
1 4  ALA n 
1 5  PRO n 
1 6  SER n 
1 7  ILE n 
1 8  SER n 
1 9  ILE n 
1 10 PRO n 
1 11 GLU n 
1 12 ASN n 
1 13 GLN n 
1 14 ARG n 
1 15 ILE n 
1 16 PRO n 
1 17 PHE n 
1 18 PRO n 
1 19 LYS n 
1 20 ILE n 
1 21 VAL n 
1 22 GLY n 
1 23 ARG n 
1 24 VAL n 
1 25 VAL n 
1 26 VAL n 
1 27 SER n 
1 28 ASP n 
1 29 ARG n 
1 30 ILE n 
1 31 PRO n 
1 32 GLY n 
1 33 SER n 
1 34 LYS n 
1 35 ILE n 
1 36 LYS n 
1 37 LEU n 
1 38 TYR n 
1 39 GLY n 
1 40 LYS n 
1 41 GLY n 
1 42 VAL n 
1 43 ASP n 
1 44 GLN n 
1 45 GLU n 
1 46 PRO n 
1 47 LYS n 
1 48 GLY n 
1 49 ILE n 
1 50 PHE n 
1 51 LYS n 
1 52 ILE n 
1 53 ASN n 
1 54 GLU n 
1 55 ASN n 
1 56 SER n 
1 57 GLY n 
1 58 GLU n 
1 59 VAL n 
1 60 SER n 
1 61 VAL n 
1 62 THR n 
1 63 LYS n 
1 64 ALA n 
1 65 LEU n 
1 66 ASP n 
1 67 ARG n 
1 68 GLU n 
1 69 ALA n 
1 70 ILE n 
1 71 PRO n 
1 72 SER n 
1 73 TYR n 
1 74 GLN n 
1 75 LEU n 
1 76 GLN n 
1 77 VAL n 
1 78 GLU n 
1 79 THR n 
1 80 THR n 
1 81 ASP n 
1 82 GLU n 
1 83 ASN n 
1 84 GLY n 
1 85 LYS n 
1 86 THR n 
1 87 ILE n 
1 88 GLU n 
1 89 GLY n 
1 90 PRO n 
1 91 VAL n 
1 92 ASP n 
1 93 LEU n 
1 94 GLU n 
1 95 ILE n 
1 96 LEU n 
1 97 VAL n 
1 98 ILE n 
1 99 ASP n 
# 
_entity_src_gen.entity_id                          1 
_entity_src_gen.pdbx_src_id                        1 
_entity_src_gen.pdbx_alt_source_flag               sample 
_entity_src_gen.pdbx_seq_type                      ? 
_entity_src_gen.pdbx_beg_seq_num                   ? 
_entity_src_gen.pdbx_end_seq_num                   ? 
_entity_src_gen.gene_src_common_name               frog 
_entity_src_gen.gene_src_genus                     ? 
_entity_src_gen.pdbx_gene_src_gene                 'cdh13, LOC495024' 
_entity_src_gen.gene_src_species                   ? 
_entity_src_gen.gene_src_strain                    ? 
_entity_src_gen.gene_src_tissue                    ? 
_entity_src_gen.gene_src_tissue_fraction           ? 
_entity_src_gen.gene_src_details                   ? 
_entity_src_gen.pdbx_gene_src_fragment             ? 
_entity_src_gen.pdbx_gene_src_scientific_name      'Xenopus laevis' 
_entity_src_gen.pdbx_gene_src_ncbi_taxonomy_id     8355 
_entity_src_gen.pdbx_gene_src_variant              ? 
_entity_src_gen.pdbx_gene_src_cell_line            ? 
_entity_src_gen.pdbx_gene_src_atcc                 ? 
_entity_src_gen.pdbx_gene_src_organ                ? 
_entity_src_gen.pdbx_gene_src_organelle            ? 
_entity_src_gen.pdbx_gene_src_cell                 ? 
_entity_src_gen.pdbx_gene_src_cellular_location    ? 
_entity_src_gen.host_org_common_name               ? 
_entity_src_gen.pdbx_host_org_scientific_name      'Escherichia coli' 
_entity_src_gen.pdbx_host_org_ncbi_taxonomy_id     562 
_entity_src_gen.host_org_genus                     ? 
_entity_src_gen.pdbx_host_org_gene                 ? 
_entity_src_gen.pdbx_host_org_organ                ? 
_entity_src_gen.host_org_species                   ? 
_entity_src_gen.pdbx_host_org_tissue               ? 
_entity_src_gen.pdbx_host_org_tissue_fraction      ? 
_entity_src_gen.pdbx_host_org_strain               ? 
_entity_src_gen.pdbx_host_org_variant              ? 
_entity_src_gen.pdbx_host_org_cell_line            ? 
_entity_src_gen.pdbx_host_org_atcc                 ? 
_entity_src_gen.pdbx_host_org_culture_collection   ? 
_entity_src_gen.pdbx_host_org_cell                 ? 
_entity_src_gen.pdbx_host_org_organelle            ? 
_entity_src_gen.pdbx_host_org_cellular_location    ? 
_entity_src_gen.pdbx_host_org_vector_type          ? 
_entity_src_gen.pdbx_host_org_vector               ? 
_entity_src_gen.host_org_details                   ? 
_entity_src_gen.expression_system_id               ? 
_entity_src_gen.plasmid_name                       ? 
_entity_src_gen.plasmid_details                    ? 
_entity_src_gen.pdbx_description                   ? 
# 
loop_
_chem_comp.id 
_chem_comp.type 
_chem_comp.mon_nstd_flag 
_chem_comp.name 
_chem_comp.pdbx_synonyms 
_chem_comp.formula 
_chem_comp.formula_weight 
ALA 'L-peptide linking' y ALANINE         ? 'C3 H7 N O2'     89.093  
ARG 'L-peptide linking' y ARGININE        ? 'C6 H15 N4 O2 1' 175.209 
ASN 'L-peptide linking' y ASPARAGINE      ? 'C4 H8 N2 O3'    132.118 
ASP 'L-peptide linking' y 'ASPARTIC ACID' ? 'C4 H7 N O4'     133.103 
GLN 'L-peptide linking' y GLUTAMINE       ? 'C5 H10 N2 O3'   146.144 
GLU 'L-peptide linking' y 'GLUTAMIC ACID' ? 'C5 H9 N O4'     147.129 
GLY 'peptide linking'   y GLYCINE         ? 'C2 H5 N O2'     75.067  
HOH non-polymer         . WATER           ? 'H2 O'           18.015  
ILE 'L-peptide linking' y ISOLEUCINE      ? 'C6 H13 N O2'    131.173 
LEU 'L-peptide linking' y LEUCINE         ? 'C6 H13 N O2'    131.173 
LYS 'L-peptide linking' y LYSINE          ? 'C6 H15 N2 O2 1' 147.195 
PHE 'L-peptide linking' y PHENYLALANINE   ? 'C9 H11 N O2'    165.189 
PRO 'L-peptide linking' y PROLINE         ? 'C5 H9 N O2'     115.130 
SER 'L-peptide linking' y SERINE          ? 'C3 H7 N O3'     105.093 
THR 'L-peptide linking' y THREONINE       ? 'C4 H9 N O3'     119.119 
TYR 'L-peptide linking' y TYROSINE        ? 'C9 H11 N O3'    181.189 
VAL 'L-peptide linking' y VALINE          ? 'C5 H11 N O2'    117.146 
ZN  non-polymer         . 'ZINC ION'      ? 'Zn 2'           65.409  
# 
loop_
_pdbx_poly_seq_scheme.asym_id 
_pdbx_poly_seq_scheme.entity_id 
_pdbx_poly_seq_scheme.seq_id 
_pdbx_poly_seq_scheme.mon_id 
_pdbx_poly_seq_scheme.ndb_seq_num 
_pdbx_poly_seq_scheme.pdb_seq_num 
_pdbx_poly_seq_scheme.auth_seq_num 
_pdbx_poly_seq_scheme.pdb_mon_id 
_pdbx_poly_seq_scheme.auth_mon_id 
_pdbx_poly_seq_scheme.pdb_strand_id 
_pdbx_poly_seq_scheme.pdb_ins_code 
_pdbx_poly_seq_scheme.hetero 
A 1 1  SER 1  1  1  SER SER A . n 
A 1 2  ILE 2  2  2  ILE ILE A . n 
A 1 3  VAL 3  3  3  VAL VAL A . n 
A 1 4  ALA 4  4  4  ALA ALA A . n 
A 1 5  PRO 5  5  5  PRO PRO A . n 
A 1 6  SER 6  6  6  SER SER A . n 
A 1 7  ILE 7  7  7  ILE ILE A . n 
A 1 8  SER 8  8  8  SER SER A . n 
A 1 9  ILE 9  9  9  ILE ILE A . n 
A 1 10 PRO 10 10 10 PRO PRO A . n 
A 1 11 GLU 11 11 11 GLU GLU A . n 
A 1 12 ASN 12 12 12 ASN ASN A . n 
A 1 13 GLN 13 13 13 GLN GLN A . n 
A 1 14 ARG 14 14 14 ARG ARG A . n 
A 1 15 ILE 15 15 15 ILE ILE A . n 
A 1 16 PRO 16 16 16 PRO PRO A . n 
A 1 17 PHE 17 17 17 PHE PHE A . n 
A 1 18 PRO 18 18 18 PRO PRO A . n 
A 1 19 LYS 19 19 19 LYS LYS A . n 
A 1 20 ILE 20 20 20 ILE ILE A . n 
A 1 21 VAL 21 21 21 VAL VAL A . n 
A 1 22 GLY 22 22 22 GLY GLY A . n 
A 1 23 ARG 23 23 23 ARG ARG A . n 
A 1 24 VAL 24 24 24 VAL VAL A . n 
A 1 25 VAL 25 25 25 VAL VAL A . n 
A 1 26 VAL 26 26 26 VAL VAL A . n 
A 1 27 SER 27 27 27 SER SER A . n 
A 1 28 ASP 28 28 28 ASP ASP A . n 
A 1 29 ARG 29 29 29 ARG ARG A . n 
A 1 30 ILE 30 30 30 ILE ILE A . n 
A 1 31 PRO 31 31 31 PRO PRO A . n 
A 1 32 GLY 32 32 32 GLY GLY A . n 
A 1 33 SER 33 33 33 SER SER A . n 
A 1 34 LYS 34 34 34 LYS LYS A . n 
A 1 35 ILE 35 35 35 ILE ILE A . n 
A 1 36 LYS 36 36 36 LYS LYS A . n 
A 1 37 LEU 37 37 37 LEU LEU A . n 
A 1 38 TYR 38 38 38 TYR TYR A . n 
A 1 39 GLY 39 39 39 GLY GLY A . n 
A 1 40 LYS 40 40 40 LYS LYS A . n 
A 1 41 GLY 41 41 41 GLY GLY A . n 
A 1 42 VAL 42 42 42 VAL VAL A . n 
A 1 43 ASP 43 43 43 ASP ASP A . n 
A 1 44 GLN 44 44 44 GLN GLN A . n 
A 1 45 GLU 45 45 45 GLU GLU A . n 
A 1 46 PRO 46 46 46 PRO PRO A . n 
A 1 47 LYS 47 47 47 LYS LYS A . n 
A 1 48 GLY 48 48 48 GLY GLY A . n 
A 1 49 ILE 49 49 49 ILE ILE A . n 
A 1 50 PHE 50 50 50 PHE PHE A . n 
A 1 51 LYS 51 51 51 LYS LYS A . n 
A 1 52 ILE 52 52 52 ILE ILE A . n 
A 1 53 ASN 53 53 53 ASN ASN A . n 
A 1 54 GLU 54 54 54 GLU GLU A . n 
A 1 55 ASN 55 55 55 ASN ASN A . n 
A 1 56 SER 56 56 56 SER SER A . n 
A 1 57 GLY 57 57 57 GLY GLY A . n 
A 1 58 GLU 58 58 58 GLU GLU A . n 
A 1 59 VAL 59 59 59 VAL VAL A . n 
A 1 60 SER 60 60 60 SER SER A . n 
A 1 61 VAL 61 61 61 VAL VAL A . n 
A 1 62 THR 62 62 62 THR THR A . n 
A 1 63 LYS 63 63 63 LYS LYS A . n 
A 1 64 ALA 64 64 64 ALA ALA A . n 
A 1 65 LEU 65 65 65 LEU LEU A . n 
A 1 66 ASP 66 66 66 ASP ASP A . n 
A 1 67 ARG 67 67 67 ARG ARG A . n 
A 1 68 GLU 68 68 68 GLU GLU A . n 
A 1 69 ALA 69 69 69 ALA ALA A . n 
A 1 70 ILE 70 70 70 ILE ILE A . n 
A 1 71 PRO 71 71 71 PRO PRO A . n 
A 1 72 SER 72 72 72 SER SER A . n 
A 1 73 TYR 73 73 73 TYR TYR A . n 
A 1 74 GLN 74 74 74 GLN GLN A . n 
A 1 75 LEU 75 75 75 LEU LEU A . n 
A 1 76 GLN 76 76 76 GLN GLN A . n 
A 1 77 VAL 77 77 77 VAL VAL A . n 
A 1 78 GLU 78 78 78 GLU GLU A . n 
A 1 79 THR 79 79 79 THR THR A . n 
A 1 80 THR 80 80 80 THR THR A . n 
A 1 81 ASP 81 81 81 ASP ASP A . n 
A 1 82 GLU 82 82 82 GLU GLU A . n 
A 1 83 ASN 83 83 83 ASN ASN A . n 
A 1 84 GLY 84 84 84 GLY GLY A . n 
A 1 85 LYS 85 85 85 LYS LYS A . n 
A 1 86 THR 86 86 86 THR THR A . n 
A 1 87 ILE 87 87 87 ILE ILE A . n 
A 1 88 GLU 88 88 88 GLU GLU A . n 
A 1 89 GLY 89 89 89 GLY GLY A . n 
A 1 90 PRO 90 90 90 PRO PRO A . n 
A 1 91 VAL 91 91 91 VAL VAL A . n 
A 1 92 ASP 92 92 92 ASP ASP A . n 
A 1 93 LEU 93 93 93 LEU LEU A . n 
A 1 94 GLU 94 94 94 GLU GLU A . n 
A 1 95 ILE 95 95 95 ILE ILE A . n 
A 1 96 LEU 96 96 96 LEU LEU A . n 
A 1 97 VAL 97 97 97 VAL VAL A . n 
A 1 98 ILE 98 98 98 ILE ILE A . n 
A 1 99 ASP 99 99 99 ASP ASP A . n 
# 
loop_
_pdbx_nonpoly_scheme.asym_id 
_pdbx_nonpoly_scheme.entity_id 
_pdbx_nonpoly_scheme.mon_id 
_pdbx_nonpoly_scheme.ndb_seq_num 
_pdbx_nonpoly_scheme.pdb_seq_num 
_pdbx_nonpoly_scheme.auth_seq_num 
_pdbx_nonpoly_scheme.pdb_mon_id 
_pdbx_nonpoly_scheme.auth_mon_id 
_pdbx_nonpoly_scheme.pdb_strand_id 
_pdbx_nonpoly_scheme.pdb_ins_code 
B 2 ZN  1   201 201 ZN  ZN  A . 
C 3 HOH 1   100 100 HOH HOH A . 
C 3 HOH 2   101 1   HOH HOH A . 
C 3 HOH 3   102 102 HOH HOH A . 
C 3 HOH 4   103 103 HOH HOH A . 
C 3 HOH 5   104 104 HOH HOH A . 
C 3 HOH 6   105 2   HOH HOH A . 
C 3 HOH 7   106 3   HOH HOH A . 
C 3 HOH 8   107 4   HOH HOH A . 
C 3 HOH 9   108 5   HOH HOH A . 
C 3 HOH 10  109 6   HOH HOH A . 
C 3 HOH 11  110 7   HOH HOH A . 
C 3 HOH 12  111 8   HOH HOH A . 
C 3 HOH 13  112 9   HOH HOH A . 
C 3 HOH 14  113 10  HOH HOH A . 
C 3 HOH 15  114 11  HOH HOH A . 
C 3 HOH 16  115 12  HOH HOH A . 
C 3 HOH 17  116 13  HOH HOH A . 
C 3 HOH 18  117 14  HOH HOH A . 
C 3 HOH 19  118 15  HOH HOH A . 
C 3 HOH 20  119 16  HOH HOH A . 
C 3 HOH 21  120 17  HOH HOH A . 
C 3 HOH 22  121 18  HOH HOH A . 
C 3 HOH 23  122 19  HOH HOH A . 
C 3 HOH 24  123 20  HOH HOH A . 
C 3 HOH 25  124 21  HOH HOH A . 
C 3 HOH 26  125 22  HOH HOH A . 
C 3 HOH 27  126 23  HOH HOH A . 
C 3 HOH 28  127 24  HOH HOH A . 
C 3 HOH 29  128 25  HOH HOH A . 
C 3 HOH 30  129 26  HOH HOH A . 
C 3 HOH 31  130 27  HOH HOH A . 
C 3 HOH 32  131 28  HOH HOH A . 
C 3 HOH 33  132 29  HOH HOH A . 
C 3 HOH 34  133 30  HOH HOH A . 
C 3 HOH 35  134 31  HOH HOH A . 
C 3 HOH 36  135 32  HOH HOH A . 
C 3 HOH 37  136 33  HOH HOH A . 
C 3 HOH 38  137 34  HOH HOH A . 
C 3 HOH 39  138 35  HOH HOH A . 
C 3 HOH 40  139 36  HOH HOH A . 
C 3 HOH 41  140 37  HOH HOH A . 
C 3 HOH 42  141 38  HOH HOH A . 
C 3 HOH 43  142 39  HOH HOH A . 
C 3 HOH 44  143 40  HOH HOH A . 
C 3 HOH 45  144 41  HOH HOH A . 
C 3 HOH 46  145 42  HOH HOH A . 
C 3 HOH 47  146 43  HOH HOH A . 
C 3 HOH 48  147 44  HOH HOH A . 
C 3 HOH 49  148 45  HOH HOH A . 
C 3 HOH 50  149 46  HOH HOH A . 
C 3 HOH 51  150 47  HOH HOH A . 
C 3 HOH 52  151 48  HOH HOH A . 
C 3 HOH 53  152 49  HOH HOH A . 
C 3 HOH 54  153 50  HOH HOH A . 
C 3 HOH 55  154 51  HOH HOH A . 
C 3 HOH 56  155 52  HOH HOH A . 
C 3 HOH 57  156 53  HOH HOH A . 
C 3 HOH 58  157 55  HOH HOH A . 
C 3 HOH 59  158 56  HOH HOH A . 
C 3 HOH 60  159 57  HOH HOH A . 
C 3 HOH 61  160 58  HOH HOH A . 
C 3 HOH 62  161 59  HOH HOH A . 
C 3 HOH 63  162 60  HOH HOH A . 
C 3 HOH 64  163 61  HOH HOH A . 
C 3 HOH 65  164 62  HOH HOH A . 
C 3 HOH 66  165 63  HOH HOH A . 
C 3 HOH 67  166 64  HOH HOH A . 
C 3 HOH 68  167 65  HOH HOH A . 
C 3 HOH 69  168 66  HOH HOH A . 
C 3 HOH 70  169 67  HOH HOH A . 
C 3 HOH 71  170 68  HOH HOH A . 
C 3 HOH 72  171 69  HOH HOH A . 
C 3 HOH 73  172 70  HOH HOH A . 
C 3 HOH 74  173 71  HOH HOH A . 
C 3 HOH 75  174 72  HOH HOH A . 
C 3 HOH 76  175 73  HOH HOH A . 
C 3 HOH 77  176 74  HOH HOH A . 
C 3 HOH 78  177 75  HOH HOH A . 
C 3 HOH 79  178 76  HOH HOH A . 
C 3 HOH 80  179 77  HOH HOH A . 
C 3 HOH 81  180 78  HOH HOH A . 
C 3 HOH 82  181 79  HOH HOH A . 
C 3 HOH 83  182 80  HOH HOH A . 
C 3 HOH 84  183 81  HOH HOH A . 
C 3 HOH 85  184 82  HOH HOH A . 
C 3 HOH 86  185 83  HOH HOH A . 
C 3 HOH 87  186 84  HOH HOH A . 
C 3 HOH 88  187 85  HOH HOH A . 
C 3 HOH 89  188 86  HOH HOH A . 
C 3 HOH 90  189 87  HOH HOH A . 
C 3 HOH 91  190 88  HOH HOH A . 
C 3 HOH 92  191 89  HOH HOH A . 
C 3 HOH 93  192 90  HOH HOH A . 
C 3 HOH 94  193 91  HOH HOH A . 
C 3 HOH 95  194 92  HOH HOH A . 
C 3 HOH 96  195 93  HOH HOH A . 
C 3 HOH 97  196 94  HOH HOH A . 
C 3 HOH 98  197 95  HOH HOH A . 
C 3 HOH 99  198 96  HOH HOH A . 
C 3 HOH 100 199 97  HOH HOH A . 
C 3 HOH 101 200 98  HOH HOH A . 
C 3 HOH 102 202 99  HOH HOH A . 
# 
loop_
_software.pdbx_ordinal 
_software.name 
_software.version 
_software.date 
_software.type 
_software.contact_author 
_software.contact_author_email 
_software.classification 
_software.location 
_software.language 
_software.citation_id 
1 PHENIX      .     ?               package 'Paul D. Adams' PDAdams@lbl.gov       refinement        http://www.phenix-online.org/ 
C++ ? 
2 PDB_EXTRACT 3.005 'June 11, 2008' package PDB             help@deposit.rcsb.org 'data extraction' 
http://sw-tools.pdb.org/apps/PDB_EXTRACT/ C++ ? 
3 HKL-2000    .     ?               ?       ?               ?                     'data collection' ? ?   ? 
4 MOSFLM      .     ?               ?       ?               ?                     'data reduction'  ? ?   ? 
5 SCALA       .     ?               ?       ?               ?                     'data scaling'    ? ?   ? 
6 SOLVE       .     ?               ?       ?               ?                     phasing           ? ?   ? 
# 
_cell.length_a           78.910 
_cell.length_b           78.910 
_cell.length_c           62.577 
_cell.angle_alpha        90.000 
_cell.angle_beta         90.000 
_cell.angle_gamma        90.000 
_cell.entry_id           3K6D 
_cell.pdbx_unique_axis   ? 
_cell.Z_PDB              16 
_cell.length_a_esd       ? 
_cell.length_b_esd       ? 
_cell.length_c_esd       ? 
_cell.angle_alpha_esd    ? 
_cell.angle_beta_esd     ? 
_cell.angle_gamma_esd    ? 
# 
_symmetry.space_group_name_H-M             'I 41 2 2' 
_symmetry.entry_id                         3K6D 
_symmetry.pdbx_full_space_group_name_H-M   ? 
_symmetry.Int_Tables_number                98 
_symmetry.cell_setting                     ? 
_symmetry.space_group_name_Hall            ? 
# 
_exptl.crystals_number   1 
_exptl.entry_id          3K6D 
_exptl.method            'X-RAY DIFFRACTION' 
# 
_exptl_crystal.id                    1 
_exptl_crystal.density_Matthews      2.26 
_exptl_crystal.density_meas          ? 
_exptl_crystal.density_percent_sol   45.47 
_exptl_crystal.description           ? 
_exptl_crystal.F_000                 ? 
_exptl_crystal.preparation           ? 
# 
_exptl_crystal_grow.crystal_id      1 
_exptl_crystal_grow.method          'VAPOR DIFFUSION, HANGING DROP' 
_exptl_crystal_grow.pH              7.0 
_exptl_crystal_grow.temp            277 
_exptl_crystal_grow.temp_details    ? 
_exptl_crystal_grow.pdbx_details    '50mM Zn acetate, 20 % PEG 3350, pH 7.0, VAPOR DIFFUSION, HANGING DROP, temperature 277K' 
_exptl_crystal_grow.pdbx_pH_range   ? 
# 
_diffrn.id                     1 
_diffrn.ambient_temp           100 
_diffrn.ambient_temp_details   ? 
_diffrn.crystal_id             1 
# 
_diffrn_detector.diffrn_id              1 
_diffrn_detector.detector               CCD 
_diffrn_detector.type                   'ADSC QUANTUM 315' 
_diffrn_detector.pdbx_collection_date   ? 
_diffrn_detector.details                'Horizontal focusing sagitally bent second mono crystal' 
# 
_diffrn_radiation.diffrn_id                        1 
_diffrn_radiation.wavelength_id                    1 
_diffrn_radiation.pdbx_diffrn_protocol             'SINGLE WAVELENGTH' 
_diffrn_radiation.monochromator                    'Cryogenically cooled double crystal Si(111)' 
_diffrn_radiation.pdbx_monochromatic_or_laue_m_l   M 
_diffrn_radiation.pdbx_scattering_type             x-ray 
# 
_diffrn_radiation_wavelength.id           1 
_diffrn_radiation_wavelength.wavelength   0.9791 
_diffrn_radiation_wavelength.wt           1.0 
# 
_diffrn_source.diffrn_id                   1 
_diffrn_source.source                      SYNCHROTRON 
_diffrn_source.type                        'NSLS BEAMLINE X29A' 
_diffrn_source.pdbx_wavelength             ? 
_diffrn_source.pdbx_wavelength_list        0.9791 
_diffrn_source.pdbx_synchrotron_site       NSLS 
_diffrn_source.pdbx_synchrotron_beamline   X29A 
# 
_reflns.entry_id                     3K6D 
_reflns.B_iso_Wilson_estimate        24.520 
_reflns.observed_criterion_sigma_F   ? 
_reflns.observed_criterion_sigma_I   ? 
_reflns.d_resolution_high            1.80 
_reflns.d_resolution_low             30.0 
_reflns.number_all                   ? 
_reflns.number_obs                   17500 
_reflns.percent_possible_obs         99.9 
_reflns.pdbx_Rmerge_I_obs            0.039 
_reflns.pdbx_Rsym_value              ? 
_reflns.pdbx_netI_over_sigmaI        11.0 
_reflns.pdbx_redundancy              13.4 
_reflns.R_free_details               ? 
_reflns.limit_h_max                  ? 
_reflns.limit_h_min                  ? 
_reflns.limit_k_max                  ? 
_reflns.limit_k_min                  ? 
_reflns.limit_l_max                  ? 
_reflns.limit_l_min                  ? 
_reflns.observed_criterion_F_max     ? 
_reflns.observed_criterion_F_min     ? 
_reflns.pdbx_chi_squared             ? 
_reflns.pdbx_scaling_rejects         ? 
_reflns.pdbx_diffrn_id               1 
_reflns.pdbx_ordinal                 1 
# 
_reflns_shell.d_res_high             1.80 
_reflns_shell.d_res_low              1.90 
_reflns_shell.percent_possible_obs   ? 
_reflns_shell.percent_possible_all   100 
_reflns_shell.Rmerge_I_obs           0.209 
_reflns_shell.meanI_over_sigI_obs    3.6 
_reflns_shell.pdbx_Rsym_value        ? 
_reflns_shell.pdbx_redundancy        ? 
_reflns_shell.number_unique_all      ? 
_reflns_shell.number_measured_all    ? 
_reflns_shell.number_measured_obs    ? 
_reflns_shell.number_unique_obs      ? 
_reflns_shell.pdbx_chi_squared       ? 
_reflns_shell.pdbx_diffrn_id         ? 
_reflns_shell.pdbx_ordinal           1 
# 
_refine.entry_id                                 3K6D 
_refine.ls_d_res_high                            1.800 
_refine.ls_d_res_low                             27.902 
_refine.pdbx_ls_sigma_F                          ? 
_refine.pdbx_data_cutoff_high_absF               ? 
_refine.pdbx_data_cutoff_low_absF                ? 
_refine.ls_percent_reflns_obs                    99.880 
_refine.ls_number_reflns_obs                     17486 
_refine.ls_number_reflns_all                     ? 
_refine.pdbx_ls_cross_valid_method               ? 
_refine.pdbx_R_Free_selection_details            ? 
_refine.details                                  ? 
_refine.ls_R_factor_all                          ? 
_refine.ls_R_factor_obs                          0.227 
_refine.ls_R_factor_R_work                       0.227 
_refine.ls_wR_factor_R_work                      ? 
_refine.ls_R_factor_R_free                       0.285 
_refine.ls_wR_factor_R_free                      ? 
_refine.ls_percent_reflns_R_free                 9.930 
_refine.ls_number_reflns_R_free                  1736 
_refine.ls_R_factor_R_free_error                 ? 
_refine.B_iso_mean                               31.143 
_refine.solvent_model_param_bsol                 68.290 
_refine.solvent_model_param_ksol                 0.378 
_refine.pdbx_isotropic_thermal_model             ? 
_refine.aniso_B[1][1]                            0.860 
_refine.aniso_B[2][2]                            0.860 
_refine.aniso_B[3][3]                            -1.720 
_refine.aniso_B[1][2]                            0.000 
_refine.aniso_B[1][3]                            -0.000 
_refine.aniso_B[2][3]                            0.000 
_refine.correlation_coeff_Fo_to_Fc               ? 
_refine.correlation_coeff_Fo_to_Fc_free          ? 
_refine.overall_SU_R_Cruickshank_DPI             ? 
_refine.overall_SU_R_free                        ? 
_refine.pdbx_overall_ESU_R                       ? 
_refine.pdbx_overall_ESU_R_Free                  ? 
_refine.overall_SU_ML                            ? 
_refine.overall_SU_B                             ? 
_refine.solvent_model_details                    ? 
_refine.pdbx_solvent_vdw_probe_radii             ? 
_refine.pdbx_solvent_ion_probe_radii             ? 
_refine.pdbx_solvent_shrinkage_radii             ? 
_refine.ls_number_parameters                     ? 
_refine.ls_number_restraints                     ? 
_refine.pdbx_starting_model                      ? 
_refine.pdbx_method_to_determine_struct          SAD 
_refine.pdbx_stereochemistry_target_values       'MAXIMUM LIKELIHOOD' 
_refine.pdbx_stereochem_target_val_spec_case     ? 
_refine.overall_FOM_work_R_set                   0.787 
_refine.B_iso_max                                66.01 
_refine.B_iso_min                                3.08 
_refine.occupancy_max                            1.00 
_refine.occupancy_min                            1.00 
_refine.pdbx_ls_sigma_I                          ? 
_refine.ls_redundancy_reflns_obs                 ? 
_refine.ls_R_factor_R_free_error_details         ? 
_refine.pdbx_data_cutoff_high_rms_absF           ? 
_refine.overall_FOM_free_R_set                   ? 
_refine.pdbx_overall_phase_error                 ? 
_refine.pdbx_refine_id                           'X-RAY DIFFRACTION' 
_refine.pdbx_diffrn_id                           1 
_refine.pdbx_TLS_residual_ADP_flag               ? 
_refine.pdbx_overall_SU_R_free_Cruickshank_DPI   ? 
_refine.pdbx_overall_SU_R_Blow_DPI               ? 
_refine.pdbx_overall_SU_R_free_Blow_DPI          ? 
# 
_refine_hist.pdbx_refine_id                   'X-RAY DIFFRACTION' 
_refine_hist.cycle_id                         LAST 
_refine_hist.pdbx_number_atoms_protein        760 
_refine_hist.pdbx_number_atoms_nucleic_acid   0 
_refine_hist.pdbx_number_atoms_ligand         1 
_refine_hist.number_atoms_solvent             102 
_refine_hist.number_atoms_total               863 
_refine_hist.d_res_high                       1.800 
_refine_hist.d_res_low                        27.902 
# 
loop_
_refine_ls_restr.type 
_refine_ls_restr.number 
_refine_ls_restr.dev_ideal 
_refine_ls_restr.dev_ideal_target 
_refine_ls_restr.weight 
_refine_ls_restr.pdbx_refine_id 
_refine_ls_restr.pdbx_restraint_function 
f_angle_d          ? 1.916  ? 1.000 'X-RAY DIFFRACTION' ? 
f_bond_d           ? 0.017  ? 1.000 'X-RAY DIFFRACTION' ? 
f_chiral_restr     ? 0.114  ? 1.000 'X-RAY DIFFRACTION' ? 
f_dihedral_angle_d ? 18.293 ? 1.000 'X-RAY DIFFRACTION' ? 
f_plane_restr      ? 0.008  ? 1.000 'X-RAY DIFFRACTION' ? 
f_nbd_refined      ? 4.112  ? 1.000 'X-RAY DIFFRACTION' ? 
# 
loop_
_refine_ls_shell.d_res_high 
_refine_ls_shell.d_res_low 
_refine_ls_shell.pdbx_total_number_of_bins_used 
_refine_ls_shell.percent_reflns_obs 
_refine_ls_shell.number_reflns_R_work 
_refine_ls_shell.R_factor_all 
_refine_ls_shell.R_factor_R_work 
_refine_ls_shell.R_factor_R_free 
_refine_ls_shell.percent_reflns_R_free 
_refine_ls_shell.number_reflns_R_free 
_refine_ls_shell.R_factor_R_free_error 
_refine_ls_shell.number_reflns_all 
_refine_ls_shell.number_reflns_obs 
_refine_ls_shell.redundancy_reflns_obs 
_refine_ls_shell.pdbx_refine_id 
1.800 1.819  32 90.000 494 . 0.273 . . . . . . . 'X-RAY DIFFRACTION' 
1.819 1.839  32 90.000 499 . 0.262 . . . . . . . 'X-RAY DIFFRACTION' 
1.839 1.860  32 90.000 473 . 0.239 . . . . . . . 'X-RAY DIFFRACTION' 
1.860 1.882  32 90.000 512 . 0.236 . . . . . . . 'X-RAY DIFFRACTION' 
1.882 1.905  32 91.000 474 . 0.246 . . . . . . . 'X-RAY DIFFRACTION' 
1.905 1.929  32 90.000 498 . 0.249 . . . . . . . 'X-RAY DIFFRACTION' 
1.929 1.954  32 90.000 492 . 0.227 . . . . . . . 'X-RAY DIFFRACTION' 
1.954 1.981  32 90.000 503 . 0.213 . . . . . . . 'X-RAY DIFFRACTION' 
1.981 2.010  32 90.000 482 . 0.252 . . . . . . . 'X-RAY DIFFRACTION' 
2.010 2.039  32 90.000 485 . 0.243 . . . . . . . 'X-RAY DIFFRACTION' 
2.039 2.071  32 90.000 496 . 0.232 . . . . . . . 'X-RAY DIFFRACTION' 
2.071 2.105  32 90.000 497 . 0.236 . . . . . . . 'X-RAY DIFFRACTION' 
2.105 2.142  32 90.000 511 . 0.247 . . . . . . . 'X-RAY DIFFRACTION' 
2.142 2.181  32 90.000 473 . 0.207 . . . . . . . 'X-RAY DIFFRACTION' 
2.181 2.222  32 91.000 488 . 0.230 . . . . . . . 'X-RAY DIFFRACTION' 
2.222 2.268  32 90.000 500 . 0.227 . . . . . . . 'X-RAY DIFFRACTION' 
2.268 2.317  32 90.000 483 . 0.231 . . . . . . . 'X-RAY DIFFRACTION' 
2.317 2.371  32 91.000 502 . 0.226 . . . . . . . 'X-RAY DIFFRACTION' 
2.371 2.430  32 91.000 495 . 0.216 . . . . . . . 'X-RAY DIFFRACTION' 
2.430 2.496  32 90.000 484 . 0.246 . . . . . . . 'X-RAY DIFFRACTION' 
2.496 2.569  32 90.000 492 . 0.228 . . . . . . . 'X-RAY DIFFRACTION' 
2.569 2.652  32 90.000 504 . 0.238 . . . . . . . 'X-RAY DIFFRACTION' 
2.652 2.747  32 91.000 493 . 0.237 . . . . . . . 'X-RAY DIFFRACTION' 
2.747 2.857  32 90.000 495 . 0.230 . . . . . . . 'X-RAY DIFFRACTION' 
2.857 2.987  32 90.000 485 . 0.273 . . . . . . . 'X-RAY DIFFRACTION' 
2.987 3.144  32 90.000 502 . 0.223 . . . . . . . 'X-RAY DIFFRACTION' 
3.144 3.341  32 91.000 486 . 0.218 . . . . . . . 'X-RAY DIFFRACTION' 
3.341 3.598  32 89.000 497 . 0.202 . . . . . . . 'X-RAY DIFFRACTION' 
3.598 3.959  32 90.000 484 . 0.203 . . . . . . . 'X-RAY DIFFRACTION' 
3.959 4.530  32 89.000 488 . 0.173 . . . . . . . 'X-RAY DIFFRACTION' 
4.530 5.699  32 90.000 497 . 0.200 . . . . . . . 'X-RAY DIFFRACTION' 
5.699 27.902 32 88.000 486 . 0.238 . . . . . . . 'X-RAY DIFFRACTION' 
# 
_struct.entry_id                  3K6D 
_struct.title                     'Crystal structure of Xenopus laevis T-cadherin EC1' 
_struct.pdbx_model_details        ? 
_struct.pdbx_CASP_flag            ? 
_struct.pdbx_model_type_details   ? 
# 
_struct_keywords.entry_id        3K6D 
_struct_keywords.pdbx_keywords   'CELL ADHESION' 
_struct_keywords.text            'T-cadherin, cell adhesion' 
# 
loop_
_struct_asym.id 
_struct_asym.pdbx_blank_PDB_chainid_flag 
_struct_asym.pdbx_modified 
_struct_asym.entity_id 
_struct_asym.details 
A N N 1 ? 
B N N 2 ? 
C N N 3 ? 
# 
_struct_ref.id                         1 
_struct_ref.db_name                    UNP 
_struct_ref.db_code                    Q5XHE3_XENLA 
_struct_ref.pdbx_db_accession          Q5XHE3 
_struct_ref.entity_id                  1 
_struct_ref.pdbx_seq_one_letter_code   
;IVAPSISIPENQRIPFPKIVGRVVVSDRIPGSKIKLYGKGVDQEPKGIFKINENSGEVSVTKALDREAIPSYQLQVETTD
ENGKTIEGPVDLEILVID
;
_struct_ref.pdbx_align_begin           136 
_struct_ref.pdbx_db_isoform            ? 
# 
_struct_ref_seq.align_id                      1 
_struct_ref_seq.ref_id                        1 
_struct_ref_seq.pdbx_PDB_id_code              3K6D 
_struct_ref_seq.pdbx_strand_id                A 
_struct_ref_seq.seq_align_beg                 2 
_struct_ref_seq.pdbx_seq_align_beg_ins_code   ? 
_struct_ref_seq.seq_align_end                 99 
_struct_ref_seq.pdbx_seq_align_end_ins_code   ? 
_struct_ref_seq.pdbx_db_accession             Q5XHE3 
_struct_ref_seq.db_align_beg                  136 
_struct_ref_seq.pdbx_db_align_beg_ins_code    ? 
_struct_ref_seq.db_align_end                  233 
_struct_ref_seq.pdbx_db_align_end_ins_code    ? 
_struct_ref_seq.pdbx_auth_seq_align_beg       2 
_struct_ref_seq.pdbx_auth_seq_align_end       99 
# 
_struct_ref_seq_dif.align_id                     1 
_struct_ref_seq_dif.pdbx_pdb_id_code             3K6D 
_struct_ref_seq_dif.mon_id                       SER 
_struct_ref_seq_dif.pdbx_pdb_strand_id           A 
_struct_ref_seq_dif.seq_num                      1 
_struct_ref_seq_dif.pdbx_pdb_ins_code            ? 
_struct_ref_seq_dif.pdbx_seq_db_name             UNP 
_struct_ref_seq_dif.pdbx_seq_db_accession_code   Q5XHE3 
_struct_ref_seq_dif.db_mon_id                    ? 
_struct_ref_seq_dif.pdbx_seq_db_seq_num          ? 
_struct_ref_seq_dif.details                      'expression tag' 
_struct_ref_seq_dif.pdbx_auth_seq_num            1 
_struct_ref_seq_dif.pdbx_ordinal                 1 
# 
_pdbx_struct_assembly.id                   1 
_pdbx_struct_assembly.details              software_defined_assembly 
_pdbx_struct_assembly.method_details       PISA 
_pdbx_struct_assembly.oligomeric_details   monomeric 
_pdbx_struct_assembly.oligomeric_count     1 
# 
_pdbx_struct_assembly_gen.assembly_id       1 
_pdbx_struct_assembly_gen.oper_expression   1 
_pdbx_struct_assembly_gen.asym_id_list      A,B,C 
# 
_pdbx_struct_oper_list.id                   1 
_pdbx_struct_oper_list.type                 'identity operation' 
_pdbx_struct_oper_list.name                 1_555 
_pdbx_struct_oper_list.symmetry_operation   x,y,z 
_pdbx_struct_oper_list.matrix[1][1]         1.0000000000 
_pdbx_struct_oper_list.matrix[1][2]         0.0000000000 
_pdbx_struct_oper_list.matrix[1][3]         0.0000000000 
_pdbx_struct_oper_list.vector[1]            0.0000000000 
_pdbx_struct_oper_list.matrix[2][1]         0.0000000000 
_pdbx_struct_oper_list.matrix[2][2]         1.0000000000 
_pdbx_struct_oper_list.matrix[2][3]         0.0000000000 
_pdbx_struct_oper_list.vector[2]            0.0000000000 
_pdbx_struct_oper_list.matrix[3][1]         0.0000000000 
_pdbx_struct_oper_list.matrix[3][2]         0.0000000000 
_pdbx_struct_oper_list.matrix[3][3]         1.0000000000 
_pdbx_struct_oper_list.vector[3]            0.0000000000 
# 
_struct_biol.id        1 
_struct_biol.details   ? 
# 
loop_
_struct_conn.id 
_struct_conn.conn_type_id 
_struct_conn.pdbx_leaving_atom_flag 
_struct_conn.pdbx_PDB_id 
_struct_conn.ptnr1_label_asym_id 
_struct_conn.ptnr1_label_comp_id 
_struct_conn.ptnr1_label_seq_id 
_struct_conn.ptnr1_label_atom_id 
_struct_conn.pdbx_ptnr1_label_alt_id 
_struct_conn.pdbx_ptnr1_PDB_ins_code 
_struct_conn.pdbx_ptnr1_standard_comp_id 
_struct_conn.ptnr1_symmetry 
_struct_conn.ptnr2_label_asym_id 
_struct_conn.ptnr2_label_comp_id 
_struct_conn.ptnr2_label_seq_id 
_struct_conn.ptnr2_label_atom_id 
_struct_conn.pdbx_ptnr2_label_alt_id 
_struct_conn.pdbx_ptnr2_PDB_ins_code 
_struct_conn.ptnr1_auth_asym_id 
_struct_conn.ptnr1_auth_comp_id 
_struct_conn.ptnr1_auth_seq_id 
_struct_conn.ptnr2_auth_asym_id 
_struct_conn.ptnr2_auth_comp_id 
_struct_conn.ptnr2_auth_seq_id 
_struct_conn.ptnr2_symmetry 
_struct_conn.pdbx_ptnr3_label_atom_id 
_struct_conn.pdbx_ptnr3_label_seq_id 
_struct_conn.pdbx_ptnr3_label_comp_id 
_struct_conn.pdbx_ptnr3_label_asym_id 
_struct_conn.pdbx_ptnr3_label_alt_id 
_struct_conn.pdbx_ptnr3_PDB_ins_code 
_struct_conn.details 
_struct_conn.pdbx_dist_value 
_struct_conn.pdbx_value_order 
_struct_conn.pdbx_role 
metalc1 metalc ? ? A GLU 11 OE2 ? ? ? 1_555 B ZN . ZN ? ? A GLU 11 A ZN 201 1_555 ? ? ? ? ? ? ? 2.361 ? ? 
metalc2 metalc ? ? A ASP 99 OD1 ? ? ? 1_555 B ZN . ZN ? ? A ASP 99 A ZN 201 1_555 ? ? ? ? ? ? ? 2.251 ? ? 
metalc3 metalc ? ? A ASP 99 OXT ? ? ? 1_555 B ZN . ZN ? ? A ASP 99 A ZN 201 1_555 ? ? ? ? ? ? ? 2.353 ? ? 
# 
_struct_conn_type.id          metalc 
_struct_conn_type.criteria    ? 
_struct_conn_type.reference   ? 
# 
loop_
_pdbx_struct_conn_angle.id 
_pdbx_struct_conn_angle.ptnr1_label_atom_id 
_pdbx_struct_conn_angle.ptnr1_label_alt_id 
_pdbx_struct_conn_angle.ptnr1_label_asym_id 
_pdbx_struct_conn_angle.ptnr1_label_comp_id 
_pdbx_struct_conn_angle.ptnr1_label_seq_id 
_pdbx_struct_conn_angle.ptnr1_auth_atom_id 
_pdbx_struct_conn_angle.ptnr1_auth_asym_id 
_pdbx_struct_conn_angle.ptnr1_auth_comp_id 
_pdbx_struct_conn_angle.ptnr1_auth_seq_id 
_pdbx_struct_conn_angle.ptnr1_PDB_ins_code 
_pdbx_struct_conn_angle.ptnr1_symmetry 
_pdbx_struct_conn_angle.ptnr2_label_atom_id 
_pdbx_struct_conn_angle.ptnr2_label_alt_id 
_pdbx_struct_conn_angle.ptnr2_label_asym_id 
_pdbx_struct_conn_angle.ptnr2_label_comp_id 
_pdbx_struct_conn_angle.ptnr2_label_seq_id 
_pdbx_struct_conn_angle.ptnr2_auth_atom_id 
_pdbx_struct_conn_angle.ptnr2_auth_asym_id 
_pdbx_struct_conn_angle.ptnr2_auth_comp_id 
_pdbx_struct_conn_angle.ptnr2_auth_seq_id 
_pdbx_struct_conn_angle.ptnr2_PDB_ins_code 
_pdbx_struct_conn_angle.ptnr2_symmetry 
_pdbx_struct_conn_angle.ptnr3_label_atom_id 
_pdbx_struct_conn_angle.ptnr3_label_alt_id 
_pdbx_struct_conn_angle.ptnr3_label_asym_id 
_pdbx_struct_conn_angle.ptnr3_label_comp_id 
_pdbx_struct_conn_angle.ptnr3_label_seq_id 
_pdbx_struct_conn_angle.ptnr3_auth_atom_id 
_pdbx_struct_conn_angle.ptnr3_auth_asym_id 
_pdbx_struct_conn_angle.ptnr3_auth_comp_id 
_pdbx_struct_conn_angle.ptnr3_auth_seq_id 
_pdbx_struct_conn_angle.ptnr3_PDB_ins_code 
_pdbx_struct_conn_angle.ptnr3_symmetry 
_pdbx_struct_conn_angle.value 
_pdbx_struct_conn_angle.value_esd 
1 OE2 ? A GLU 11 ? A GLU 11 ? 1_555 ZN ? B ZN . ? A ZN 201 ? 1_555 OD1 ? A ASP 99 ? A ASP 99 ? 1_555 88.9 ? 
2 OE2 ? A GLU 11 ? A GLU 11 ? 1_555 ZN ? B ZN . ? A ZN 201 ? 1_555 OXT ? A ASP 99 ? A ASP 99 ? 1_555 94.2 ? 
3 OD1 ? A ASP 99 ? A ASP 99 ? 1_555 ZN ? B ZN . ? A ZN 201 ? 1_555 OXT ? A ASP 99 ? A ASP 99 ? 1_555 85.7 ? 
# 
loop_
_struct_mon_prot_cis.pdbx_id 
_struct_mon_prot_cis.label_comp_id 
_struct_mon_prot_cis.label_seq_id 
_struct_mon_prot_cis.label_asym_id 
_struct_mon_prot_cis.label_alt_id 
_struct_mon_prot_cis.pdbx_PDB_ins_code 
_struct_mon_prot_cis.auth_comp_id 
_struct_mon_prot_cis.auth_seq_id 
_struct_mon_prot_cis.auth_asym_id 
_struct_mon_prot_cis.pdbx_label_comp_id_2 
_struct_mon_prot_cis.pdbx_label_seq_id_2 
_struct_mon_prot_cis.pdbx_label_asym_id_2 
_struct_mon_prot_cis.pdbx_PDB_ins_code_2 
_struct_mon_prot_cis.pdbx_auth_comp_id_2 
_struct_mon_prot_cis.pdbx_auth_seq_id_2 
_struct_mon_prot_cis.pdbx_auth_asym_id_2 
_struct_mon_prot_cis.pdbx_PDB_model_num 
_struct_mon_prot_cis.pdbx_omega_angle 
1 ILE 15 A . ? ILE 15 A PRO 16 A ? PRO 16 A 1 9.01   
2 PHE 17 A . ? PHE 17 A PRO 18 A ? PRO 18 A 1 0.90   
3 PRO 31 A . ? PRO 31 A GLY 32 A ? GLY 32 A 1 -13.54 
4 GLU 45 A . ? GLU 45 A PRO 46 A ? PRO 46 A 1 0.84   
5 GLY 89 A . ? GLY 89 A PRO 90 A ? PRO 90 A 1 5.05   
# 
loop_
_struct_sheet.id 
_struct_sheet.type 
_struct_sheet.number_strands 
_struct_sheet.details 
A ? 4 ? 
B ? 3 ? 
# 
loop_
_struct_sheet_order.sheet_id 
_struct_sheet_order.range_id_1 
_struct_sheet_order.range_id_2 
_struct_sheet_order.offset 
_struct_sheet_order.sense 
A 1 2 ? parallel      
A 2 3 ? anti-parallel 
A 3 4 ? anti-parallel 
B 1 2 ? anti-parallel 
B 2 3 ? anti-parallel 
# 
loop_
_struct_sheet_range.sheet_id 
_struct_sheet_range.id 
_struct_sheet_range.beg_label_comp_id 
_struct_sheet_range.beg_label_asym_id 
_struct_sheet_range.beg_label_seq_id 
_struct_sheet_range.pdbx_beg_PDB_ins_code 
_struct_sheet_range.end_label_comp_id 
_struct_sheet_range.end_label_asym_id 
_struct_sheet_range.end_label_seq_id 
_struct_sheet_range.pdbx_end_PDB_ins_code 
_struct_sheet_range.beg_auth_comp_id 
_struct_sheet_range.beg_auth_asym_id 
_struct_sheet_range.beg_auth_seq_id 
_struct_sheet_range.end_auth_comp_id 
_struct_sheet_range.end_auth_asym_id 
_struct_sheet_range.end_auth_seq_id 
A 1 ILE A 7  ? PRO A 10 ? ILE A 7  PRO A 10 
A 2 THR A 86 ? ILE A 98 ? THR A 86 ILE A 98 
A 3 SER A 72 ? THR A 80 ? SER A 72 THR A 80 
A 4 LYS A 34 ? TYR A 38 ? LYS A 34 TYR A 38 
B 1 LYS A 19 ? ARG A 23 ? LYS A 19 ARG A 23 
B 2 GLU A 58 ? VAL A 61 ? GLU A 58 VAL A 61 
B 3 PHE A 50 ? ILE A 52 ? PHE A 50 ILE A 52 
# 
loop_
_pdbx_struct_sheet_hbond.sheet_id 
_pdbx_struct_sheet_hbond.range_id_1 
_pdbx_struct_sheet_hbond.range_id_2 
_pdbx_struct_sheet_hbond.range_1_label_atom_id 
_pdbx_struct_sheet_hbond.range_1_label_comp_id 
_pdbx_struct_sheet_hbond.range_1_label_asym_id 
_pdbx_struct_sheet_hbond.range_1_label_seq_id 
_pdbx_struct_sheet_hbond.range_1_PDB_ins_code 
_pdbx_struct_sheet_hbond.range_1_auth_atom_id 
_pdbx_struct_sheet_hbond.range_1_auth_comp_id 
_pdbx_struct_sheet_hbond.range_1_auth_asym_id 
_pdbx_struct_sheet_hbond.range_1_auth_seq_id 
_pdbx_struct_sheet_hbond.range_2_label_atom_id 
_pdbx_struct_sheet_hbond.range_2_label_comp_id 
_pdbx_struct_sheet_hbond.range_2_label_asym_id 
_pdbx_struct_sheet_hbond.range_2_label_seq_id 
_pdbx_struct_sheet_hbond.range_2_PDB_ins_code 
_pdbx_struct_sheet_hbond.range_2_auth_atom_id 
_pdbx_struct_sheet_hbond.range_2_auth_comp_id 
_pdbx_struct_sheet_hbond.range_2_auth_asym_id 
_pdbx_struct_sheet_hbond.range_2_auth_seq_id 
A 1 2 N ILE A 7  ? N ILE A 7  O LEU A 96 ? O LEU A 96 
A 2 3 O ILE A 95 ? O ILE A 95 N TYR A 73 ? N TYR A 73 
A 3 4 O GLU A 78 ? O GLU A 78 N LYS A 36 ? N LYS A 36 
B 1 2 N GLY A 22 ? N GLY A 22 O VAL A 59 ? O VAL A 59 
B 2 3 O SER A 60 ? O SER A 60 N LYS A 51 ? N LYS A 51 
# 
_struct_site.id                   AC1 
_struct_site.pdbx_evidence_code   Software 
_struct_site.pdbx_auth_asym_id    A 
_struct_site.pdbx_auth_comp_id    ZN 
_struct_site.pdbx_auth_seq_id     201 
_struct_site.pdbx_auth_ins_code   ? 
_struct_site.pdbx_num_residues    4 
_struct_site.details              'BINDING SITE FOR RESIDUE ZN A 201' 
# 
loop_
_struct_site_gen.id 
_struct_site_gen.site_id 
_struct_site_gen.pdbx_num_res 
_struct_site_gen.label_comp_id 
_struct_site_gen.label_asym_id 
_struct_site_gen.label_seq_id 
_struct_site_gen.pdbx_auth_ins_code 
_struct_site_gen.auth_comp_id 
_struct_site_gen.auth_asym_id 
_struct_site_gen.auth_seq_id 
_struct_site_gen.label_atom_id 
_struct_site_gen.label_alt_id 
_struct_site_gen.symmetry 
_struct_site_gen.details 
1 AC1 4 GLU A 11 ? GLU A 11 . ? 5_455 ? 
2 AC1 4 GLU A 11 ? GLU A 11 . ? 1_555 ? 
3 AC1 4 ASP A 99 ? ASP A 99 . ? 5_455 ? 
4 AC1 4 ASP A 99 ? ASP A 99 . ? 1_555 ? 
# 
loop_
_pdbx_validate_close_contact.id 
_pdbx_validate_close_contact.PDB_model_num 
_pdbx_validate_close_contact.auth_atom_id_1 
_pdbx_validate_close_contact.auth_asym_id_1 
_pdbx_validate_close_contact.auth_comp_id_1 
_pdbx_validate_close_contact.auth_seq_id_1 
_pdbx_validate_close_contact.PDB_ins_code_1 
_pdbx_validate_close_contact.label_alt_id_1 
_pdbx_validate_close_contact.auth_atom_id_2 
_pdbx_validate_close_contact.auth_asym_id_2 
_pdbx_validate_close_contact.auth_comp_id_2 
_pdbx_validate_close_contact.auth_seq_id_2 
_pdbx_validate_close_contact.PDB_ins_code_2 
_pdbx_validate_close_contact.label_alt_id_2 
_pdbx_validate_close_contact.dist 
1 1 OG1 A THR 79  ? ? CG A GLU 88  ? ? 1.62 
2 1 O   A HOH 134 ? ? O  A HOH 177 ? ? 2.15 
3 1 O   A HOH 123 ? ? O  A HOH 146 ? ? 2.18 
4 1 NH2 A ARG 29  ? ? O  A ASN 55  ? ? 2.19 
# 
loop_
_pdbx_validate_symm_contact.id 
_pdbx_validate_symm_contact.PDB_model_num 
_pdbx_validate_symm_contact.auth_atom_id_1 
_pdbx_validate_symm_contact.auth_asym_id_1 
_pdbx_validate_symm_contact.auth_comp_id_1 
_pdbx_validate_symm_contact.auth_seq_id_1 
_pdbx_validate_symm_contact.PDB_ins_code_1 
_pdbx_validate_symm_contact.label_alt_id_1 
_pdbx_validate_symm_contact.site_symmetry_1 
_pdbx_validate_symm_contact.auth_atom_id_2 
_pdbx_validate_symm_contact.auth_asym_id_2 
_pdbx_validate_symm_contact.auth_comp_id_2 
_pdbx_validate_symm_contact.auth_seq_id_2 
_pdbx_validate_symm_contact.PDB_ins_code_2 
_pdbx_validate_symm_contact.label_alt_id_2 
_pdbx_validate_symm_contact.site_symmetry_2 
_pdbx_validate_symm_contact.dist 
1 1 O A HOH 130 ? ? 1_555 O A HOH 130 ? ? 8_556 2.07 
2 1 O A HOH 202 ? ? 1_555 O A HOH 202 ? ? 6_555 2.13 
# 
_pdbx_validate_rmsd_angle.id                         1 
_pdbx_validate_rmsd_angle.PDB_model_num              1 
_pdbx_validate_rmsd_angle.auth_atom_id_1             NE 
_pdbx_validate_rmsd_angle.auth_asym_id_1             A 
_pdbx_validate_rmsd_angle.auth_comp_id_1             ARG 
_pdbx_validate_rmsd_angle.auth_seq_id_1              14 
_pdbx_validate_rmsd_angle.PDB_ins_code_1             ? 
_pdbx_validate_rmsd_angle.label_alt_id_1             ? 
_pdbx_validate_rmsd_angle.auth_atom_id_2             CZ 
_pdbx_validate_rmsd_angle.auth_asym_id_2             A 
_pdbx_validate_rmsd_angle.auth_comp_id_2             ARG 
_pdbx_validate_rmsd_angle.auth_seq_id_2              14 
_pdbx_validate_rmsd_angle.PDB_ins_code_2             ? 
_pdbx_validate_rmsd_angle.label_alt_id_2             ? 
_pdbx_validate_rmsd_angle.auth_atom_id_3             NH2 
_pdbx_validate_rmsd_angle.auth_asym_id_3             A 
_pdbx_validate_rmsd_angle.auth_comp_id_3             ARG 
_pdbx_validate_rmsd_angle.auth_seq_id_3              14 
_pdbx_validate_rmsd_angle.PDB_ins_code_3             ? 
_pdbx_validate_rmsd_angle.label_alt_id_3             ? 
_pdbx_validate_rmsd_angle.angle_value                116.82 
_pdbx_validate_rmsd_angle.angle_target_value         120.30 
_pdbx_validate_rmsd_angle.angle_deviation            -3.48 
_pdbx_validate_rmsd_angle.angle_standard_deviation   0.50 
_pdbx_validate_rmsd_angle.linker_flag                N 
# 
loop_
_pdbx_validate_torsion.id 
_pdbx_validate_torsion.PDB_model_num 
_pdbx_validate_torsion.auth_comp_id 
_pdbx_validate_torsion.auth_asym_id 
_pdbx_validate_torsion.auth_seq_id 
_pdbx_validate_torsion.PDB_ins_code 
_pdbx_validate_torsion.label_alt_id 
_pdbx_validate_torsion.phi 
_pdbx_validate_torsion.psi 
1 1 SER A 27 ? ? 77.21   -57.59 
2 1 VAL A 42 ? ? -122.28 -83.33 
3 1 ILE A 87 ? ? -106.12 -63.56 
# 
loop_
_pdbx_struct_special_symmetry.id 
_pdbx_struct_special_symmetry.PDB_model_num 
_pdbx_struct_special_symmetry.auth_asym_id 
_pdbx_struct_special_symmetry.auth_comp_id 
_pdbx_struct_special_symmetry.auth_seq_id 
_pdbx_struct_special_symmetry.PDB_ins_code 
_pdbx_struct_special_symmetry.label_asym_id 
_pdbx_struct_special_symmetry.label_comp_id 
_pdbx_struct_special_symmetry.label_seq_id 
1 1 A ZN  201 ? B ZN  . 
2 1 A HOH 101 ? C HOH . 
3 1 A HOH 106 ? C HOH . 
4 1 A HOH 116 ? C HOH . 
5 1 A HOH 138 ? C HOH . 
6 1 A HOH 142 ? C HOH . 
7 1 A HOH 173 ? C HOH . 
# 
loop_
_chem_comp_atom.comp_id 
_chem_comp_atom.atom_id 
_chem_comp_atom.type_symbol 
_chem_comp_atom.pdbx_aromatic_flag 
_chem_comp_atom.pdbx_stereo_config 
_chem_comp_atom.pdbx_ordinal 
ALA N    N  N N 1   
ALA CA   C  N S 2   
ALA C    C  N N 3   
ALA O    O  N N 4   
ALA CB   C  N N 5   
ALA OXT  O  N N 6   
ALA H    H  N N 7   
ALA H2   H  N N 8   
ALA HA   H  N N 9   
ALA HB1  H  N N 10  
ALA HB2  H  N N 11  
ALA HB3  H  N N 12  
ALA HXT  H  N N 13  
ARG N    N  N N 14  
ARG CA   C  N S 15  
ARG C    C  N N 16  
ARG O    O  N N 17  
ARG CB   C  N N 18  
ARG CG   C  N N 19  
ARG CD   C  N N 20  
ARG NE   N  N N 21  
ARG CZ   C  N N 22  
ARG NH1  N  N N 23  
ARG NH2  N  N N 24  
ARG OXT  O  N N 25  
ARG H    H  N N 26  
ARG H2   H  N N 27  
ARG HA   H  N N 28  
ARG HB2  H  N N 29  
ARG HB3  H  N N 30  
ARG HG2  H  N N 31  
ARG HG3  H  N N 32  
ARG HD2  H  N N 33  
ARG HD3  H  N N 34  
ARG HE   H  N N 35  
ARG HH11 H  N N 36  
ARG HH12 H  N N 37  
ARG HH21 H  N N 38  
ARG HH22 H  N N 39  
ARG HXT  H  N N 40  
ASN N    N  N N 41  
ASN CA   C  N S 42  
ASN C    C  N N 43  
ASN O    O  N N 44  
ASN CB   C  N N 45  
ASN CG   C  N N 46  
ASN OD1  O  N N 47  
ASN ND2  N  N N 48  
ASN OXT  O  N N 49  
ASN H    H  N N 50  
ASN H2   H  N N 51  
ASN HA   H  N N 52  
ASN HB2  H  N N 53  
ASN HB3  H  N N 54  
ASN HD21 H  N N 55  
ASN HD22 H  N N 56  
ASN HXT  H  N N 57  
ASP N    N  N N 58  
ASP CA   C  N S 59  
ASP C    C  N N 60  
ASP O    O  N N 61  
ASP CB   C  N N 62  
ASP CG   C  N N 63  
ASP OD1  O  N N 64  
ASP OD2  O  N N 65  
ASP OXT  O  N N 66  
ASP H    H  N N 67  
ASP H2   H  N N 68  
ASP HA   H  N N 69  
ASP HB2  H  N N 70  
ASP HB3  H  N N 71  
ASP HD2  H  N N 72  
ASP HXT  H  N N 73  
GLN N    N  N N 74  
GLN CA   C  N S 75  
GLN C    C  N N 76  
GLN O    O  N N 77  
GLN CB   C  N N 78  
GLN CG   C  N N 79  
GLN CD   C  N N 80  
GLN OE1  O  N N 81  
GLN NE2  N  N N 82  
GLN OXT  O  N N 83  
GLN H    H  N N 84  
GLN H2   H  N N 85  
GLN HA   H  N N 86  
GLN HB2  H  N N 87  
GLN HB3  H  N N 88  
GLN HG2  H  N N 89  
GLN HG3  H  N N 90  
GLN HE21 H  N N 91  
GLN HE22 H  N N 92  
GLN HXT  H  N N 93  
GLU N    N  N N 94  
GLU CA   C  N S 95  
GLU C    C  N N 96  
GLU O    O  N N 97  
GLU CB   C  N N 98  
GLU CG   C  N N 99  
GLU CD   C  N N 100 
GLU OE1  O  N N 101 
GLU OE2  O  N N 102 
GLU OXT  O  N N 103 
GLU H    H  N N 104 
GLU H2   H  N N 105 
GLU HA   H  N N 106 
GLU HB2  H  N N 107 
GLU HB3  H  N N 108 
GLU HG2  H  N N 109 
GLU HG3  H  N N 110 
GLU HE2  H  N N 111 
GLU HXT  H  N N 112 
GLY N    N  N N 113 
GLY CA   C  N N 114 
GLY C    C  N N 115 
GLY O    O  N N 116 
GLY OXT  O  N N 117 
GLY H    H  N N 118 
GLY H2   H  N N 119 
GLY HA2  H  N N 120 
GLY HA3  H  N N 121 
GLY HXT  H  N N 122 
HOH O    O  N N 123 
HOH H1   H  N N 124 
HOH H2   H  N N 125 
ILE N    N  N N 126 
ILE CA   C  N S 127 
ILE C    C  N N 128 
ILE O    O  N N 129 
ILE CB   C  N S 130 
ILE CG1  C  N N 131 
ILE CG2  C  N N 132 
ILE CD1  C  N N 133 
ILE OXT  O  N N 134 
ILE H    H  N N 135 
ILE H2   H  N N 136 
ILE HA   H  N N 137 
ILE HB   H  N N 138 
ILE HG12 H  N N 139 
ILE HG13 H  N N 140 
ILE HG21 H  N N 141 
ILE HG22 H  N N 142 
ILE HG23 H  N N 143 
ILE HD11 H  N N 144 
ILE HD12 H  N N 145 
ILE HD13 H  N N 146 
ILE HXT  H  N N 147 
LEU N    N  N N 148 
LEU CA   C  N S 149 
LEU C    C  N N 150 
LEU O    O  N N 151 
LEU CB   C  N N 152 
LEU CG   C  N N 153 
LEU CD1  C  N N 154 
LEU CD2  C  N N 155 
LEU OXT  O  N N 156 
LEU H    H  N N 157 
LEU H2   H  N N 158 
LEU HA   H  N N 159 
LEU HB2  H  N N 160 
LEU HB3  H  N N 161 
LEU HG   H  N N 162 
LEU HD11 H  N N 163 
LEU HD12 H  N N 164 
LEU HD13 H  N N 165 
LEU HD21 H  N N 166 
LEU HD22 H  N N 167 
LEU HD23 H  N N 168 
LEU HXT  H  N N 169 
LYS N    N  N N 170 
LYS CA   C  N S 171 
LYS C    C  N N 172 
LYS O    O  N N 173 
LYS CB   C  N N 174 
LYS CG   C  N N 175 
LYS CD   C  N N 176 
LYS CE   C  N N 177 
LYS NZ   N  N N 178 
LYS OXT  O  N N 179 
LYS H    H  N N 180 
LYS H2   H  N N 181 
LYS HA   H  N N 182 
LYS HB2  H  N N 183 
LYS HB3  H  N N 184 
LYS HG2  H  N N 185 
LYS HG3  H  N N 186 
LYS HD2  H  N N 187 
LYS HD3  H  N N 188 
LYS HE2  H  N N 189 
LYS HE3  H  N N 190 
LYS HZ1  H  N N 191 
LYS HZ2  H  N N 192 
LYS HZ3  H  N N 193 
LYS HXT  H  N N 194 
PHE N    N  N N 195 
PHE CA   C  N S 196 
PHE C    C  N N 197 
PHE O    O  N N 198 
PHE CB   C  N N 199 
PHE CG   C  Y N 200 
PHE CD1  C  Y N 201 
PHE CD2  C  Y N 202 
PHE CE1  C  Y N 203 
PHE CE2  C  Y N 204 
PHE CZ   C  Y N 205 
PHE OXT  O  N N 206 
PHE H    H  N N 207 
PHE H2   H  N N 208 
PHE HA   H  N N 209 
PHE HB2  H  N N 210 
PHE HB3  H  N N 211 
PHE HD1  H  N N 212 
PHE HD2  H  N N 213 
PHE HE1  H  N N 214 
PHE HE2  H  N N 215 
PHE HZ   H  N N 216 
PHE HXT  H  N N 217 
PRO N    N  N N 218 
PRO CA   C  N S 219 
PRO C    C  N N 220 
PRO O    O  N N 221 
PRO CB   C  N N 222 
PRO CG   C  N N 223 
PRO CD   C  N N 224 
PRO OXT  O  N N 225 
PRO H    H  N N 226 
PRO HA   H  N N 227 
PRO HB2  H  N N 228 
PRO HB3  H  N N 229 
PRO HG2  H  N N 230 
PRO HG3  H  N N 231 
PRO HD2  H  N N 232 
PRO HD3  H  N N 233 
PRO HXT  H  N N 234 
SER N    N  N N 235 
SER CA   C  N S 236 
SER C    C  N N 237 
SER O    O  N N 238 
SER CB   C  N N 239 
SER OG   O  N N 240 
SER OXT  O  N N 241 
SER H    H  N N 242 
SER H2   H  N N 243 
SER HA   H  N N 244 
SER HB2  H  N N 245 
SER HB3  H  N N 246 
SER HG   H  N N 247 
SER HXT  H  N N 248 
THR N    N  N N 249 
THR CA   C  N S 250 
THR C    C  N N 251 
THR O    O  N N 252 
THR CB   C  N R 253 
THR OG1  O  N N 254 
THR CG2  C  N N 255 
THR OXT  O  N N 256 
THR H    H  N N 257 
THR H2   H  N N 258 
THR HA   H  N N 259 
THR HB   H  N N 260 
THR HG1  H  N N 261 
THR HG21 H  N N 262 
THR HG22 H  N N 263 
THR HG23 H  N N 264 
THR HXT  H  N N 265 
TYR N    N  N N 266 
TYR CA   C  N S 267 
TYR C    C  N N 268 
TYR O    O  N N 269 
TYR CB   C  N N 270 
TYR CG   C  Y N 271 
TYR CD1  C  Y N 272 
TYR CD2  C  Y N 273 
TYR CE1  C  Y N 274 
TYR CE2  C  Y N 275 
TYR CZ   C  Y N 276 
TYR OH   O  N N 277 
TYR OXT  O  N N 278 
TYR H    H  N N 279 
TYR H2   H  N N 280 
TYR HA   H  N N 281 
TYR HB2  H  N N 282 
TYR HB3  H  N N 283 
TYR HD1  H  N N 284 
TYR HD2  H  N N 285 
TYR HE1  H  N N 286 
TYR HE2  H  N N 287 
TYR HH   H  N N 288 
TYR HXT  H  N N 289 
VAL N    N  N N 290 
VAL CA   C  N S 291 
VAL C    C  N N 292 
VAL O    O  N N 293 
VAL CB   C  N N 294 
VAL CG1  C  N N 295 
VAL CG2  C  N N 296 
VAL OXT  O  N N 297 
VAL H    H  N N 298 
VAL H2   H  N N 299 
VAL HA   H  N N 300 
VAL HB   H  N N 301 
VAL HG11 H  N N 302 
VAL HG12 H  N N 303 
VAL HG13 H  N N 304 
VAL HG21 H  N N 305 
VAL HG22 H  N N 306 
VAL HG23 H  N N 307 
VAL HXT  H  N N 308 
ZN  ZN   ZN N N 309 
# 
loop_
_chem_comp_bond.comp_id 
_chem_comp_bond.atom_id_1 
_chem_comp_bond.atom_id_2 
_chem_comp_bond.value_order 
_chem_comp_bond.pdbx_aromatic_flag 
_chem_comp_bond.pdbx_stereo_config 
_chem_comp_bond.pdbx_ordinal 
ALA N   CA   sing N N 1   
ALA N   H    sing N N 2   
ALA N   H2   sing N N 3   
ALA CA  C    sing N N 4   
ALA CA  CB   sing N N 5   
ALA CA  HA   sing N N 6   
ALA C   O    doub N N 7   
ALA C   OXT  sing N N 8   
ALA CB  HB1  sing N N 9   
ALA CB  HB2  sing N N 10  
ALA CB  HB3  sing N N 11  
ALA OXT HXT  sing N N 12  
ARG N   CA   sing N N 13  
ARG N   H    sing N N 14  
ARG N   H2   sing N N 15  
ARG CA  C    sing N N 16  
ARG CA  CB   sing N N 17  
ARG CA  HA   sing N N 18  
ARG C   O    doub N N 19  
ARG C   OXT  sing N N 20  
ARG CB  CG   sing N N 21  
ARG CB  HB2  sing N N 22  
ARG CB  HB3  sing N N 23  
ARG CG  CD   sing N N 24  
ARG CG  HG2  sing N N 25  
ARG CG  HG3  sing N N 26  
ARG CD  NE   sing N N 27  
ARG CD  HD2  sing N N 28  
ARG CD  HD3  sing N N 29  
ARG NE  CZ   sing N N 30  
ARG NE  HE   sing N N 31  
ARG CZ  NH1  sing N N 32  
ARG CZ  NH2  doub N N 33  
ARG NH1 HH11 sing N N 34  
ARG NH1 HH12 sing N N 35  
ARG NH2 HH21 sing N N 36  
ARG NH2 HH22 sing N N 37  
ARG OXT HXT  sing N N 38  
ASN N   CA   sing N N 39  
ASN N   H    sing N N 40  
ASN N   H2   sing N N 41  
ASN CA  C    sing N N 42  
ASN CA  CB   sing N N 43  
ASN CA  HA   sing N N 44  
ASN C   O    doub N N 45  
ASN C   OXT  sing N N 46  
ASN CB  CG   sing N N 47  
ASN CB  HB2  sing N N 48  
ASN CB  HB3  sing N N 49  
ASN CG  OD1  doub N N 50  
ASN CG  ND2  sing N N 51  
ASN ND2 HD21 sing N N 52  
ASN ND2 HD22 sing N N 53  
ASN OXT HXT  sing N N 54  
ASP N   CA   sing N N 55  
ASP N   H    sing N N 56  
ASP N   H2   sing N N 57  
ASP CA  C    sing N N 58  
ASP CA  CB   sing N N 59  
ASP CA  HA   sing N N 60  
ASP C   O    doub N N 61  
ASP C   OXT  sing N N 62  
ASP CB  CG   sing N N 63  
ASP CB  HB2  sing N N 64  
ASP CB  HB3  sing N N 65  
ASP CG  OD1  doub N N 66  
ASP CG  OD2  sing N N 67  
ASP OD2 HD2  sing N N 68  
ASP OXT HXT  sing N N 69  
GLN N   CA   sing N N 70  
GLN N   H    sing N N 71  
GLN N   H2   sing N N 72  
GLN CA  C    sing N N 73  
GLN CA  CB   sing N N 74  
GLN CA  HA   sing N N 75  
GLN C   O    doub N N 76  
GLN C   OXT  sing N N 77  
GLN CB  CG   sing N N 78  
GLN CB  HB2  sing N N 79  
GLN CB  HB3  sing N N 80  
GLN CG  CD   sing N N 81  
GLN CG  HG2  sing N N 82  
GLN CG  HG3  sing N N 83  
GLN CD  OE1  doub N N 84  
GLN CD  NE2  sing N N 85  
GLN NE2 HE21 sing N N 86  
GLN NE2 HE22 sing N N 87  
GLN OXT HXT  sing N N 88  
GLU N   CA   sing N N 89  
GLU N   H    sing N N 90  
GLU N   H2   sing N N 91  
GLU CA  C    sing N N 92  
GLU CA  CB   sing N N 93  
GLU CA  HA   sing N N 94  
GLU C   O    doub N N 95  
GLU C   OXT  sing N N 96  
GLU CB  CG   sing N N 97  
GLU CB  HB2  sing N N 98  
GLU CB  HB3  sing N N 99  
GLU CG  CD   sing N N 100 
GLU CG  HG2  sing N N 101 
GLU CG  HG3  sing N N 102 
GLU CD  OE1  doub N N 103 
GLU CD  OE2  sing N N 104 
GLU OE2 HE2  sing N N 105 
GLU OXT HXT  sing N N 106 
GLY N   CA   sing N N 107 
GLY N   H    sing N N 108 
GLY N   H2   sing N N 109 
GLY CA  C    sing N N 110 
GLY CA  HA2  sing N N 111 
GLY CA  HA3  sing N N 112 
GLY C   O    doub N N 113 
GLY C   OXT  sing N N 114 
GLY OXT HXT  sing N N 115 
HOH O   H1   sing N N 116 
HOH O   H2   sing N N 117 
ILE N   CA   sing N N 118 
ILE N   H    sing N N 119 
ILE N   H2   sing N N 120 
ILE CA  C    sing N N 121 
ILE CA  CB   sing N N 122 
ILE CA  HA   sing N N 123 
ILE C   O    doub N N 124 
ILE C   OXT  sing N N 125 
ILE CB  CG1  sing N N 126 
ILE CB  CG2  sing N N 127 
ILE CB  HB   sing N N 128 
ILE CG1 CD1  sing N N 129 
ILE CG1 HG12 sing N N 130 
ILE CG1 HG13 sing N N 131 
ILE CG2 HG21 sing N N 132 
ILE CG2 HG22 sing N N 133 
ILE CG2 HG23 sing N N 134 
ILE CD1 HD11 sing N N 135 
ILE CD1 HD12 sing N N 136 
ILE CD1 HD13 sing N N 137 
ILE OXT HXT  sing N N 138 
LEU N   CA   sing N N 139 
LEU N   H    sing N N 140 
LEU N   H2   sing N N 141 
LEU CA  C    sing N N 142 
LEU CA  CB   sing N N 143 
LEU CA  HA   sing N N 144 
LEU C   O    doub N N 145 
LEU C   OXT  sing N N 146 
LEU CB  CG   sing N N 147 
LEU CB  HB2  sing N N 148 
LEU CB  HB3  sing N N 149 
LEU CG  CD1  sing N N 150 
LEU CG  CD2  sing N N 151 
LEU CG  HG   sing N N 152 
LEU CD1 HD11 sing N N 153 
LEU CD1 HD12 sing N N 154 
LEU CD1 HD13 sing N N 155 
LEU CD2 HD21 sing N N 156 
LEU CD2 HD22 sing N N 157 
LEU CD2 HD23 sing N N 158 
LEU OXT HXT  sing N N 159 
LYS N   CA   sing N N 160 
LYS N   H    sing N N 161 
LYS N   H2   sing N N 162 
LYS CA  C    sing N N 163 
LYS CA  CB   sing N N 164 
LYS CA  HA   sing N N 165 
LYS C   O    doub N N 166 
LYS C   OXT  sing N N 167 
LYS CB  CG   sing N N 168 
LYS CB  HB2  sing N N 169 
LYS CB  HB3  sing N N 170 
LYS CG  CD   sing N N 171 
LYS CG  HG2  sing N N 172 
LYS CG  HG3  sing N N 173 
LYS CD  CE   sing N N 174 
LYS CD  HD2  sing N N 175 
LYS CD  HD3  sing N N 176 
LYS CE  NZ   sing N N 177 
LYS CE  HE2  sing N N 178 
LYS CE  HE3  sing N N 179 
LYS NZ  HZ1  sing N N 180 
LYS NZ  HZ2  sing N N 181 
LYS NZ  HZ3  sing N N 182 
LYS OXT HXT  sing N N 183 
PHE N   CA   sing N N 184 
PHE N   H    sing N N 185 
PHE N   H2   sing N N 186 
PHE CA  C    sing N N 187 
PHE CA  CB   sing N N 188 
PHE CA  HA   sing N N 189 
PHE C   O    doub N N 190 
PHE C   OXT  sing N N 191 
PHE CB  CG   sing N N 192 
PHE CB  HB2  sing N N 193 
PHE CB  HB3  sing N N 194 
PHE CG  CD1  doub Y N 195 
PHE CG  CD2  sing Y N 196 
PHE CD1 CE1  sing Y N 197 
PHE CD1 HD1  sing N N 198 
PHE CD2 CE2  doub Y N 199 
PHE CD2 HD2  sing N N 200 
PHE CE1 CZ   doub Y N 201 
PHE CE1 HE1  sing N N 202 
PHE CE2 CZ   sing Y N 203 
PHE CE2 HE2  sing N N 204 
PHE CZ  HZ   sing N N 205 
PHE OXT HXT  sing N N 206 
PRO N   CA   sing N N 207 
PRO N   CD   sing N N 208 
PRO N   H    sing N N 209 
PRO CA  C    sing N N 210 
PRO CA  CB   sing N N 211 
PRO CA  HA   sing N N 212 
PRO C   O    doub N N 213 
PRO C   OXT  sing N N 214 
PRO CB  CG   sing N N 215 
PRO CB  HB2  sing N N 216 
PRO CB  HB3  sing N N 217 
PRO CG  CD   sing N N 218 
PRO CG  HG2  sing N N 219 
PRO CG  HG3  sing N N 220 
PRO CD  HD2  sing N N 221 
PRO CD  HD3  sing N N 222 
PRO OXT HXT  sing N N 223 
SER N   CA   sing N N 224 
SER N   H    sing N N 225 
SER N   H2   sing N N 226 
SER CA  C    sing N N 227 
SER CA  CB   sing N N 228 
SER CA  HA   sing N N 229 
SER C   O    doub N N 230 
SER C   OXT  sing N N 231 
SER CB  OG   sing N N 232 
SER CB  HB2  sing N N 233 
SER CB  HB3  sing N N 234 
SER OG  HG   sing N N 235 
SER OXT HXT  sing N N 236 
THR N   CA   sing N N 237 
THR N   H    sing N N 238 
THR N   H2   sing N N 239 
THR CA  C    sing N N 240 
THR CA  CB   sing N N 241 
THR CA  HA   sing N N 242 
THR C   O    doub N N 243 
THR C   OXT  sing N N 244 
THR CB  OG1  sing N N 245 
THR CB  CG2  sing N N 246 
THR CB  HB   sing N N 247 
THR OG1 HG1  sing N N 248 
THR CG2 HG21 sing N N 249 
THR CG2 HG22 sing N N 250 
THR CG2 HG23 sing N N 251 
THR OXT HXT  sing N N 252 
TYR N   CA   sing N N 253 
TYR N   H    sing N N 254 
TYR N   H2   sing N N 255 
TYR CA  C    sing N N 256 
TYR CA  CB   sing N N 257 
TYR CA  HA   sing N N 258 
TYR C   O    doub N N 259 
TYR C   OXT  sing N N 260 
TYR CB  CG   sing N N 261 
TYR CB  HB2  sing N N 262 
TYR CB  HB3  sing N N 263 
TYR CG  CD1  doub Y N 264 
TYR CG  CD2  sing Y N 265 
TYR CD1 CE1  sing Y N 266 
TYR CD1 HD1  sing N N 267 
TYR CD2 CE2  doub Y N 268 
TYR CD2 HD2  sing N N 269 
TYR CE1 CZ   doub Y N 270 
TYR CE1 HE1  sing N N 271 
TYR CE2 CZ   sing Y N 272 
TYR CE2 HE2  sing N N 273 
TYR CZ  OH   sing N N 274 
TYR OH  HH   sing N N 275 
TYR OXT HXT  sing N N 276 
VAL N   CA   sing N N 277 
VAL N   H    sing N N 278 
VAL N   H2   sing N N 279 
VAL CA  C    sing N N 280 
VAL CA  CB   sing N N 281 
VAL CA  HA   sing N N 282 
VAL C   O    doub N N 283 
VAL C   OXT  sing N N 284 
VAL CB  CG1  sing N N 285 
VAL CB  CG2  sing N N 286 
VAL CB  HB   sing N N 287 
VAL CG1 HG11 sing N N 288 
VAL CG1 HG12 sing N N 289 
VAL CG1 HG13 sing N N 290 
VAL CG2 HG21 sing N N 291 
VAL CG2 HG22 sing N N 292 
VAL CG2 HG23 sing N N 293 
VAL OXT HXT  sing N N 294 
# 
_atom_sites.entry_id                    3K6D 
_atom_sites.fract_transf_matrix[1][1]   -0.00781002 
_atom_sites.fract_transf_matrix[1][2]   0.00009014 
_atom_sites.fract_transf_matrix[1][3]   -0.00998000 
_atom_sites.fract_transf_matrix[2][1]   -0.00097947 
_atom_sites.fract_transf_matrix[2][2]   -0.01261823 
_atom_sites.fract_transf_matrix[2][3]   0.00065253 
_atom_sites.fract_transf_matrix[3][1]   -0.01252403 
_atom_sites.fract_transf_matrix[3][2]   0.00147969 
_atom_sites.fract_transf_matrix[3][3]   0.00981426 
_atom_sites.fract_transf_vector[1]      0.021765 
_atom_sites.fract_transf_vector[2]      0.155090 
_atom_sites.fract_transf_vector[3]      0.297804 
# 
loop_
_atom_type.symbol 
C  
N  
O  
ZN 
# 
loop_
_atom_site.group_PDB 
_atom_site.id 
_atom_site.type_symbol 
_atom_site.label_atom_id 
_atom_site.label_alt_id 
_atom_site.label_comp_id 
_atom_site.label_asym_id 
_atom_site.label_entity_id 
_atom_site.label_seq_id 
_atom_site.pdbx_PDB_ins_code 
_atom_site.Cartn_x 
_atom_site.Cartn_y 
_atom_site.Cartn_z 
_atom_site.occupancy 
_atom_site.B_iso_or_equiv 
_atom_site.pdbx_formal_charge 
_atom_site.auth_seq_id 
_atom_site.auth_comp_id 
_atom_site.auth_asym_id 
_atom_site.auth_atom_id 
_atom_site.pdbx_PDB_model_num 
ATOM   1   N  N   . SER A 1 1  ? 3.618   11.480  -12.439 1.00 47.47 ? 1   SER A N   1 
ATOM   2   C  CA  . SER A 1 1  ? 4.305   10.296  -11.919 1.00 50.07 ? 1   SER A CA  1 
ATOM   3   C  C   . SER A 1 1  ? 3.682   9.806   -10.607 1.00 45.52 ? 1   SER A C   1 
ATOM   4   O  O   . SER A 1 1  ? 2.691   10.370  -10.135 1.00 48.61 ? 1   SER A O   1 
ATOM   5   C  CB  . SER A 1 1  ? 5.799   10.579  -11.756 1.00 51.77 ? 1   SER A CB  1 
ATOM   6   O  OG  . SER A 1 1  ? 5.991   11.887  -11.231 1.00 54.67 ? 1   SER A OG  1 
ATOM   7   N  N   . ILE A 1 2  ? 4.238   8.740   -10.037 1.00 44.70 ? 2   ILE A N   1 
ATOM   8   C  CA  . ILE A 1 2  ? 3.744   8.240   -8.760  1.00 40.97 ? 2   ILE A CA  1 
ATOM   9   C  C   . ILE A 1 2  ? 4.704   8.481   -7.612  1.00 38.82 ? 2   ILE A C   1 
ATOM   10  O  O   . ILE A 1 2  ? 5.888   8.147   -7.690  1.00 37.10 ? 2   ILE A O   1 
ATOM   11  C  CB  . ILE A 1 2  ? 3.511   6.727   -8.755  1.00 37.21 ? 2   ILE A CB  1 
ATOM   12  C  CG1 . ILE A 1 2  ? 2.758   6.270   -10.005 1.00 40.58 ? 2   ILE A CG1 1 
ATOM   13  C  CG2 . ILE A 1 2  ? 2.784   6.353   -7.492  1.00 39.03 ? 2   ILE A CG2 1 
ATOM   14  C  CD1 . ILE A 1 2  ? 2.329   4.802   -9.923  1.00 35.63 ? 2   ILE A CD1 1 
ATOM   15  N  N   . VAL A 1 3  ? 4.178   9.038   -6.526  1.00 43.30 ? 3   VAL A N   1 
ATOM   16  C  CA  . VAL A 1 3  ? 4.941   9.180   -5.292  1.00 42.24 ? 3   VAL A CA  1 
ATOM   17  C  C   . VAL A 1 3  ? 4.458   8.179   -4.227  1.00 42.75 ? 3   VAL A C   1 
ATOM   18  O  O   . VAL A 1 3  ? 3.297   8.254   -3.795  1.00 42.54 ? 3   VAL A O   1 
ATOM   19  C  CB  . VAL A 1 3  ? 4.836   10.610  -4.741  1.00 45.34 ? 3   VAL A CB  1 
ATOM   20  C  CG1 . VAL A 1 3  ? 5.350   10.665  -3.333  1.00 45.33 ? 3   VAL A CG1 1 
ATOM   21  C  CG2 . VAL A 1 3  ? 5.592   11.567  -5.628  1.00 45.32 ? 3   VAL A CG2 1 
ATOM   22  N  N   . ALA A 1 4  ? 5.347   7.265   -3.816  1.00 40.68 ? 4   ALA A N   1 
ATOM   23  C  CA  . ALA A 1 4  ? 5.018   6.214   -2.837  1.00 36.93 ? 4   ALA A CA  1 
ATOM   24  C  C   . ALA A 1 4  ? 6.021   6.138   -1.681  1.00 34.50 ? 4   ALA A C   1 
ATOM   25  O  O   . ALA A 1 4  ? 6.775   5.171   -1.568  1.00 34.38 ? 4   ALA A O   1 
ATOM   26  C  CB  . ALA A 1 4  ? 4.964   4.863   -3.525  1.00 34.77 ? 4   ALA A CB  1 
ATOM   27  N  N   . PRO A 1 5  ? 6.000   7.135   -0.794  1.00 35.83 ? 5   PRO A N   1 
ATOM   28  C  CA  . PRO A 1 5  ? 6.930   7.236   0.341   1.00 36.97 ? 5   PRO A CA  1 
ATOM   29  C  C   . PRO A 1 5  ? 6.913   6.001   1.236   1.00 33.86 ? 5   PRO A C   1 
ATOM   30  O  O   . PRO A 1 5  ? 5.912   5.315   1.331   1.00 30.58 ? 5   PRO A O   1 
ATOM   31  C  CB  . PRO A 1 5  ? 6.410   8.447   1.113   1.00 40.86 ? 5   PRO A CB  1 
ATOM   32  C  CG  . PRO A 1 5  ? 5.710   9.264   0.096   1.00 41.49 ? 5   PRO A CG  1 
ATOM   33  C  CD  . PRO A 1 5  ? 5.047   8.251   -0.818  1.00 38.38 ? 5   PRO A CD  1 
ATOM   34  N  N   . SER A 1 6  ? 8.031   5.734   1.893   1.00 35.42 ? 6   SER A N   1 
ATOM   35  C  CA  . SER A 1 6  ? 8.154   4.532   2.684   1.00 35.84 ? 6   SER A CA  1 
ATOM   36  C  C   . SER A 1 6  ? 7.439   4.709   4.023   1.00 32.69 ? 6   SER A C   1 
ATOM   37  O  O   . SER A 1 6  ? 7.395   5.790   4.588   1.00 35.12 ? 6   SER A O   1 
ATOM   38  C  CB  . SER A 1 6  ? 9.623   4.192   2.910   1.00 35.20 ? 6   SER A CB  1 
ATOM   39  O  OG  . SER A 1 6  ? 10.174  5.131   3.801   1.00 40.24 ? 6   SER A OG  1 
ATOM   40  N  N   . ILE A 1 7  ? 6.872   3.626   4.516   1.00 30.77 ? 7   ILE A N   1 
ATOM   41  C  CA  . ILE A 1 7  ? 5.999   3.663   5.682   1.00 25.80 ? 7   ILE A CA  1 
ATOM   42  C  C   . ILE A 1 7  ? 6.691   2.890   6.805   1.00 26.78 ? 7   ILE A C   1 
ATOM   43  O  O   . ILE A 1 7  ? 7.275   1.850   6.545   1.00 25.28 ? 7   ILE A O   1 
ATOM   44  C  CB  . ILE A 1 7  ? 4.678   2.979   5.300   1.00 24.13 ? 7   ILE A CB  1 
ATOM   45  C  CG1 . ILE A 1 7  ? 3.980   3.776   4.180   1.00 28.58 ? 7   ILE A CG1 1 
ATOM   46  C  CG2 . ILE A 1 7  ? 3.773   2.815   6.528   1.00 23.10 ? 7   ILE A CG2 1 
ATOM   47  C  CD1 . ILE A 1 7  ? 2.720   3.130   3.704   1.00 27.84 ? 7   ILE A CD1 1 
ATOM   48  N  N   . SER A 1 8  ? 6.650   3.361   8.055   1.00 23.37 ? 8   SER A N   1 
ATOM   49  C  CA  . SER A 1 8  ? 7.108   2.500   9.135   1.00 22.53 ? 8   SER A CA  1 
ATOM   50  C  C   . SER A 1 8  ? 5.899   2.323   10.004  1.00 20.73 ? 8   SER A C   1 
ATOM   51  O  O   . SER A 1 8  ? 5.190   3.284   10.259  1.00 20.53 ? 8   SER A O   1 
ATOM   52  C  CB  . SER A 1 8  ? 8.207   3.151   9.976   1.00 22.64 ? 8   SER A CB  1 
ATOM   53  O  OG  . SER A 1 8  ? 9.315   3.355   9.150   1.00 24.60 ? 8   SER A OG  1 
ATOM   54  N  N   . ILE A 1 9  ? 5.639   1.075   10.370  1.00 15.88 ? 9   ILE A N   1 
ATOM   55  C  CA  . ILE A 1 9  ? 4.519   0.743   11.240  1.00 14.88 ? 9   ILE A CA  1 
ATOM   56  C  C   . ILE A 1 9  ? 5.074   0.012   12.430  1.00 14.85 ? 9   ILE A C   1 
ATOM   57  O  O   . ILE A 1 9  ? 5.732   -1.024  12.262  1.00 18.21 ? 9   ILE A O   1 
ATOM   58  C  CB  . ILE A 1 9  ? 3.620   -0.214  10.542  1.00 15.49 ? 9   ILE A CB  1 
ATOM   59  C  CG1 . ILE A 1 9  ? 3.105   0.394   9.239   1.00 15.32 ? 9   ILE A CG1 1 
ATOM   60  C  CG2 . ILE A 1 9  ? 2.412   -0.591  11.417  1.00 17.62 ? 9   ILE A CG2 1 
ATOM   61  C  CD1 . ILE A 1 9  ? 2.372   -0.663  8.392   1.00 18.60 ? 9   ILE A CD1 1 
ATOM   62  N  N   . PRO A 1 10 ? 4.810   0.514   13.637  1.00 13.92 ? 10  PRO A N   1 
ATOM   63  C  CA  . PRO A 1 10 ? 5.324   -0.206  14.804  1.00 12.80 ? 10  PRO A CA  1 
ATOM   64  C  C   . PRO A 1 10 ? 4.627   -1.559  14.947  1.00 15.00 ? 10  PRO A C   1 
ATOM   65  O  O   . PRO A 1 10 ? 3.427   -1.627  14.711  1.00 14.51 ? 10  PRO A O   1 
ATOM   66  C  CB  . PRO A 1 10 ? 4.905   0.684   15.974  1.00 13.45 ? 10  PRO A CB  1 
ATOM   67  C  CG  . PRO A 1 10 ? 3.937   1.626   15.485  1.00 16.02 ? 10  PRO A CG  1 
ATOM   68  C  CD  . PRO A 1 10 ? 3.945   1.646   14.001  1.00 14.43 ? 10  PRO A CD  1 
ATOM   69  N  N   . GLU A 1 11 ? 5.326   -2.598  15.373  1.00 13.57 ? 11  GLU A N   1 
ATOM   70  C  CA  . GLU A 1 11 ? 4.613   -3.873  15.686  1.00 14.45 ? 11  GLU A CA  1 
ATOM   71  C  C   . GLU A 1 11 ? 3.638   -3.726  16.856  1.00 13.29 ? 11  GLU A C   1 
ATOM   72  O  O   . GLU A 1 11 ? 3.781   -2.831  17.687  1.00 15.03 ? 11  GLU A O   1 
ATOM   73  C  CB  . GLU A 1 11 ? 5.615   -4.989  15.992  1.00 14.30 ? 11  GLU A CB  1 
ATOM   74  C  CG  . GLU A 1 11 ? 6.529   -4.693  17.247  1.00 14.82 ? 11  GLU A CG  1 
ATOM   75  C  CD  . GLU A 1 11 ? 7.316   -5.956  17.737  1.00 18.24 ? 11  GLU A CD  1 
ATOM   76  O  OE1 . GLU A 1 11 ? 7.087   -7.056  17.183  1.00 18.46 ? 11  GLU A OE1 1 
ATOM   77  O  OE2 . GLU A 1 11 ? 8.105   -5.892  18.699  1.00 16.09 ? 11  GLU A OE2 1 
ATOM   78  N  N   . ASN A 1 12 ? 2.655   -4.635  16.944  1.00 12.69 ? 12  ASN A N   1 
ATOM   79  C  CA  . ASN A 1 12 ? 1.737   -4.648  18.085  1.00 14.70 ? 12  ASN A CA  1 
ATOM   80  C  C   . ASN A 1 12 ? 0.799   -3.423  18.155  1.00 11.68 ? 12  ASN A C   1 
ATOM   81  O  O   . ASN A 1 12 ? 0.400   -3.027  19.244  1.00 14.49 ? 12  ASN A O   1 
ATOM   82  C  CB  . ASN A 1 12 ? 2.513   -4.803  19.440  1.00 15.13 ? 12  ASN A CB  1 
ATOM   83  C  CG  . ASN A 1 12 ? 3.438   -6.019  19.426  1.00 19.21 ? 12  ASN A CG  1 
ATOM   84  O  OD1 . ASN A 1 12 ? 3.042   -7.048  18.921  1.00 21.02 ? 12  ASN A OD1 1 
ATOM   85  N  ND2 . ASN A 1 12 ? 4.682   -5.897  19.965  1.00 17.80 ? 12  ASN A ND2 1 
ATOM   86  N  N   . GLN A 1 13 ? 0.428   -2.839  17.000  1.00 13.02 ? 13  GLN A N   1 
ATOM   87  C  CA  . GLN A 1 13 ? -0.572  -1.756  17.090  1.00 12.54 ? 13  GLN A CA  1 
ATOM   88  C  C   . GLN A 1 13 ? -1.844  -2.318  17.691  1.00 10.00 ? 13  GLN A C   1 
ATOM   89  O  O   . GLN A 1 13 ? -2.144  -3.505  17.571  1.00 13.25 ? 13  GLN A O   1 
ATOM   90  C  CB  . GLN A 1 13 ? -0.942  -1.141  15.710  1.00 11.42 ? 13  GLN A CB  1 
ATOM   91  C  CG  . GLN A 1 13 ? 0.137   -0.204  15.138  1.00 13.15 ? 13  GLN A CG  1 
ATOM   92  C  CD  . GLN A 1 13 ? -0.251  0.425   13.814  1.00 12.93 ? 13  GLN A CD  1 
ATOM   93  O  OE1 . GLN A 1 13 ? -0.820  -0.234  12.931  1.00 16.27 ? 13  GLN A OE1 1 
ATOM   94  N  NE2 . GLN A 1 13 ? -0.012  1.742   13.688  1.00 13.08 ? 13  GLN A NE2 1 
ATOM   95  N  N   . ARG A 1 14 ? -2.578  -1.427  18.316  1.00 11.98 ? 14  ARG A N   1 
ATOM   96  C  CA  . ARG A 1 14 ? -3.910  -1.776  18.893  1.00 11.39 ? 14  ARG A CA  1 
ATOM   97  C  C   . ARG A 1 14 ? -5.018  -1.445  17.901  1.00 16.45 ? 14  ARG A C   1 
ATOM   98  O  O   . ARG A 1 14 ? -4.866  -0.595  17.012  1.00 14.75 ? 14  ARG A O   1 
ATOM   99  C  CB  . ARG A 1 14 ? -4.187  -1.034  20.213  1.00 13.44 ? 14  ARG A CB  1 
ATOM   100 C  CG  . ARG A 1 14 ? -3.336  -1.391  21.423  1.00 12.73 ? 14  ARG A CG  1 
ATOM   101 C  CD  . ARG A 1 14 ? -3.458  -2.872  21.768  1.00 13.22 ? 14  ARG A CD  1 
ATOM   102 N  NE  . ARG A 1 14 ? -4.847  -3.386  21.901  1.00 12.94 ? 14  ARG A NE  1 
ATOM   103 C  CZ  . ARG A 1 14 ? -5.559  -3.418  23.020  1.00 15.02 ? 14  ARG A CZ  1 
ATOM   104 N  NH1 . ARG A 1 14 ? -5.165  -2.784  24.139  1.00 13.18 ? 14  ARG A NH1 1 
ATOM   105 N  NH2 . ARG A 1 14 ? -6.736  -4.052  22.968  1.00 17.40 ? 14  ARG A NH2 1 
ATOM   106 N  N   . ILE A 1 15 ? -6.160  -2.074  18.115  1.00 17.61 ? 15  ILE A N   1 
ATOM   107 C  CA  . ILE A 1 15 ? -7.341  -1.722  17.341  1.00 16.68 ? 15  ILE A CA  1 
ATOM   108 C  C   . ILE A 1 15 ? -7.560  -0.223  17.474  1.00 17.10 ? 15  ILE A C   1 
ATOM   109 O  O   . ILE A 1 15 ? -7.085  0.412   18.393  1.00 19.69 ? 15  ILE A O   1 
ATOM   110 C  CB  . ILE A 1 15 ? -8.542  -2.483  17.966  1.00 17.24 ? 15  ILE A CB  1 
ATOM   111 C  CG1 . ILE A 1 15 ? -8.410  -2.391  19.504  1.00 18.07 ? 15  ILE A CG1 1 
ATOM   112 C  CG2 . ILE A 1 15 ? -8.574  -3.873  17.425  1.00 22.21 ? 15  ILE A CG2 1 
ATOM   113 C  CD1 . ILE A 1 15 ? -9.661  -2.644  20.353  1.00 26.05 ? 15  ILE A CD1 1 
ATOM   114 N  N   . PRO A 1 16 ? -8.332  0.384   16.565  1.00 20.99 ? 16  PRO A N   1 
ATOM   115 C  CA  . PRO A 1 16 ? -9.107  -0.379  15.590  1.00 21.25 ? 16  PRO A CA  1 
ATOM   116 C  C   . PRO A 1 16 ? -8.352  -0.573  14.300  1.00 18.38 ? 16  PRO A C   1 
ATOM   117 O  O   . PRO A 1 16 ? -7.425  0.182   13.994  1.00 20.21 ? 16  PRO A O   1 
ATOM   118 C  CB  . PRO A 1 16 ? -10.325 0.518   15.403  1.00 23.67 ? 16  PRO A CB  1 
ATOM   119 C  CG  . PRO A 1 16 ? -9.728  1.891   15.375  1.00 22.61 ? 16  PRO A CG  1 
ATOM   120 C  CD  . PRO A 1 16 ? -8.641  1.819   16.511  1.00 20.85 ? 16  PRO A CD  1 
ATOM   121 N  N   . PHE A 1 17 ? -8.725  -1.609  13.568  1.00 19.01 ? 17  PHE A N   1 
ATOM   122 C  CA  . PHE A 1 17 ? -8.232  -1.814  12.230  1.00 16.23 ? 17  PHE A CA  1 
ATOM   123 C  C   . PHE A 1 17 ? -9.458  -1.764  11.303  1.00 26.21 ? 17  PHE A C   1 
ATOM   124 O  O   . PHE A 1 17 ? -10.570 -2.086  11.744  1.00 23.73 ? 17  PHE A O   1 
ATOM   125 C  CB  . PHE A 1 17 ? -7.535  -3.155  12.159  1.00 21.64 ? 17  PHE A CB  1 
ATOM   126 C  CG  . PHE A 1 17 ? -6.296  -3.204  12.990  1.00 16.83 ? 17  PHE A CG  1 
ATOM   127 C  CD1 . PHE A 1 17 ? -6.305  -3.840  14.245  1.00 17.35 ? 17  PHE A CD1 1 
ATOM   128 C  CD2 . PHE A 1 17 ? -5.148  -2.571  12.548  1.00 19.97 ? 17  PHE A CD2 1 
ATOM   129 C  CE1 . PHE A 1 17 ? -5.177  -3.863  15.033  1.00 16.73 ? 17  PHE A CE1 1 
ATOM   130 C  CE2 . PHE A 1 17 ? -4.006  -2.577  13.325  1.00 16.18 ? 17  PHE A CE2 1 
ATOM   131 C  CZ  . PHE A 1 17 ? -4.025  -3.225  14.568  1.00 14.99 ? 17  PHE A CZ  1 
ATOM   132 N  N   . PRO A 1 18 ? -9.270  -1.312  10.043  1.00 25.96 ? 18  PRO A N   1 
ATOM   133 C  CA  . PRO A 1 18 ? -8.017  -0.866  9.412   1.00 23.47 ? 18  PRO A CA  1 
ATOM   134 C  C   . PRO A 1 18 ? -7.533  0.523   9.843   1.00 24.91 ? 18  PRO A C   1 
ATOM   135 O  O   . PRO A 1 18 ? -8.266  1.325   10.377  1.00 26.58 ? 18  PRO A O   1 
ATOM   136 C  CB  . PRO A 1 18 ? -8.301  -0.937  7.895   1.00 25.79 ? 18  PRO A CB  1 
ATOM   137 C  CG  . PRO A 1 18 ? -9.805  -1.174  7.766   1.00 32.40 ? 18  PRO A CG  1 
ATOM   138 C  CD  . PRO A 1 18 ? -10.430 -1.283  9.117   1.00 30.66 ? 18  PRO A CD  1 
ATOM   139 N  N   . LYS A 1 19 ? -6.256  0.772   9.685   1.00 20.77 ? 19  LYS A N   1 
ATOM   140 C  CA  . LYS A 1 19 ? -5.672  2.074   9.977   1.00 24.91 ? 19  LYS A CA  1 
ATOM   141 C  C   . LYS A 1 19 ? -5.036  2.569   8.738   1.00 25.71 ? 19  LYS A C   1 
ATOM   142 O  O   . LYS A 1 19 ? -4.293  1.830   8.098   1.00 26.70 ? 19  LYS A O   1 
ATOM   143 C  CB  . LYS A 1 19 ? -4.549  1.941   11.007  1.00 24.23 ? 19  LYS A CB  1 
ATOM   144 C  CG  . LYS A 1 19 ? -4.967  1.771   12.396  1.00 19.94 ? 19  LYS A CG  1 
ATOM   145 C  CD  . LYS A 1 19 ? -3.692  1.833   13.309  1.00 18.28 ? 19  LYS A CD  1 
ATOM   146 C  CE  . LYS A 1 19 ? -3.991  1.013   14.597  1.00 17.49 ? 19  LYS A CE  1 
ATOM   147 N  NZ  . LYS A 1 19 ? -5.184  1.572   15.273  1.00 16.75 ? 19  LYS A NZ  1 
ATOM   148 N  N   . ILE A 1 20 ? -5.268  3.830   8.381   1.00 24.62 ? 20  ILE A N   1 
ATOM   149 C  CA  . ILE A 1 20 ? -4.505  4.439   7.317   1.00 28.56 ? 20  ILE A CA  1 
ATOM   150 C  C   . ILE A 1 20 ? -3.075  4.603   7.831   1.00 31.07 ? 20  ILE A C   1 
ATOM   151 O  O   . ILE A 1 20 ? -2.875  4.947   8.995   1.00 34.01 ? 20  ILE A O   1 
ATOM   152 C  CB  . ILE A 1 20 ? -5.097  5.818   6.899   1.00 30.62 ? 20  ILE A CB  1 
ATOM   153 C  CG1 . ILE A 1 20 ? -6.496  5.657   6.327   1.00 30.30 ? 20  ILE A CG1 1 
ATOM   154 C  CG2 . ILE A 1 20 ? -4.274  6.482   5.838   1.00 30.09 ? 20  ILE A CG2 1 
ATOM   155 C  CD1 . ILE A 1 20 ? -7.191  7.012   6.102   1.00 37.53 ? 20  ILE A CD1 1 
ATOM   156 N  N   . VAL A 1 21 ? -2.088  4.299   6.990   1.00 30.76 ? 21  VAL A N   1 
ATOM   157 C  CA  . VAL A 1 21 ? -0.665  4.419   7.386   1.00 31.65 ? 21  VAL A CA  1 
ATOM   158 C  C   . VAL A 1 21 ? 0.146   5.179   6.367   1.00 27.98 ? 21  VAL A C   1 
ATOM   159 O  O   . VAL A 1 21 ? 1.342   5.340   6.535   1.00 36.71 ? 21  VAL A O   1 
ATOM   160 C  CB  . VAL A 1 21 ? 0.023   3.054   7.558   1.00 27.09 ? 21  VAL A CB  1 
ATOM   161 C  CG1 . VAL A 1 21 ? -0.494  2.360   8.755   1.00 27.33 ? 21  VAL A CG1 1 
ATOM   162 C  CG2 . VAL A 1 21 ? -0.237  2.217   6.321   1.00 26.82 ? 21  VAL A CG2 1 
ATOM   163 N  N   . GLY A 1 22 ? -0.483  5.598   5.289   1.00 29.93 ? 22  GLY A N   1 
ATOM   164 C  CA  . GLY A 1 22 ? 0.146   6.483   4.326   1.00 31.52 ? 22  GLY A CA  1 
ATOM   165 C  C   . GLY A 1 22 ? -0.725  6.682   3.117   1.00 35.18 ? 22  GLY A C   1 
ATOM   166 O  O   . GLY A 1 22 ? -1.810  6.099   2.997   1.00 33.99 ? 22  GLY A O   1 
ATOM   167 N  N   . ARG A 1 23 ? -0.274  7.531   2.213   1.00 37.54 ? 23  ARG A N   1 
ATOM   168 C  CA  . ARG A 1 23 ? -0.935  7.650   0.921   1.00 39.97 ? 23  ARG A CA  1 
ATOM   169 C  C   . ARG A 1 23 ? 0.046   7.755   -0.198  1.00 41.27 ? 23  ARG A C   1 
ATOM   170 O  O   . ARG A 1 23 ? 1.116   8.358   -0.063  1.00 44.21 ? 23  ARG A O   1 
ATOM   171 C  CB  . ARG A 1 23 ? -1.920  8.835   0.839   1.00 43.90 ? 23  ARG A CB  1 
ATOM   172 C  CG  . ARG A 1 23 ? -1.581  10.044  1.677   1.00 47.30 ? 23  ARG A CG  1 
ATOM   173 C  CD  . ARG A 1 23 ? -2.680  11.115  1.591   1.00 51.86 ? 23  ARG A CD  1 
ATOM   174 N  NE  . ARG A 1 23 ? -2.405  12.144  0.584   1.00 54.59 ? 23  ARG A NE  1 
ATOM   175 C  CZ  . ARG A 1 23 ? -1.499  13.119  0.725   1.00 53.33 ? 23  ARG A CZ  1 
ATOM   176 N  NH1 . ARG A 1 23 ? -0.757  13.191  1.818   1.00 52.08 ? 23  ARG A NH1 1 
ATOM   177 N  NH2 . ARG A 1 23 ? -1.321  14.019  -0.234  1.00 50.31 ? 23  ARG A NH2 1 
ATOM   178 N  N   . VAL A 1 24 ? -0.330  7.149   -1.310  1.00 40.14 ? 24  VAL A N   1 
ATOM   179 C  CA  . VAL A 1 24 ? 0.353   7.353   -2.560  1.00 39.84 ? 24  VAL A CA  1 
ATOM   180 C  C   . VAL A 1 24 ? -0.238  8.602   -3.223  1.00 44.14 ? 24  VAL A C   1 
ATOM   181 O  O   . VAL A 1 24 ? -1.453  8.803   -3.215  1.00 43.70 ? 24  VAL A O   1 
ATOM   182 C  CB  . VAL A 1 24 ? 0.171   6.132   -3.467  1.00 38.38 ? 24  VAL A CB  1 
ATOM   183 C  CG1 . VAL A 1 24 ? 0.545   6.451   -4.888  1.00 35.43 ? 24  VAL A CG1 1 
ATOM   184 C  CG2 . VAL A 1 24 ? 1.006   4.939   -2.916  1.00 39.03 ? 24  VAL A CG2 1 
ATOM   185 N  N   . VAL A 1 25 ? 0.608   9.461   -3.774  1.00 44.73 ? 25  VAL A N   1 
ATOM   186 C  CA  . VAL A 1 25 ? 0.085   10.644  -4.454  1.00 45.69 ? 25  VAL A CA  1 
ATOM   187 C  C   . VAL A 1 25 ? 0.587   10.643  -5.876  1.00 45.20 ? 25  VAL A C   1 
ATOM   188 O  O   . VAL A 1 25 ? 1.721   10.266  -6.132  1.00 46.40 ? 25  VAL A O   1 
ATOM   189 C  CB  . VAL A 1 25 ? 0.495   11.955  -3.737  1.00 49.66 ? 25  VAL A CB  1 
ATOM   190 C  CG1 . VAL A 1 25 ? -0.231  13.171  -4.344  1.00 48.61 ? 25  VAL A CG1 1 
ATOM   191 C  CG2 . VAL A 1 25 ? 0.236   11.846  -2.234  1.00 50.30 ? 25  VAL A CG2 1 
ATOM   192 N  N   . VAL A 1 26 ? -0.279  11.017  -6.809  1.00 46.85 ? 26  VAL A N   1 
ATOM   193 C  CA  . VAL A 1 26 ? 0.136   11.233  -8.195  1.00 49.92 ? 26  VAL A CA  1 
ATOM   194 C  C   . VAL A 1 26 ? 0.022   12.742  -8.437  1.00 48.18 ? 26  VAL A C   1 
ATOM   195 O  O   . VAL A 1 26 ? 0.982   13.395  -8.863  1.00 48.50 ? 26  VAL A O   1 
ATOM   196 C  CB  . VAL A 1 26 ? -0.765  10.463  -9.206  1.00 47.38 ? 26  VAL A CB  1 
ATOM   197 C  CG1 . VAL A 1 26 ? -0.145  10.464  -10.586 1.00 46.68 ? 26  VAL A CG1 1 
ATOM   198 C  CG2 . VAL A 1 26 ? -0.994  9.038   -8.752  1.00 45.73 ? 26  VAL A CG2 1 
ATOM   199 N  N   . SER A 1 27 ? -1.162  13.274  -8.108  1.00 53.08 ? 27  SER A N   1 
ATOM   200 C  CA  . SER A 1 27 ? -1.505  14.720  -8.188  1.00 53.05 ? 27  SER A CA  1 
ATOM   201 C  C   . SER A 1 27 ? -1.797  15.213  -9.592  1.00 53.05 ? 27  SER A C   1 
ATOM   202 O  O   . SER A 1 27 ? -2.868  15.770  -9.845  1.00 52.14 ? 27  SER A O   1 
ATOM   203 C  CB  . SER A 1 27 ? -0.461  15.642  -7.524  1.00 50.21 ? 27  SER A CB  1 
ATOM   204 O  OG  . SER A 1 27 ? -0.702  17.010  -7.882  1.00 48.04 ? 27  SER A OG  1 
ATOM   205 N  N   . ASP A 1 28 ? -0.836  15.046  -10.500 1.00 55.63 ? 28  ASP A N   1 
ATOM   206 C  CA  . ASP A 1 28 ? -1.146  15.294  -11.901 1.00 53.83 ? 28  ASP A CA  1 
ATOM   207 C  C   . ASP A 1 28 ? -1.661  13.995  -12.485 1.00 51.89 ? 28  ASP A C   1 
ATOM   208 O  O   . ASP A 1 28 ? -1.067  13.424  -13.409 1.00 50.83 ? 28  ASP A O   1 
ATOM   209 C  CB  . ASP A 1 28 ? 0.032   15.893  -12.671 1.00 51.54 ? 28  ASP A CB  1 
ATOM   210 C  CG  . ASP A 1 28 ? 1.290   15.065  -12.577 1.00 56.52 ? 28  ASP A CG  1 
ATOM   211 O  OD1 . ASP A 1 28 ? 1.436   14.230  -11.627 1.00 56.47 ? 28  ASP A OD1 1 
ATOM   212 O  OD2 . ASP A 1 28 ? 2.136   15.275  -13.482 1.00 47.78 ? 28  ASP A OD2 1 
ATOM   213 N  N   . ARG A 1 29 ? -2.792  13.569  -11.914 1.00 50.77 ? 29  ARG A N   1 
ATOM   214 C  CA  . ARG A 1 29 ? -3.375  12.254  -12.104 1.00 47.18 ? 29  ARG A CA  1 
ATOM   215 C  C   . ARG A 1 29 ? -4.642  12.280  -12.953 1.00 46.02 ? 29  ARG A C   1 
ATOM   216 O  O   . ARG A 1 29 ? -5.419  13.232  -12.906 1.00 47.56 ? 29  ARG A O   1 
ATOM   217 C  CB  . ARG A 1 29 ? -3.712  11.630  -10.748 1.00 49.20 ? 29  ARG A CB  1 
ATOM   218 C  CG  . ARG A 1 29 ? -4.431  10.317  -10.927 1.00 49.99 ? 29  ARG A CG  1 
ATOM   219 C  CD  . ARG A 1 29 ? -4.357  9.421   -9.748  1.00 44.66 ? 29  ARG A CD  1 
ATOM   220 N  NE  . ARG A 1 29 ? -5.102  9.936   -8.616  1.00 47.97 ? 29  ARG A NE  1 
ATOM   221 C  CZ  . ARG A 1 29 ? -6.010  9.238   -7.943  1.00 44.30 ? 29  ARG A CZ  1 
ATOM   222 N  NH1 . ARG A 1 29 ? -6.312  7.987   -8.274  1.00 42.04 ? 29  ARG A NH1 1 
ATOM   223 N  NH2 . ARG A 1 29 ? -6.617  9.811   -6.921  1.00 49.31 ? 29  ARG A NH2 1 
ATOM   224 N  N   . ILE A 1 30 ? -4.859  11.212  -13.709 1.00 43.97 ? 30  ILE A N   1 
ATOM   225 C  CA  . ILE A 1 30 ? -5.943  11.145  -14.684 1.00 42.10 ? 30  ILE A CA  1 
ATOM   226 C  C   . ILE A 1 30 ? -7.300  10.740  -14.081 1.00 42.25 ? 30  ILE A C   1 
ATOM   227 O  O   . ILE A 1 30 ? -7.389  9.848   -13.246 1.00 43.28 ? 30  ILE A O   1 
ATOM   228 C  CB  . ILE A 1 30 ? -5.546  10.176  -15.880 1.00 40.60 ? 30  ILE A CB  1 
ATOM   229 C  CG1 . ILE A 1 30 ? -4.358  10.719  -16.643 1.00 36.92 ? 30  ILE A CG1 1 
ATOM   230 C  CG2 . ILE A 1 30 ? -6.664  9.964   -16.885 1.00 38.00 ? 30  ILE A CG2 1 
ATOM   231 C  CD1 . ILE A 1 30 ? -3.088  10.822  -15.835 1.00 40.22 ? 30  ILE A CD1 1 
ATOM   232 N  N   . PRO A 1 31 ? -8.374  11.400  -14.535 1.00 39.51 ? 31  PRO A N   1 
ATOM   233 C  CA  . PRO A 1 31 ? -9.790  11.059  -14.355 1.00 40.24 ? 31  PRO A CA  1 
ATOM   234 C  C   . PRO A 1 31 ? -10.220 9.868   -15.243 1.00 47.30 ? 31  PRO A C   1 
ATOM   235 O  O   . PRO A 1 31 ? -10.030 9.886   -16.466 1.00 50.91 ? 31  PRO A O   1 
ATOM   236 C  CB  . PRO A 1 31 ? -10.531 12.333  -14.843 1.00 40.84 ? 31  PRO A CB  1 
ATOM   237 C  CG  . PRO A 1 31 ? -9.467  13.397  -14.998 1.00 35.42 ? 31  PRO A CG  1 
ATOM   238 C  CD  . PRO A 1 31 ? -8.186  12.674  -15.247 1.00 41.33 ? 31  PRO A CD  1 
ATOM   239 N  N   . GLY A 1 32 ? -10.777 8.822   -14.653 1.00 47.81 ? 32  GLY A N   1 
ATOM   240 C  CA  . GLY A 1 32 ? -10.755 8.599   -13.231 1.00 43.72 ? 32  GLY A CA  1 
ATOM   241 C  C   . GLY A 1 32 ? -9.901  7.346   -13.176 1.00 45.27 ? 32  GLY A C   1 
ATOM   242 O  O   . GLY A 1 32 ? -10.401 6.219   -13.160 1.00 47.45 ? 32  GLY A O   1 
ATOM   243 N  N   . SER A 1 33 ? -8.598  7.576   -13.252 1.00 48.79 ? 33  SER A N   1 
ATOM   244 C  CA  . SER A 1 33 ? -7.613  6.526   -13.130 1.00 44.97 ? 33  SER A CA  1 
ATOM   245 C  C   . SER A 1 33 ? -7.544  6.151   -11.666 1.00 44.67 ? 33  SER A C   1 
ATOM   246 O  O   . SER A 1 33 ? -7.826  6.974   -10.777 1.00 46.26 ? 33  SER A O   1 
ATOM   247 C  CB  . SER A 1 33 ? -6.247  7.013   -13.586 1.00 40.04 ? 33  SER A CB  1 
ATOM   248 O  OG  . SER A 1 33 ? -5.704  7.888   -12.617 1.00 45.60 ? 33  SER A OG  1 
ATOM   249 N  N   . LYS A 1 34 ? -7.172  4.901   -11.426 1.00 40.99 ? 34  LYS A N   1 
ATOM   250 C  CA  . LYS A 1 34 ? -7.087  4.384   -10.083 1.00 42.15 ? 34  LYS A CA  1 
ATOM   251 C  C   . LYS A 1 34 ? -5.671  3.987   -9.694  1.00 38.68 ? 34  LYS A C   1 
ATOM   252 O  O   . LYS A 1 34 ? -4.826  3.757   -10.532 1.00 35.60 ? 34  LYS A O   1 
ATOM   253 C  CB  . LYS A 1 34 ? -8.058  3.232   -9.888  1.00 41.62 ? 34  LYS A CB  1 
ATOM   254 C  CG  . LYS A 1 34 ? -8.237  2.289   -11.042 1.00 44.07 ? 34  LYS A CG  1 
ATOM   255 C  CD  . LYS A 1 34 ? -9.744  1.988   -11.158 1.00 48.21 ? 34  LYS A CD  1 
ATOM   256 C  CE  . LYS A 1 34 ? -10.037 0.660   -11.858 1.00 51.62 ? 34  LYS A CE  1 
ATOM   257 N  NZ  . LYS A 1 34 ? -9.625  0.643   -13.302 1.00 53.02 ? 34  LYS A NZ  1 
ATOM   258 N  N   . ILE A 1 35 ? -5.427  3.944   -8.400  1.00 36.06 ? 35  ILE A N   1 
ATOM   259 C  CA  . ILE A 1 35 ? -4.120  3.593   -7.896  1.00 32.97 ? 35  ILE A CA  1 
ATOM   260 C  C   . ILE A 1 35 ? -4.287  2.163   -7.394  1.00 28.14 ? 35  ILE A C   1 
ATOM   261 O  O   . ILE A 1 35 ? -5.236  1.868   -6.688  1.00 32.91 ? 35  ILE A O   1 
ATOM   262 C  CB  . ILE A 1 35 ? -3.695  4.594   -6.778  1.00 35.96 ? 35  ILE A CB  1 
ATOM   263 C  CG1 . ILE A 1 35 ? -3.681  6.026   -7.337  1.00 36.58 ? 35  ILE A CG1 1 
ATOM   264 C  CG2 . ILE A 1 35 ? -2.334  4.242   -6.181  1.00 31.55 ? 35  ILE A CG2 1 
ATOM   265 C  CD1 . ILE A 1 35 ? -4.044  7.107   -6.343  1.00 38.31 ? 35  ILE A CD1 1 
ATOM   266 N  N   . LYS A 1 36 ? -3.374  1.290   -7.789  1.00 26.15 ? 36  LYS A N   1 
ATOM   267 C  CA  . LYS A 1 36 ? -3.432  -0.131  -7.531  1.00 28.31 ? 36  LYS A CA  1 
ATOM   268 C  C   . LYS A 1 36 ? -2.219  -0.517  -6.694  1.00 25.70 ? 36  LYS A C   1 
ATOM   269 O  O   . LYS A 1 36 ? -1.119  -0.059  -6.948  1.00 25.15 ? 36  LYS A O   1 
ATOM   270 C  CB  . LYS A 1 36 ? -3.309  -0.887  -8.866  1.00 32.50 ? 36  LYS A CB  1 
ATOM   271 C  CG  . LYS A 1 36 ? -4.598  -1.393  -9.466  1.00 38.09 ? 36  LYS A CG  1 
ATOM   272 C  CD  . LYS A 1 36 ? -4.307  -2.274  -10.714 1.00 45.73 ? 36  LYS A CD  1 
ATOM   273 C  CE  . LYS A 1 36 ? -2.980  -3.070  -10.594 1.00 48.89 ? 36  LYS A CE  1 
ATOM   274 N  NZ  . LYS A 1 36 ? -2.996  -4.395  -11.321 1.00 47.12 ? 36  LYS A NZ  1 
ATOM   275 N  N   . LEU A 1 37 ? -2.420  -1.393  -5.722  1.00 27.14 ? 37  LEU A N   1 
ATOM   276 C  CA  . LEU A 1 37 ? -1.335  -1.882  -4.893  1.00 25.07 ? 37  LEU A CA  1 
ATOM   277 C  C   . LEU A 1 37 ? -1.260  -3.412  -5.013  1.00 25.49 ? 37  LEU A C   1 
ATOM   278 O  O   . LEU A 1 37 ? -2.307  -4.076  -5.029  1.00 27.25 ? 37  LEU A O   1 
ATOM   279 C  CB  . LEU A 1 37 ? -1.622  -1.483  -3.448  1.00 23.54 ? 37  LEU A CB  1 
ATOM   280 C  CG  . LEU A 1 37 ? -0.598  -1.831  -2.377  1.00 24.08 ? 37  LEU A CG  1 
ATOM   281 C  CD1 . LEU A 1 37 ? 0.718   -1.064  -2.553  1.00 22.32 ? 37  LEU A CD1 1 
ATOM   282 C  CD2 . LEU A 1 37 ? -1.254  -1.545  -0.984  1.00 22.24 ? 37  LEU A CD2 1 
ATOM   283 N  N   . TYR A 1 38 ? -0.104  -4.063  -5.102  1.00 27.61 ? 38  TYR A N   1 
ATOM   284 C  CA  . TYR A 1 38 ? 0.134   -5.487  -5.383  1.00 27.88 ? 38  TYR A CA  1 
ATOM   285 C  C   . TYR A 1 38 ? 1.339   -6.021  -4.574  1.00 30.83 ? 38  TYR A C   1 
ATOM   286 O  O   . TYR A 1 38 ? 2.203   -5.254  -4.142  1.00 28.84 ? 38  TYR A O   1 
ATOM   287 C  CB  . TYR A 1 38 ? 0.370   -5.654  -6.904  1.00 33.22 ? 38  TYR A CB  1 
ATOM   288 C  CG  . TYR A 1 38 ? 0.511   -7.075  -7.421  1.00 41.03 ? 38  TYR A CG  1 
ATOM   289 C  CD1 . TYR A 1 38 ? -0.605  -7.819  -7.828  1.00 40.92 ? 38  TYR A CD1 1 
ATOM   290 C  CD2 . TYR A 1 38 ? 1.762   -7.707  -7.466  1.00 46.46 ? 38  TYR A CD2 1 
ATOM   291 C  CE1 . TYR A 1 38 ? -0.470  -9.135  -8.310  1.00 42.63 ? 38  TYR A CE1 1 
ATOM   292 C  CE2 . TYR A 1 38 ? 1.899   -9.041  -7.938  1.00 43.60 ? 38  TYR A CE2 1 
ATOM   293 C  CZ  . TYR A 1 38 ? 0.777   -9.743  -8.358  1.00 41.67 ? 38  TYR A CZ  1 
ATOM   294 O  OH  . TYR A 1 38 ? 0.909   -11.049 -8.818  1.00 48.54 ? 38  TYR A OH  1 
ATOM   295 N  N   . GLY A 1 39 ? 1.470   -7.241  -4.362  1.00 26.84 ? 39  GLY A N   1 
ATOM   296 C  CA  . GLY A 1 39 ? 2.671   -7.836  -3.802  1.00 28.46 ? 39  GLY A CA  1 
ATOM   297 C  C   . GLY A 1 39 ? 2.414   -8.722  -2.572  1.00 23.93 ? 39  GLY A C   1 
ATOM   298 O  O   . GLY A 1 39 ? 1.257   -8.940  -2.187  1.00 25.91 ? 39  GLY A O   1 
ATOM   299 N  N   . LYS A 1 40 ? 3.482   -9.219  -1.968  1.00 27.06 ? 40  LYS A N   1 
ATOM   300 C  CA  . LYS A 1 40 ? 3.396   -10.047 -0.771  1.00 29.36 ? 40  LYS A CA  1 
ATOM   301 C  C   . LYS A 1 40 ? 2.849   -9.170  0.363   1.00 24.07 ? 40  LYS A C   1 
ATOM   302 O  O   . LYS A 1 40 ? 3.460   -8.198  0.712   1.00 23.10 ? 40  LYS A O   1 
ATOM   303 C  CB  . LYS A 1 40 ? 4.817   -10.518 -0.407  1.00 31.67 ? 40  LYS A CB  1 
ATOM   304 C  CG  . LYS A 1 40 ? 5.749   -9.353  0.071   1.00 38.63 ? 40  LYS A CG  1 
ATOM   305 C  CD  . LYS A 1 40 ? 7.242   -9.792  0.214   1.00 44.50 ? 40  LYS A CD  1 
ATOM   306 C  CE  . LYS A 1 40 ? 8.157   -9.299  -0.934  1.00 39.91 ? 40  LYS A CE  1 
ATOM   307 N  NZ  . LYS A 1 40 ? 9.608   -9.562  -0.609  1.00 41.38 ? 40  LYS A NZ  1 
ATOM   308 N  N   . GLY A 1 41 ? 1.699   -9.500  0.937   1.00 23.51 ? 41  GLY A N   1 
ATOM   309 C  CA  . GLY A 1 41 ? 1.127   -8.629  1.948   1.00 23.02 ? 41  GLY A CA  1 
ATOM   310 C  C   . GLY A 1 41 ? -0.173  -8.063  1.419   1.00 22.00 ? 41  GLY A C   1 
ATOM   311 O  O   . GLY A 1 41 ? -1.002  -7.558  2.194   1.00 19.55 ? 41  GLY A O   1 
ATOM   312 N  N   . VAL A 1 42 ? -0.381  -8.221  0.120   1.00 20.65 ? 42  VAL A N   1 
ATOM   313 C  CA  . VAL A 1 42 ? -1.614  -7.765  -0.502  1.00 20.43 ? 42  VAL A CA  1 
ATOM   314 C  C   . VAL A 1 42 ? -2.384  -8.842  -1.211  1.00 23.76 ? 42  VAL A C   1 
ATOM   315 O  O   . VAL A 1 42 ? -3.366  -9.362  -0.669  1.00 21.76 ? 42  VAL A O   1 
ATOM   316 C  CB  . VAL A 1 42 ? -1.362  -6.584  -1.473  1.00 22.04 ? 42  VAL A CB  1 
ATOM   317 C  CG1 . VAL A 1 42 ? -2.683  -6.043  -2.004  1.00 24.50 ? 42  VAL A CG1 1 
ATOM   318 C  CG2 . VAL A 1 42 ? -0.596  -5.512  -0.724  1.00 22.84 ? 42  VAL A CG2 1 
ATOM   319 N  N   . ASP A 1 43 ? -1.998  -9.120  -2.452  1.00 23.48 ? 43  ASP A N   1 
ATOM   320 C  CA  . ASP A 1 43 ? -2.601  -10.231 -3.169  1.00 26.28 ? 43  ASP A CA  1 
ATOM   321 C  C   . ASP A 1 43 ? -1.743  -11.474 -3.270  1.00 27.40 ? 43  ASP A C   1 
ATOM   322 O  O   . ASP A 1 43 ? -2.157  -12.433 -3.902  1.00 30.39 ? 43  ASP A O   1 
ATOM   323 C  CB  . ASP A 1 43 ? -3.058  -9.818  -4.568  1.00 30.70 ? 43  ASP A CB  1 
ATOM   324 C  CG  . ASP A 1 43 ? -1.955  -9.198  -5.406  1.00 31.82 ? 43  ASP A CG  1 
ATOM   325 O  OD1 . ASP A 1 43 ? -0.831  -9.010  -4.960  1.00 30.71 ? 43  ASP A OD1 1 
ATOM   326 O  OD2 . ASP A 1 43 ? -2.221  -8.880  -6.561  1.00 38.30 ? 43  ASP A OD2 1 
ATOM   327 N  N   . GLN A 1 44 ? -0.574  -11.469 -2.656  1.00 26.46 ? 44  GLN A N   1 
ATOM   328 C  CA  . GLN A 1 44 ? 0.236   -12.684 -2.538  1.00 27.24 ? 44  GLN A CA  1 
ATOM   329 C  C   . GLN A 1 44 ? 0.473   -12.862 -1.059  1.00 29.56 ? 44  GLN A C   1 
ATOM   330 O  O   . GLN A 1 44 ? 0.464   -11.875 -0.328  1.00 26.27 ? 44  GLN A O   1 
ATOM   331 C  CB  . GLN A 1 44 ? 1.566   -12.513 -3.291  1.00 32.25 ? 44  GLN A CB  1 
ATOM   332 C  CG  . GLN A 1 44 ? 1.397   -12.137 -4.784  1.00 33.71 ? 44  GLN A CG  1 
ATOM   333 C  CD  . GLN A 1 44 ? 2.708   -11.724 -5.460  1.00 40.13 ? 44  GLN A CD  1 
ATOM   334 O  OE1 . GLN A 1 44 ? 3.773   -11.763 -4.849  1.00 42.34 ? 44  GLN A OE1 1 
ATOM   335 N  NE2 . GLN A 1 44 ? 2.629   -11.338 -6.734  1.00 42.32 ? 44  GLN A NE2 1 
ATOM   336 N  N   . GLU A 1 45 ? 0.650   -14.109 -0.599  1.00 29.18 ? 45  GLU A N   1 
ATOM   337 C  CA  . GLU A 1 45 ? 0.746   -14.388 0.830   1.00 31.02 ? 45  GLU A CA  1 
ATOM   338 C  C   . GLU A 1 45 ? 1.871   -13.618 1.507   1.00 29.61 ? 45  GLU A C   1 
ATOM   339 O  O   . GLU A 1 45 ? 2.996   -13.555 0.981   1.00 30.99 ? 45  GLU A O   1 
ATOM   340 C  CB  . GLU A 1 45 ? 0.910   -15.896 1.094   1.00 32.33 ? 45  GLU A CB  1 
ATOM   341 C  CG  . GLU A 1 45 ? -0.200  -16.801 0.519   1.00 36.24 ? 45  GLU A CG  1 
ATOM   342 C  CD  . GLU A 1 45 ? -1.511  -16.635 1.274   1.00 34.52 ? 45  GLU A CD  1 
ATOM   343 O  OE1 . GLU A 1 45 ? -1.469  -15.961 2.329   1.00 37.60 ? 45  GLU A OE1 1 
ATOM   344 O  OE2 . GLU A 1 45 ? -2.568  -17.144 0.815   1.00 38.10 ? 45  GLU A OE2 1 
ATOM   345 N  N   . PRO A 1 46 ? 1.585   -13.053 2.688   1.00 25.24 ? 46  PRO A N   1 
ATOM   346 C  CA  . PRO A 1 46 ? 0.292   -13.139 3.368   1.00 28.87 ? 46  PRO A CA  1 
ATOM   347 C  C   . PRO A 1 46 ? -0.702  -12.168 2.767   1.00 25.22 ? 46  PRO A C   1 
ATOM   348 O  O   . PRO A 1 46 ? -0.443  -10.988 2.724   1.00 23.65 ? 46  PRO A O   1 
ATOM   349 C  CB  . PRO A 1 46 ? 0.607   -12.698 4.799   1.00 25.27 ? 46  PRO A CB  1 
ATOM   350 C  CG  . PRO A 1 46 ? 1.966   -12.231 4.806   1.00 30.33 ? 46  PRO A CG  1 
ATOM   351 C  CD  . PRO A 1 46 ? 2.509   -12.183 3.419   1.00 29.62 ? 46  PRO A CD  1 
ATOM   352 N  N   . LYS A 1 47 ? -1.841  -12.682 2.355   1.00 26.77 ? 47  LYS A N   1 
ATOM   353 C  CA  . LYS A 1 47 ? -2.861  -11.901 1.681   1.00 25.01 ? 47  LYS A CA  1 
ATOM   354 C  C   . LYS A 1 47 ? -3.662  -10.947 2.586   1.00 20.81 ? 47  LYS A C   1 
ATOM   355 O  O   . LYS A 1 47 ? -4.040  -11.305 3.689   1.00 25.04 ? 47  LYS A O   1 
ATOM   356 C  CB  . LYS A 1 47 ? -3.803  -12.845 0.926   1.00 27.18 ? 47  LYS A CB  1 
ATOM   357 C  CG  . LYS A 1 47 ? -3.208  -13.379 -0.333  1.00 23.83 ? 47  LYS A CG  1 
ATOM   358 C  CD  . LYS A 1 47 ? -4.169  -14.209 -1.084  1.00 28.87 ? 47  LYS A CD  1 
ATOM   359 C  CE  . LYS A 1 47 ? -3.382  -15.213 -1.875  1.00 30.05 ? 47  LYS A CE  1 
ATOM   360 N  NZ  . LYS A 1 47 ? -4.205  -15.672 -3.017  1.00 29.68 ? 47  LYS A NZ  1 
ATOM   361 N  N   . GLY A 1 48 ? -3.925  -9.737  2.093   1.00 21.48 ? 48  GLY A N   1 
ATOM   362 C  CA  . GLY A 1 48 ? -4.875  -8.832  2.745   1.00 23.70 ? 48  GLY A CA  1 
ATOM   363 C  C   . GLY A 1 48 ? -4.379  -8.056  3.958   1.00 21.18 ? 48  GLY A C   1 
ATOM   364 O  O   . GLY A 1 48 ? -5.166  -7.446  4.674   1.00 19.62 ? 48  GLY A O   1 
ATOM   365 N  N   . ILE A 1 49 ? -3.075  -8.096  4.204   1.00 19.84 ? 49  ILE A N   1 
ATOM   366 C  CA  . ILE A 1 49 ? -2.501  -7.311  5.286   1.00 17.73 ? 49  ILE A CA  1 
ATOM   367 C  C   . ILE A 1 49 ? -2.547  -5.807  4.993   1.00 20.07 ? 49  ILE A C   1 
ATOM   368 O  O   . ILE A 1 49 ? -2.753  -5.015  5.927   1.00 18.90 ? 49  ILE A O   1 
ATOM   369 C  CB  . ILE A 1 49 ? -1.088  -7.787  5.644   1.00 18.26 ? 49  ILE A CB  1 
ATOM   370 C  CG1 . ILE A 1 49 ? -1.168  -9.250  6.008   1.00 20.44 ? 49  ILE A CG1 1 
ATOM   371 C  CG2 . ILE A 1 49 ? -0.529  -6.932  6.798   1.00 19.78 ? 49  ILE A CG2 1 
ATOM   372 C  CD1 . ILE A 1 49 ? 0.148   -9.804  6.428   1.00 28.99 ? 49  ILE A CD1 1 
ATOM   373 N  N   . PHE A 1 50 ? -2.332  -5.426  3.722   1.00 18.20 ? 50  PHE A N   1 
ATOM   374 C  CA  . PHE A 1 50 ? -2.401  -4.021  3.309   1.00 18.40 ? 50  PHE A CA  1 
ATOM   375 C  C   . PHE A 1 50 ? -3.424  -3.820  2.206   1.00 21.22 ? 50  PHE A C   1 
ATOM   376 O  O   . PHE A 1 50 ? -3.689  -4.731  1.428   1.00 21.20 ? 50  PHE A O   1 
ATOM   377 C  CB  . PHE A 1 50 ? -1.028  -3.520  2.861   1.00 16.40 ? 50  PHE A CB  1 
ATOM   378 C  CG  . PHE A 1 50 ? 0.002   -3.639  3.919   1.00 17.88 ? 50  PHE A CG  1 
ATOM   379 C  CD1 . PHE A 1 50 ? 0.847   -4.751  3.982   1.00 19.03 ? 50  PHE A CD1 1 
ATOM   380 C  CD2 . PHE A 1 50 ? 0.083   -2.682  4.894   1.00 15.98 ? 50  PHE A CD2 1 
ATOM   381 C  CE1 . PHE A 1 50 ? 1.769   -4.860  5.018   1.00 18.57 ? 50  PHE A CE1 1 
ATOM   382 C  CE2 . PHE A 1 50 ? 1.027   -2.770  5.949   1.00 17.77 ? 50  PHE A CE2 1 
ATOM   383 C  CZ  . PHE A 1 50 ? 1.844   -3.883  6.008   1.00 20.36 ? 50  PHE A CZ  1 
ATOM   384 N  N   . LYS A 1 51 ? -4.032  -2.644  2.146   1.00 20.23 ? 51  LYS A N   1 
ATOM   385 C  CA  . LYS A 1 51 ? -4.929  -2.346  1.046   1.00 20.40 ? 51  LYS A CA  1 
ATOM   386 C  C   . LYS A 1 51 ? -4.773  -0.910  0.696   1.00 21.98 ? 51  LYS A C   1 
ATOM   387 O  O   . LYS A 1 51 ? -4.178  -0.153  1.417   1.00 22.56 ? 51  LYS A O   1 
ATOM   388 C  CB  . LYS A 1 51 ? -6.376  -2.617  1.410   1.00 25.04 ? 51  LYS A CB  1 
ATOM   389 C  CG  . LYS A 1 51 ? -6.863  -1.818  2.614   1.00 24.38 ? 51  LYS A CG  1 
ATOM   390 C  CD  . LYS A 1 51 ? -8.336  -2.149  2.920   1.00 30.21 ? 51  LYS A CD  1 
ATOM   391 C  CE  . LYS A 1 51 ? -8.786  -1.414  4.161   1.00 36.87 ? 51  LYS A CE  1 
ATOM   392 N  NZ  . LYS A 1 51 ? -8.903  0.093   3.946   1.00 38.42 ? 51  LYS A NZ  1 
ATOM   393 N  N   . ILE A 1 52 ? -5.343  -0.526  -0.435  1.00 24.84 ? 52  ILE A N   1 
ATOM   394 C  CA  . ILE A 1 52 ? -5.256  0.837   -0.839  1.00 24.16 ? 52  ILE A CA  1 
ATOM   395 C  C   . ILE A 1 52 ? -6.638  1.325   -1.270  1.00 28.20 ? 52  ILE A C   1 
ATOM   396 O  O   . ILE A 1 52 ? -7.435  0.592   -1.837  1.00 28.24 ? 52  ILE A O   1 
ATOM   397 C  CB  . ILE A 1 52 ? -4.235  0.988   -1.956  1.00 26.07 ? 52  ILE A CB  1 
ATOM   398 C  CG1 . ILE A 1 52 ? -3.899  2.469   -2.164  1.00 27.37 ? 52  ILE A CG1 1 
ATOM   399 C  CG2 . ILE A 1 52 ? -4.697  0.246   -3.245  1.00 26.67 ? 52  ILE A CG2 1 
ATOM   400 C  CD1 . ILE A 1 52 ? -2.600  2.707   -2.946  1.00 27.50 ? 52  ILE A CD1 1 
ATOM   401 N  N   . ASN A 1 53 ? -6.919  2.569   -0.962  1.00 28.40 ? 53  ASN A N   1 
ATOM   402 C  CA  . ASN A 1 53 ? -8.112  3.190   -1.494  1.00 31.17 ? 53  ASN A CA  1 
ATOM   403 C  C   . ASN A 1 53 ? -7.733  3.573   -2.924  1.00 29.76 ? 53  ASN A C   1 
ATOM   404 O  O   . ASN A 1 53 ? -6.773  4.308   -3.129  1.00 31.37 ? 53  ASN A O   1 
ATOM   405 C  CB  . ASN A 1 53 ? -8.446  4.410   -0.652  1.00 34.05 ? 53  ASN A CB  1 
ATOM   406 C  CG  . ASN A 1 53 ? -9.575  5.203   -1.236  1.00 37.27 ? 53  ASN A CG  1 
ATOM   407 O  OD1 . ASN A 1 53 ? -9.438  5.765   -2.323  1.00 37.16 ? 53  ASN A OD1 1 
ATOM   408 N  ND2 . ASN A 1 53 ? -10.719 5.209   -0.552  1.00 37.24 ? 53  ASN A ND2 1 
ATOM   409 N  N   . GLU A 1 54 ? -8.443  3.032   -3.906  1.00 35.22 ? 54  GLU A N   1 
ATOM   410 C  CA  . GLU A 1 54 ? -8.013  3.164   -5.297  1.00 34.18 ? 54  GLU A CA  1 
ATOM   411 C  C   . GLU A 1 54 ? -8.207  4.582   -5.811  1.00 38.99 ? 54  GLU A C   1 
ATOM   412 O  O   . GLU A 1 54 ? -7.694  4.929   -6.884  1.00 35.45 ? 54  GLU A O   1 
ATOM   413 C  CB  . GLU A 1 54 ? -8.736  2.166   -6.204  1.00 37.98 ? 54  GLU A CB  1 
ATOM   414 C  CG  . GLU A 1 54 ? -10.269 2.279   -6.151  1.00 43.25 ? 54  GLU A CG  1 
ATOM   415 C  CD  . GLU A 1 54 ? -10.956 1.689   -7.368  1.00 47.21 ? 54  GLU A CD  1 
ATOM   416 O  OE1 . GLU A 1 54 ? -10.362 0.819   -8.055  1.00 52.23 ? 54  GLU A OE1 1 
ATOM   417 O  OE2 . GLU A 1 54 ? -12.105 2.098   -7.647  1.00 50.29 ? 54  GLU A OE2 1 
ATOM   418 N  N   . ASN A 1 55 ? -8.940  5.398   -5.047  1.00 36.77 ? 55  ASN A N   1 
ATOM   419 C  CA  . ASN A 1 55 ? -9.180  6.806   -5.408  1.00 37.80 ? 55  ASN A CA  1 
ATOM   420 C  C   . ASN A 1 55 ? -8.241  7.806   -4.714  1.00 38.11 ? 55  ASN A C   1 
ATOM   421 O  O   . ASN A 1 55 ? -7.557  8.589   -5.365  1.00 38.09 ? 55  ASN A O   1 
ATOM   422 C  CB  . ASN A 1 55 ? -10.646 7.196   -5.094  1.00 41.30 ? 55  ASN A CB  1 
ATOM   423 C  CG  . ASN A 1 55 ? -11.684 6.273   -5.763  1.00 41.12 ? 55  ASN A CG  1 
ATOM   424 O  OD1 . ASN A 1 55 ? -11.593 5.957   -6.945  1.00 44.68 ? 55  ASN A OD1 1 
ATOM   425 N  ND2 . ASN A 1 55 ? -12.699 5.863   -4.991  1.00 47.16 ? 55  ASN A ND2 1 
ATOM   426 N  N   . SER A 1 56 ? -8.218  7.777   -3.385  1.00 35.25 ? 56  SER A N   1 
ATOM   427 C  CA  . SER A 1 56 ? -7.393  8.684   -2.598  1.00 39.14 ? 56  SER A CA  1 
ATOM   428 C  C   . SER A 1 56 ? -5.916  8.254   -2.536  1.00 38.29 ? 56  SER A C   1 
ATOM   429 O  O   . SER A 1 56 ? -5.052  9.058   -2.213  1.00 38.39 ? 56  SER A O   1 
ATOM   430 C  CB  . SER A 1 56 ? -7.944  8.758   -1.172  1.00 36.73 ? 56  SER A CB  1 
ATOM   431 O  OG  . SER A 1 56 ? -7.659  7.561   -0.469  1.00 38.37 ? 56  SER A OG  1 
ATOM   432 N  N   . GLY A 1 57 ? -5.654  6.977   -2.830  1.00 37.20 ? 57  GLY A N   1 
ATOM   433 C  CA  . GLY A 1 57 ? -4.325  6.400   -2.689  1.00 33.52 ? 57  GLY A CA  1 
ATOM   434 C  C   . GLY A 1 57 ? -3.865  6.238   -1.249  1.00 34.15 ? 57  GLY A C   1 
ATOM   435 O  O   . GLY A 1 57 ? -2.670  6.068   -0.986  1.00 36.22 ? 57  GLY A O   1 
ATOM   436 N  N   . GLU A 1 58 ? -4.794  6.305   -0.295  1.00 35.75 ? 58  GLU A N   1 
ATOM   437 C  CA  . GLU A 1 58 ? -4.452  6.025   1.087   1.00 30.99 ? 58  GLU A CA  1 
ATOM   438 C  C   . GLU A 1 58 ? -4.248  4.521   1.269   1.00 27.64 ? 58  GLU A C   1 
ATOM   439 O  O   . GLU A 1 58 ? -5.074  3.722   0.839   1.00 26.42 ? 58  GLU A O   1 
ATOM   440 C  CB  . GLU A 1 58 ? -5.559  6.495   2.014   1.00 35.42 ? 58  GLU A CB  1 
ATOM   441 C  CG  . GLU A 1 58 ? -5.741  7.994   2.027   1.00 36.04 ? 58  GLU A CG  1 
ATOM   442 C  CD  . GLU A 1 58 ? -7.112  8.366   2.516   1.00 39.56 ? 58  GLU A CD  1 
ATOM   443 O  OE1 . GLU A 1 58 ? -8.111  7.841   1.951   1.00 41.19 ? 58  GLU A OE1 1 
ATOM   444 O  OE2 . GLU A 1 58 ? -7.195  9.164   3.470   1.00 42.07 ? 58  GLU A OE2 1 
ATOM   445 N  N   . VAL A 1 59 ? -3.163  4.161   1.940   1.00 29.27 ? 59  VAL A N   1 
ATOM   446 C  CA  . VAL A 1 59 ? -2.828  2.761   2.213   1.00 23.41 ? 59  VAL A CA  1 
ATOM   447 C  C   . VAL A 1 59 ? -3.147  2.452   3.680   1.00 23.64 ? 59  VAL A C   1 
ATOM   448 O  O   . VAL A 1 59 ? -2.897  3.270   4.574   1.00 26.73 ? 59  VAL A O   1 
ATOM   449 C  CB  . VAL A 1 59 ? -1.349  2.501   1.933   1.00 27.45 ? 59  VAL A CB  1 
ATOM   450 C  CG1 . VAL A 1 59 ? -1.036  1.041   2.164   1.00 25.21 ? 59  VAL A CG1 1 
ATOM   451 C  CG2 . VAL A 1 59 ? -0.992  2.934   0.498   1.00 30.14 ? 59  VAL A CG2 1 
ATOM   452 N  N   . SER A 1 60 ? -3.713  1.273   3.919   1.00 20.72 ? 60  SER A N   1 
ATOM   453 C  CA  . SER A 1 60 ? -4.212  0.901   5.240   1.00 20.70 ? 60  SER A CA  1 
ATOM   454 C  C   . SER A 1 60 ? -3.629  -0.438  5.556   1.00 20.23 ? 60  SER A C   1 
ATOM   455 O  O   . SER A 1 60 ? -3.488  -1.300  4.660   1.00 16.73 ? 60  SER A O   1 
ATOM   456 C  CB  . SER A 1 60 ? -5.736  0.730   5.255   1.00 24.00 ? 60  SER A CB  1 
ATOM   457 O  OG  . SER A 1 60 ? -6.394  1.967   5.051   1.00 22.22 ? 60  SER A OG  1 
ATOM   458 N  N   . VAL A 1 61 ? -3.285  -0.594  6.828   1.00 18.92 ? 61  VAL A N   1 
ATOM   459 C  CA  . VAL A 1 61 ? -2.977  -1.927  7.374   1.00 18.14 ? 61  VAL A CA  1 
ATOM   460 C  C   . VAL A 1 61 ? -4.204  -2.530  8.066   1.00 21.10 ? 61  VAL A C   1 
ATOM   461 O  O   . VAL A 1 61 ? -4.997  -1.816  8.680   1.00 20.16 ? 61  VAL A O   1 
ATOM   462 C  CB  . VAL A 1 61 ? -1.752  -1.818  8.355   1.00 19.19 ? 61  VAL A CB  1 
ATOM   463 C  CG1 . VAL A 1 61 ? -2.114  -0.973  9.670   1.00 19.68 ? 61  VAL A CG1 1 
ATOM   464 C  CG2 . VAL A 1 61 ? -1.164  -3.202  8.661   1.00 18.03 ? 61  VAL A CG2 1 
ATOM   465 N  N   . THR A 1 62 ? -4.375  -3.847  8.005   1.00 18.17 ? 62  THR A N   1 
ATOM   466 C  CA  . THR A 1 62 ? -5.648  -4.424  8.435   1.00 23.32 ? 62  THR A CA  1 
ATOM   467 C  C   . THR A 1 62 ? -5.611  -5.138  9.763   1.00 20.97 ? 62  THR A C   1 
ATOM   468 O  O   . THR A 1 62 ? -6.663  -5.557  10.269  1.00 23.72 ? 62  THR A O   1 
ATOM   469 C  CB  . THR A 1 62 ? -6.217  -5.383  7.372   1.00 20.63 ? 62  THR A CB  1 
ATOM   470 O  OG1 . THR A 1 62 ? -5.327  -6.480  7.187   1.00 21.66 ? 62  THR A OG1 1 
ATOM   471 C  CG2 . THR A 1 62 ? -6.361  -4.678  6.091   1.00 20.37 ? 62  THR A CG2 1 
ATOM   472 N  N   . LYS A 1 63 ? -4.403  -5.289  10.332  1.00 19.66 ? 63  LYS A N   1 
ATOM   473 C  CA  . LYS A 1 63 ? -4.236  -6.025  11.598  1.00 17.62 ? 63  LYS A CA  1 
ATOM   474 C  C   . LYS A 1 63 ? -2.891  -5.646  12.185  1.00 16.92 ? 63  LYS A C   1 
ATOM   475 O  O   . LYS A 1 63 ? -2.131  -4.971  11.519  1.00 16.58 ? 63  LYS A O   1 
ATOM   476 C  CB  . LYS A 1 63 ? -4.243  -7.544  11.358  1.00 21.48 ? 63  LYS A CB  1 
ATOM   477 C  CG  . LYS A 1 63 ? -3.234  -7.960  10.277  1.00 25.22 ? 63  LYS A CG  1 
ATOM   478 C  CD  . LYS A 1 63 ? -3.286  -9.469  9.909   1.00 30.74 ? 63  LYS A CD  1 
ATOM   479 C  CE  . LYS A 1 63 ? -2.456  -10.276 10.892  1.00 33.25 ? 63  LYS A CE  1 
ATOM   480 N  NZ  . LYS A 1 63 ? -2.024  -11.570 10.297  1.00 42.10 ? 63  LYS A NZ  1 
ATOM   481 N  N   . ALA A 1 64 ? -2.650  -6.081  13.416  1.00 16.07 ? 64  ALA A N   1 
ATOM   482 C  CA  . ALA A 1 64 ? -1.423  -5.844  14.211  1.00 16.26 ? 64  ALA A CA  1 
ATOM   483 C  C   . ALA A 1 64 ? -0.349  -6.697  13.579  1.00 19.26 ? 64  ALA A C   1 
ATOM   484 O  O   . ALA A 1 64 ? -0.637  -7.821  13.161  1.00 19.11 ? 64  ALA A O   1 
ATOM   485 C  CB  . ALA A 1 64 ? -1.635  -6.294  15.603  1.00 15.14 ? 64  ALA A CB  1 
ATOM   486 N  N   . LEU A 1 65 ? 0.863   -6.159  13.491  1.00 15.92 ? 65  LEU A N   1 
ATOM   487 C  CA  . LEU A 1 65 ? 1.967   -6.871  12.846  1.00 16.65 ? 65  LEU A CA  1 
ATOM   488 C  C   . LEU A 1 65 ? 2.939   -7.360  13.890  1.00 17.81 ? 65  LEU A C   1 
ATOM   489 O  O   . LEU A 1 65 ? 2.983   -6.836  14.939  1.00 14.80 ? 65  LEU A O   1 
ATOM   490 C  CB  . LEU A 1 65 ? 2.716   -5.889  11.945  1.00 17.02 ? 65  LEU A CB  1 
ATOM   491 C  CG  . LEU A 1 65 ? 1.847   -5.160  10.930  1.00 21.57 ? 65  LEU A CG  1 
ATOM   492 C  CD1 . LEU A 1 65 ? 2.631   -4.129  10.104  1.00 21.15 ? 65  LEU A CD1 1 
ATOM   493 C  CD2 . LEU A 1 65 ? 1.203   -6.272  10.107  1.00 23.58 ? 65  LEU A CD2 1 
ATOM   494 N  N   . ASP A 1 66 ? 3.754   -8.371  13.559  1.00 19.43 ? 66  ASP A N   1 
ATOM   495 C  CA  . ASP A 1 66 ? 4.765   -8.899  14.495  1.00 19.58 ? 66  ASP A CA  1 
ATOM   496 C  C   . ASP A 1 66 ? 6.086   -8.775  13.761  1.00 18.11 ? 66  ASP A C   1 
ATOM   497 O  O   . ASP A 1 66 ? 6.246   -9.429  12.738  1.00 21.34 ? 66  ASP A O   1 
ATOM   498 C  CB  . ASP A 1 66 ? 4.452   -10.391 14.723  1.00 20.82 ? 66  ASP A CB  1 
ATOM   499 C  CG  . ASP A 1 66 ? 5.418   -11.069 15.675  1.00 22.98 ? 66  ASP A CG  1 
ATOM   500 O  OD1 . ASP A 1 66 ? 6.401   -10.427 16.123  1.00 22.48 ? 66  ASP A OD1 1 
ATOM   501 O  OD2 . ASP A 1 66 ? 5.204   -12.270 15.939  1.00 25.54 ? 66  ASP A OD2 1 
ATOM   502 N  N   . ARG A 1 67 ? 7.017   -7.951  14.261  1.00 19.85 ? 67  ARG A N   1 
ATOM   503 C  CA  . ARG A 1 67 ? 8.306   -7.694  13.562  1.00 18.59 ? 67  ARG A CA  1 
ATOM   504 C  C   . ARG A 1 67 ? 9.126   -9.005  13.389  1.00 21.46 ? 67  ARG A C   1 
ATOM   505 O  O   . ARG A 1 67 ? 9.767   -9.220  12.340  1.00 18.28 ? 67  ARG A O   1 
ATOM   506 C  CB  . ARG A 1 67 ? 9.123   -6.631  14.297  1.00 20.15 ? 67  ARG A CB  1 
ATOM   507 C  CG  . ARG A 1 67 ? 10.382  -6.188  13.552  1.00 24.16 ? 67  ARG A CG  1 
ATOM   508 C  CD  . ARG A 1 67 ? 11.062  -5.022  14.251  1.00 22.15 ? 67  ARG A CD  1 
ATOM   509 N  NE  . ARG A 1 67 ? 12.110  -4.470  13.387  1.00 28.97 ? 67  ARG A NE  1 
ATOM   510 C  CZ  . ARG A 1 67 ? 13.392  -4.735  13.527  1.00 31.13 ? 67  ARG A CZ  1 
ATOM   511 N  NH1 . ARG A 1 67 ? 13.772  -5.494  14.521  1.00 35.21 ? 67  ARG A NH1 1 
ATOM   512 N  NH2 . ARG A 1 67 ? 14.285  -4.222  12.675  1.00 36.25 ? 67  ARG A NH2 1 
ATOM   513 N  N   . GLU A 1 68 ? 8.992   -9.904  14.362  1.00 20.13 ? 68  GLU A N   1 
ATOM   514 C  CA  . GLU A 1 68 ? 9.749   -11.154 14.348  1.00 22.19 ? 68  GLU A CA  1 
ATOM   515 C  C   . GLU A 1 68 ? 9.277   -12.074 13.281  1.00 23.06 ? 68  GLU A C   1 
ATOM   516 O  O   . GLU A 1 68 ? 10.061  -12.876 12.812  1.00 22.08 ? 68  GLU A O   1 
ATOM   517 C  CB  . GLU A 1 68 ? 9.647   -11.912 15.663  1.00 22.08 ? 68  GLU A CB  1 
ATOM   518 C  CG  . GLU A 1 68 ? 10.399  -11.329 16.838  1.00 29.27 ? 68  GLU A CG  1 
ATOM   519 C  CD  . GLU A 1 68 ? 10.000  -12.065 18.081  1.00 32.63 ? 68  GLU A CD  1 
ATOM   520 O  OE1 . GLU A 1 68 ? 8.780   -12.288 18.258  1.00 38.04 ? 68  GLU A OE1 1 
ATOM   521 O  OE2 . GLU A 1 68 ? 10.874  -12.453 18.870  1.00 39.26 ? 68  GLU A OE2 1 
ATOM   522 N  N   . ALA A 1 69 ? 7.979   -12.025 12.964  1.00 19.68 ? 69  ALA A N   1 
ATOM   523 C  CA  . ALA A 1 69 ? 7.421   -12.784 11.857  1.00 24.86 ? 69  ALA A CA  1 
ATOM   524 C  C   . ALA A 1 69 ? 7.881   -12.233 10.510  1.00 24.35 ? 69  ALA A C   1 
ATOM   525 O  O   . ALA A 1 69 ? 8.656   -12.895 9.830   1.00 22.70 ? 69  ALA A O   1 
ATOM   526 C  CB  . ALA A 1 69 ? 5.896   -12.866 11.965  1.00 23.89 ? 69  ALA A CB  1 
ATOM   527 N  N   . ILE A 1 70 ? 7.501   -11.012 10.145  1.00 20.27 ? 70  ILE A N   1 
ATOM   528 C  CA  . ILE A 1 70 ? 7.938   -10.407 8.877   1.00 20.62 ? 70  ILE A CA  1 
ATOM   529 C  C   . ILE A 1 70 ? 8.377   -9.000  9.207   1.00 21.62 ? 70  ILE A C   1 
ATOM   530 O  O   . ILE A 1 70 ? 7.558   -8.235  9.708   1.00 19.50 ? 70  ILE A O   1 
ATOM   531 C  CB  . ILE A 1 70 ? 6.744   -10.271 7.893   1.00 24.20 ? 70  ILE A CB  1 
ATOM   532 C  CG1 . ILE A 1 70 ? 6.279   -11.625 7.367   1.00 28.03 ? 70  ILE A CG1 1 
ATOM   533 C  CG2 . ILE A 1 70 ? 7.097   -9.437  6.707   1.00 21.67 ? 70  ILE A CG2 1 
ATOM   534 C  CD1 . ILE A 1 70 ? 4.928   -11.555 6.702   1.00 27.68 ? 70  ILE A CD1 1 
ATOM   535 N  N   . PRO A 1 71 ? 9.673   -8.641  8.986   1.00 24.27 ? 71  PRO A N   1 
ATOM   536 C  CA  . PRO A 1 71 ? 10.096  -7.302  9.447   1.00 23.01 ? 71  PRO A CA  1 
ATOM   537 C  C   . PRO A 1 71 ? 9.918   -6.215  8.408   1.00 20.99 ? 71  PRO A C   1 
ATOM   538 O  O   . PRO A 1 71 ? 10.122  -5.025  8.707   1.00 22.05 ? 71  PRO A O   1 
ATOM   539 C  CB  . PRO A 1 71 ? 11.609  -7.476  9.743   1.00 21.38 ? 71  PRO A CB  1 
ATOM   540 C  CG  . PRO A 1 71 ? 12.016  -8.708  8.986   1.00 23.65 ? 71  PRO A CG  1 
ATOM   541 C  CD  . PRO A 1 71 ? 10.808  -9.454  8.507   1.00 22.04 ? 71  PRO A CD  1 
ATOM   542 N  N   . SER A 1 72 ? 9.510   -6.599  7.201   1.00 23.93 ? 72  SER A N   1 
ATOM   543 C  CA  . SER A 1 72 ? 9.290   -5.629  6.169   1.00 20.45 ? 72  SER A CA  1 
ATOM   544 C  C   . SER A 1 72 ? 8.541   -6.229  5.011   1.00 21.80 ? 72  SER A C   1 
ATOM   545 O  O   . SER A 1 72 ? 8.473   -7.454  4.877   1.00 23.68 ? 72  SER A O   1 
ATOM   546 C  CB  . SER A 1 72 ? 10.629  -5.028  5.684   1.00 25.68 ? 72  SER A CB  1 
ATOM   547 O  OG  . SER A 1 72 ? 11.431  -6.037  5.028   1.00 28.43 ? 72  SER A OG  1 
ATOM   548 N  N   . TYR A 1 73 ? 7.939   -5.337  4.222   1.00 21.08 ? 73  TYR A N   1 
ATOM   549 C  CA  . TYR A 1 73 ? 7.164   -5.668  3.040   1.00 23.25 ? 73  TYR A CA  1 
ATOM   550 C  C   . TYR A 1 73 ? 7.617   -4.748  1.920   1.00 23.35 ? 73  TYR A C   1 
ATOM   551 O  O   . TYR A 1 73 ? 7.972   -3.587  2.156   1.00 23.36 ? 73  TYR A O   1 
ATOM   552 C  CB  . TYR A 1 73 ? 5.670   -5.423  3.311   1.00 22.63 ? 73  TYR A CB  1 
ATOM   553 C  CG  . TYR A 1 73 ? 5.106   -6.276  4.410   1.00 18.81 ? 73  TYR A CG  1 
ATOM   554 C  CD1 . TYR A 1 73 ? 5.208   -5.867  5.755   1.00 17.60 ? 73  TYR A CD1 1 
ATOM   555 C  CD2 . TYR A 1 73 ? 4.451   -7.470  4.122   1.00 18.23 ? 73  TYR A CD2 1 
ATOM   556 C  CE1 . TYR A 1 73 ? 4.726   -6.630  6.755   1.00 16.35 ? 73  TYR A CE1 1 
ATOM   557 C  CE2 . TYR A 1 73 ? 3.920   -8.255  5.141   1.00 22.02 ? 73  TYR A CE2 1 
ATOM   558 C  CZ  . TYR A 1 73 ? 4.101   -7.835  6.457   1.00 20.71 ? 73  TYR A CZ  1 
ATOM   559 O  OH  . TYR A 1 73 ? 3.589   -8.549  7.488   1.00 22.48 ? 73  TYR A OH  1 
ATOM   560 N  N   . GLN A 1 74 ? 7.576   -5.247  0.697   1.00 24.74 ? 74  GLN A N   1 
ATOM   561 C  CA  . GLN A 1 74 ? 7.876   -4.402  -0.457  1.00 27.38 ? 74  GLN A CA  1 
ATOM   562 C  C   . GLN A 1 74 ? 6.840   -4.641  -1.481  1.00 27.43 ? 74  GLN A C   1 
ATOM   563 O  O   . GLN A 1 74 ? 6.773   -5.733  -2.071  1.00 27.20 ? 74  GLN A O   1 
ATOM   564 C  CB  . GLN A 1 74 ? 9.222   -4.717  -1.080  1.00 29.77 ? 74  GLN A CB  1 
ATOM   565 C  CG  . GLN A 1 74 ? 9.608   -3.553  -1.993  1.00 36.35 ? 74  GLN A CG  1 
ATOM   566 C  CD  . GLN A 1 74 ? 11.024  -3.657  -2.511  1.00 41.56 ? 74  GLN A CD  1 
ATOM   567 O  OE1 . GLN A 1 74 ? 11.425  -4.701  -3.051  1.00 48.22 ? 74  GLN A OE1 1 
ATOM   568 N  NE2 . GLN A 1 74 ? 11.792  -2.587  -2.351  1.00 40.44 ? 74  GLN A NE2 1 
ATOM   569 N  N   . LEU A 1 75 ? 6.015   -3.623  -1.674  1.00 24.44 ? 75  LEU A N   1 
ATOM   570 C  CA  . LEU A 1 75 ? 4.859   -3.743  -2.543  1.00 27.04 ? 75  LEU A CA  1 
ATOM   571 C  C   . LEU A 1 75 ? 5.117   -2.922  -3.793  1.00 24.96 ? 75  LEU A C   1 
ATOM   572 O  O   . LEU A 1 75 ? 6.061   -2.154  -3.832  1.00 24.72 ? 75  LEU A O   1 
ATOM   573 C  CB  . LEU A 1 75 ? 3.611   -3.240  -1.843  1.00 22.16 ? 75  LEU A CB  1 
ATOM   574 C  CG  . LEU A 1 75 ? 3.498   -3.653  -0.360  1.00 25.65 ? 75  LEU A CG  1 
ATOM   575 C  CD1 . LEU A 1 75 ? 2.326   -2.976  0.279   1.00 23.70 ? 75  LEU A CD1 1 
ATOM   576 C  CD2 . LEU A 1 75 ? 3.391   -5.198  -0.183  1.00 23.41 ? 75  LEU A CD2 1 
ATOM   577 N  N   . GLN A 1 76 ? 4.272   -3.132  -4.800  1.00 27.57 ? 76  GLN A N   1 
ATOM   578 C  CA  . GLN A 1 76 ? 4.303   -2.409  -6.064  1.00 28.40 ? 76  GLN A CA  1 
ATOM   579 C  C   . GLN A 1 76 ? 3.037   -1.565  -6.196  1.00 27.69 ? 76  GLN A C   1 
ATOM   580 O  O   . GLN A 1 76 ? 1.946   -2.033  -5.872  1.00 25.00 ? 76  GLN A O   1 
ATOM   581 C  CB  . GLN A 1 76 ? 4.463   -3.398  -7.252  1.00 32.38 ? 76  GLN A CB  1 
ATOM   582 C  CG  . GLN A 1 76 ? 3.208   -4.298  -7.602  1.00 38.74 ? 76  GLN A CG  1 
ATOM   583 C  CD  . GLN A 1 76 ? 3.177   -4.865  -9.068  1.00 41.66 ? 76  GLN A CD  1 
ATOM   584 O  OE1 . GLN A 1 76 ? 3.313   -4.131  -10.056 1.00 37.68 ? 76  GLN A OE1 1 
ATOM   585 N  NE2 . GLN A 1 76 ? 2.982   -6.178  -9.183  1.00 42.80 ? 76  GLN A NE2 1 
ATOM   586 N  N   . VAL A 1 77 ? 3.187   -0.310  -6.643  1.00 25.24 ? 77  VAL A N   1 
ATOM   587 C  CA  . VAL A 1 77 ? 2.032   0.585   -6.834  1.00 27.82 ? 77  VAL A CA  1 
ATOM   588 C  C   . VAL A 1 77 ? 2.026   1.090   -8.268  1.00 30.72 ? 77  VAL A C   1 
ATOM   589 O  O   . VAL A 1 77 ? 3.068   1.365   -8.850  1.00 28.21 ? 77  VAL A O   1 
ATOM   590 C  CB  . VAL A 1 77 ? 2.005   1.770   -5.813  1.00 30.04 ? 77  VAL A CB  1 
ATOM   591 C  CG1 . VAL A 1 77 ? 3.335   2.421   -5.728  1.00 32.87 ? 77  VAL A CG1 1 
ATOM   592 C  CG2 . VAL A 1 77 ? 0.969   2.796   -6.155  1.00 31.74 ? 77  VAL A CG2 1 
ATOM   593 N  N   . GLU A 1 78 ? 0.845   1.159   -8.852  1.00 27.45 ? 78  GLU A N   1 
ATOM   594 C  CA  . GLU A 1 78 ? 0.761   1.771   -10.161 1.00 32.57 ? 78  GLU A CA  1 
ATOM   595 C  C   . GLU A 1 78 ? -0.570  2.461   -10.302 1.00 28.60 ? 78  GLU A C   1 
ATOM   596 O  O   . GLU A 1 78 ? -1.412  2.379   -9.424  1.00 28.05 ? 78  GLU A O   1 
ATOM   597 C  CB  . GLU A 1 78 ? 1.014   0.756   -11.280 1.00 33.50 ? 78  GLU A CB  1 
ATOM   598 C  CG  . GLU A 1 78 ? 0.126   -0.433  -11.268 1.00 37.67 ? 78  GLU A CG  1 
ATOM   599 C  CD  . GLU A 1 78 ? 0.612   -1.572  -12.185 1.00 39.00 ? 78  GLU A CD  1 
ATOM   600 O  OE1 . GLU A 1 78 ? 1.840   -1.713  -12.467 1.00 40.60 ? 78  GLU A OE1 1 
ATOM   601 O  OE2 . GLU A 1 78 ? -0.256  -2.368  -12.594 1.00 41.82 ? 78  GLU A OE2 1 
ATOM   602 N  N   . THR A 1 79 ? -0.727  3.202   -11.384 1.00 31.95 ? 79  THR A N   1 
ATOM   603 C  CA  . THR A 1 79 ? -1.993  3.844   -11.670 1.00 34.01 ? 79  THR A CA  1 
ATOM   604 C  C   . THR A 1 79 ? -2.535  3.088   -12.860 1.00 33.23 ? 79  THR A C   1 
ATOM   605 O  O   . THR A 1 79 ? -1.773  2.718   -13.738 1.00 33.02 ? 79  THR A O   1 
ATOM   606 C  CB  . THR A 1 79 ? -1.796  5.326   -12.058 1.00 32.17 ? 79  THR A CB  1 
ATOM   607 O  OG1 . THR A 1 79 ? -0.912  5.411   -13.180 1.00 35.15 ? 79  THR A OG1 1 
ATOM   608 C  CG2 . THR A 1 79 ? -1.212  6.138   -10.870 1.00 34.11 ? 79  THR A CG2 1 
ATOM   609 N  N   . THR A 1 80 ? -3.840  2.859   -12.893 1.00 35.24 ? 80  THR A N   1 
ATOM   610 C  CA  . THR A 1 80 ? -4.487  2.257   -14.064 1.00 38.43 ? 80  THR A CA  1 
ATOM   611 C  C   . THR A 1 80 ? -5.627  3.118   -14.586 1.00 40.33 ? 80  THR A C   1 
ATOM   612 O  O   . THR A 1 80 ? -6.096  4.032   -13.901 1.00 39.48 ? 80  THR A O   1 
ATOM   613 C  CB  . THR A 1 80 ? -5.055  0.878   -13.742 1.00 38.79 ? 80  THR A CB  1 
ATOM   614 O  OG1 . THR A 1 80 ? -6.157  1.003   -12.832 1.00 40.99 ? 80  THR A OG1 1 
ATOM   615 C  CG2 . THR A 1 80 ? -3.983  0.014   -13.124 1.00 40.28 ? 80  THR A CG2 1 
ATOM   616 N  N   . ASP A 1 81 ? -6.054  2.837   -15.811 1.00 43.07 ? 81  ASP A N   1 
ATOM   617 C  CA  . ASP A 1 81 ? -7.269  3.446   -16.347 1.00 46.59 ? 81  ASP A CA  1 
ATOM   618 C  C   . ASP A 1 81 ? -8.440  2.653   -15.821 1.00 47.80 ? 81  ASP A C   1 
ATOM   619 O  O   . ASP A 1 81 ? -8.260  1.626   -15.165 1.00 48.26 ? 81  ASP A O   1 
ATOM   620 C  CB  . ASP A 1 81 ? -7.353  3.443   -17.890 1.00 42.60 ? 81  ASP A CB  1 
ATOM   621 C  CG  . ASP A 1 81 ? -6.008  3.527   -18.562 1.00 44.32 ? 81  ASP A CG  1 
ATOM   622 O  OD1 . ASP A 1 81 ? -5.111  2.744   -18.190 1.00 46.94 ? 81  ASP A OD1 1 
ATOM   623 O  OD2 . ASP A 1 81 ? -5.847  4.336   -19.511 1.00 51.11 ? 81  ASP A OD2 1 
ATOM   624 N  N   . GLU A 1 82 ? -9.642  3.121   -16.140 1.00 49.89 ? 82  GLU A N   1 
ATOM   625 C  CA  . GLU A 1 82 ? -10.865 2.449   -15.736 1.00 54.48 ? 82  GLU A CA  1 
ATOM   626 C  C   . GLU A 1 82 ? -10.824 0.944   -16.041 1.00 55.24 ? 82  GLU A C   1 
ATOM   627 O  O   . GLU A 1 82 ? -11.571 0.164   -15.447 1.00 57.87 ? 82  GLU A O   1 
ATOM   628 C  CB  . GLU A 1 82 ? -12.072 3.118   -16.405 1.00 55.85 ? 82  GLU A CB  1 
ATOM   629 C  CG  . GLU A 1 82 ? -13.442 2.600   -15.953 1.00 61.56 ? 82  GLU A CG  1 
ATOM   630 C  CD  . GLU A 1 82 ? -14.108 1.652   -16.967 1.00 63.90 ? 82  GLU A CD  1 
ATOM   631 O  OE1 . GLU A 1 82 ? -13.386 0.900   -17.668 1.00 66.01 ? 82  GLU A OE1 1 
ATOM   632 O  OE2 . GLU A 1 82 ? -15.362 1.659   -17.060 1.00 62.09 ? 82  GLU A OE2 1 
ATOM   633 N  N   . ASN A 1 83 ? -9.950  0.522   -16.947 1.00 51.93 ? 83  ASN A N   1 
ATOM   634 C  CA  . ASN A 1 83 ? -9.927  -0.882  -17.342 1.00 50.51 ? 83  ASN A CA  1 
ATOM   635 C  C   . ASN A 1 83 ? -8.775  -1.626  -16.684 1.00 48.20 ? 83  ASN A C   1 
ATOM   636 O  O   . ASN A 1 83 ? -8.383  -2.728  -17.099 1.00 49.16 ? 83  ASN A O   1 
ATOM   637 C  CB  . ASN A 1 83 ? -9.876  -1.022  -18.866 1.00 50.77 ? 83  ASN A CB  1 
ATOM   638 C  CG  . ASN A 1 83 ? -11.216 -0.736  -19.534 1.00 54.91 ? 83  ASN A CG  1 
ATOM   639 O  OD1 . ASN A 1 83 ? -12.277 -0.857  -18.919 1.00 57.41 ? 83  ASN A OD1 1 
ATOM   640 N  ND2 . ASN A 1 83 ? -11.169 -0.377  -20.810 1.00 53.91 ? 83  ASN A ND2 1 
ATOM   641 N  N   . GLY A 1 84 ? -8.224  -1.021  -15.645 1.00 46.24 ? 84  GLY A N   1 
ATOM   642 C  CA  . GLY A 1 84 ? -7.127  -1.651  -14.935 1.00 46.60 ? 84  GLY A CA  1 
ATOM   643 C  C   . GLY A 1 84 ? -5.866  -1.788  -15.769 1.00 42.78 ? 84  GLY A C   1 
ATOM   644 O  O   . GLY A 1 84 ? -4.869  -2.355  -15.315 1.00 43.58 ? 84  GLY A O   1 
ATOM   645 N  N   . LYS A 1 85 ? -5.899  -1.278  -16.995 1.00 41.57 ? 85  LYS A N   1 
ATOM   646 C  CA  . LYS A 1 85 ? -4.684  -1.266  -17.811 1.00 41.47 ? 85  LYS A CA  1 
ATOM   647 C  C   . LYS A 1 85 ? -3.688  -0.265  -17.254 1.00 36.48 ? 85  LYS A C   1 
ATOM   648 O  O   . LYS A 1 85 ? -4.060  0.852   -16.942 1.00 40.09 ? 85  LYS A O   1 
ATOM   649 C  CB  . LYS A 1 85 ? -4.981  -0.919  -19.268 1.00 38.93 ? 85  LYS A CB  1 
ATOM   650 C  CG  . LYS A 1 85 ? -3.691  -0.784  -20.083 1.00 42.74 ? 85  LYS A CG  1 
ATOM   651 C  CD  . LYS A 1 85 ? -3.950  -0.463  -21.538 1.00 41.51 ? 85  LYS A CD  1 
ATOM   652 C  CE  . LYS A 1 85 ? -2.790  0.289   -22.160 1.00 46.15 ? 85  LYS A CE  1 
ATOM   653 N  NZ  . LYS A 1 85 ? -2.758  1.693   -21.677 1.00 46.80 ? 85  LYS A NZ  1 
ATOM   654 N  N   . THR A 1 86 ? -2.420  -0.657  -17.158 1.00 36.68 ? 86  THR A N   1 
ATOM   655 C  CA  . THR A 1 86 ? -1.375  0.184   -16.567 1.00 36.79 ? 86  THR A CA  1 
ATOM   656 C  C   . THR A 1 86 ? -1.047  1.492   -17.303 1.00 35.24 ? 86  THR A C   1 
ATOM   657 O  O   . THR A 1 86 ? -0.830  1.490   -18.500 1.00 35.07 ? 86  THR A O   1 
ATOM   658 C  CB  . THR A 1 86 ? -0.076  -0.595  -16.459 1.00 35.26 ? 86  THR A CB  1 
ATOM   659 O  OG1 . THR A 1 86 ? -0.321  -1.833  -15.785 1.00 40.48 ? 86  THR A OG1 1 
ATOM   660 C  CG2 . THR A 1 86 ? 0.942   0.206   -15.706 1.00 34.96 ? 86  THR A CG2 1 
ATOM   661 N  N   . ILE A 1 87 ? -0.988  2.600   -16.572 1.00 33.32 ? 87  ILE A N   1 
ATOM   662 C  CA  . ILE A 1 87 ? -0.586  3.887   -17.153 1.00 34.89 ? 87  ILE A CA  1 
ATOM   663 C  C   . ILE A 1 87 ? 0.836   4.226   -16.682 1.00 35.92 ? 87  ILE A C   1 
ATOM   664 O  O   . ILE A 1 87 ? 1.779   4.359   -17.488 1.00 35.95 ? 87  ILE A O   1 
ATOM   665 C  CB  . ILE A 1 87 ? -1.538  5.047   -16.745 1.00 34.64 ? 87  ILE A CB  1 
ATOM   666 C  CG1 . ILE A 1 87 ? -2.972  4.754   -17.157 1.00 35.42 ? 87  ILE A CG1 1 
ATOM   667 C  CG2 . ILE A 1 87 ? -1.127  6.332   -17.363 1.00 34.84 ? 87  ILE A CG2 1 
ATOM   668 C  CD1 . ILE A 1 87 ? -3.882  5.906   -16.945 1.00 39.28 ? 87  ILE A CD1 1 
ATOM   669 N  N   . GLU A 1 88 ? 0.925   4.399   -15.362 1.00 36.20 ? 88  GLU A N   1 
ATOM   670 C  CA  . GLU A 1 88 ? 2.129   4.775   -14.631 1.00 32.74 ? 88  GLU A CA  1 
ATOM   671 C  C   . GLU A 1 88 ? 2.416   3.633   -13.657 1.00 36.06 ? 88  GLU A C   1 
ATOM   672 O  O   . GLU A 1 88 ? 1.482   3.046   -13.112 1.00 35.33 ? 88  GLU A O   1 
ATOM   673 C  CB  . GLU A 1 88 ? 1.844   6.053   -13.857 1.00 34.92 ? 88  GLU A CB  1 
ATOM   674 C  CG  . GLU A 1 88 ? 0.355   6.313   -13.641 1.00 34.02 ? 88  GLU A CG  1 
ATOM   675 C  CD  . GLU A 1 88 ? 0.052   7.770   -13.261 1.00 40.00 ? 88  GLU A CD  1 
ATOM   676 O  OE1 . GLU A 1 88 ? 0.306   8.135   -12.096 1.00 38.99 ? 88  GLU A OE1 1 
ATOM   677 O  OE2 . GLU A 1 88 ? -0.436  8.533   -14.104 1.00 36.68 ? 88  GLU A OE2 1 
ATOM   678 N  N   . GLY A 1 89 ? 3.683   3.283   -13.467 1.00 41.76 ? 89  GLY A N   1 
ATOM   679 C  CA  . GLY A 1 89 ? 4.005   2.085   -12.703 1.00 34.78 ? 89  GLY A CA  1 
ATOM   680 C  C   . GLY A 1 89 ? 4.876   1.007   -13.364 1.00 38.12 ? 89  GLY A C   1 
ATOM   681 O  O   . GLY A 1 89 ? 4.970   0.921   -14.586 1.00 38.74 ? 89  GLY A O   1 
ATOM   682 N  N   . PRO A 1 90 ? 5.515   0.184   -12.529 1.00 34.12 ? 90  PRO A N   1 
ATOM   683 C  CA  . PRO A 1 90 ? 5.295   0.248   -11.086 1.00 34.03 ? 90  PRO A CA  1 
ATOM   684 C  C   . PRO A 1 90 ? 6.371   1.031   -10.370 1.00 34.11 ? 90  PRO A C   1 
ATOM   685 O  O   . PRO A 1 90 ? 7.418   1.362   -10.930 1.00 29.43 ? 90  PRO A O   1 
ATOM   686 C  CB  . PRO A 1 90 ? 5.459   -1.210  -10.674 1.00 30.55 ? 90  PRO A CB  1 
ATOM   687 C  CG  . PRO A 1 90 ? 6.610   -1.617  -11.482 1.00 37.83 ? 90  PRO A CG  1 
ATOM   688 C  CD  . PRO A 1 90 ? 6.333   -1.000  -12.858 1.00 33.64 ? 90  PRO A CD  1 
ATOM   689 N  N   . VAL A 1 91 ? 6.112   1.285   -9.093  1.00 33.58 ? 91  VAL A N   1 
ATOM   690 C  CA  . VAL A 1 91 ? 7.098   1.875   -8.208  1.00 30.73 ? 91  VAL A CA  1 
ATOM   691 C  C   . VAL A 1 91 ? 6.957   1.177   -6.871  1.00 27.75 ? 91  VAL A C   1 
ATOM   692 O  O   . VAL A 1 91 ? 5.867   0.798   -6.482  1.00 32.03 ? 91  VAL A O   1 
ATOM   693 C  CB  . VAL A 1 91 ? 6.893   3.395   -8.009  1.00 33.32 ? 91  VAL A CB  1 
ATOM   694 C  CG1 . VAL A 1 91 ? 7.146   4.145   -9.317  1.00 35.60 ? 91  VAL A CG1 1 
ATOM   695 C  CG2 . VAL A 1 91 ? 5.544   3.667   -7.569  1.00 31.14 ? 91  VAL A CG2 1 
ATOM   696 N  N   . ASP A 1 92 ? 8.068   1.000   -6.180  1.00 30.92 ? 92  ASP A N   1 
ATOM   697 C  CA  . ASP A 1 92 ? 8.086   0.313   -4.904  1.00 28.45 ? 92  ASP A CA  1 
ATOM   698 C  C   . ASP A 1 92 ? 7.392   1.117   -3.850  1.00 28.55 ? 92  ASP A C   1 
ATOM   699 O  O   . ASP A 1 92 ? 7.491   2.344   -3.809  1.00 28.56 ? 92  ASP A O   1 
ATOM   700 C  CB  . ASP A 1 92 ? 9.524   0.135   -4.429  1.00 31.49 ? 92  ASP A CB  1 
ATOM   701 C  CG  . ASP A 1 92 ? 10.361  -0.574  -5.437  1.00 38.02 ? 92  ASP A CG  1 
ATOM   702 O  OD1 . ASP A 1 92 ? 9.774   -1.385  -6.201  1.00 32.26 ? 92  ASP A OD1 1 
ATOM   703 O  OD2 . ASP A 1 92 ? 11.585  -0.296  -5.463  1.00 38.72 ? 92  ASP A OD2 1 
ATOM   704 N  N   . LEU A 1 93 ? 6.687   0.415   -2.985  1.00 25.01 ? 93  LEU A N   1 
ATOM   705 C  CA  . LEU A 1 93 ? 6.247   1.018   -1.740  1.00 23.32 ? 93  LEU A CA  1 
ATOM   706 C  C   . LEU A 1 93 ? 6.894   0.202   -0.623  1.00 24.43 ? 93  LEU A C   1 
ATOM   707 O  O   . LEU A 1 93 ? 6.546   -0.952  -0.421  1.00 24.64 ? 93  LEU A O   1 
ATOM   708 C  CB  . LEU A 1 93 ? 4.734   1.000   -1.645  1.00 22.28 ? 93  LEU A CB  1 
ATOM   709 C  CG  . LEU A 1 93 ? 4.218   1.261   -0.201  1.00 24.81 ? 93  LEU A CG  1 
ATOM   710 C  CD1 . LEU A 1 93 ? 4.861   2.511   0.354   1.00 24.41 ? 93  LEU A CD1 1 
ATOM   711 C  CD2 . LEU A 1 93 ? 2.713   1.372   -0.172  1.00 24.92 ? 93  LEU A CD2 1 
ATOM   712 N  N   . GLU A 1 94 ? 7.850   0.751   0.108   1.00 22.01 ? 94  GLU A N   1 
ATOM   713 C  CA  . GLU A 1 94 ? 8.449   -0.143  1.107   1.00 26.90 ? 94  GLU A CA  1 
ATOM   714 C  C   . GLU A 1 94 ? 7.776   0.086   2.469   1.00 24.96 ? 94  GLU A C   1 
ATOM   715 O  O   . GLU A 1 94 ? 7.499   1.215   2.818   1.00 25.38 ? 94  GLU A O   1 
ATOM   716 C  CB  . GLU A 1 94 ? 9.971   0.000   1.129   1.00 28.78 ? 94  GLU A CB  1 
ATOM   717 C  CG  . GLU A 1 94 ? 10.647  -0.637  -0.156  1.00 26.00 ? 94  GLU A CG  1 
ATOM   718 C  CD  . GLU A 1 94 ? 11.520  0.362   -0.832  1.00 38.05 ? 94  GLU A CD  1 
ATOM   719 O  OE1 . GLU A 1 94 ? 11.802  1.383   -0.174  1.00 45.25 ? 94  GLU A OE1 1 
ATOM   720 O  OE2 . GLU A 1 94 ? 11.937  0.159   -2.015  1.00 46.36 ? 94  GLU A OE2 1 
ATOM   721 N  N   . ILE A 1 95 ? 7.460   -0.988  3.192   1.00 24.89 ? 95  ILE A N   1 
ATOM   722 C  CA  . ILE A 1 95 ? 6.840   -0.884  4.527   1.00 21.29 ? 95  ILE A CA  1 
ATOM   723 C  C   . ILE A 1 95 ? 7.722   -1.629  5.532   1.00 24.88 ? 95  ILE A C   1 
ATOM   724 O  O   . ILE A 1 95 ? 7.982   -2.821  5.367   1.00 27.32 ? 95  ILE A O   1 
ATOM   725 C  CB  . ILE A 1 95 ? 5.434   -1.503  4.521   1.00 24.71 ? 95  ILE A CB  1 
ATOM   726 C  CG1 . ILE A 1 95 ? 4.552   -0.719  3.522   1.00 23.13 ? 95  ILE A CG1 1 
ATOM   727 C  CG2 . ILE A 1 95 ? 4.833   -1.587  5.980   1.00 19.76 ? 95  ILE A CG2 1 
ATOM   728 C  CD1 . ILE A 1 95 ? 3.146   -1.254  3.361   1.00 24.60 ? 95  ILE A CD1 1 
ATOM   729 N  N   . LEU A 1 96 ? 8.193   -0.898  6.529   1.00 20.99 ? 96  LEU A N   1 
ATOM   730 C  CA  . LEU A 1 96 ? 9.109   -1.401  7.540   1.00 23.66 ? 96  LEU A CA  1 
ATOM   731 C  C   . LEU A 1 96 ? 8.347   -1.558  8.842   1.00 22.10 ? 96  LEU A C   1 
ATOM   732 O  O   . LEU A 1 96 ? 7.679   -0.625  9.265   1.00 23.01 ? 96  LEU A O   1 
ATOM   733 C  CB  . LEU A 1 96 ? 10.171  -0.353  7.718   1.00 27.18 ? 96  LEU A CB  1 
ATOM   734 C  CG  . LEU A 1 96 ? 11.336  -0.520  8.669   1.00 33.28 ? 96  LEU A CG  1 
ATOM   735 C  CD1 . LEU A 1 96 ? 12.215  -1.586  8.091   1.00 30.24 ? 96  LEU A CD1 1 
ATOM   736 C  CD2 . LEU A 1 96 ? 12.054  0.847   8.735   1.00 32.67 ? 96  LEU A CD2 1 
ATOM   737 N  N   . VAL A 1 97 ? 8.400   -2.734  9.444   1.00 20.70 ? 97  VAL A N   1 
ATOM   738 C  CA  . VAL A 1 97 ? 7.731   -2.958  10.735  1.00 18.96 ? 97  VAL A CA  1 
ATOM   739 C  C   . VAL A 1 97 ? 8.766   -2.692  11.770  1.00 21.76 ? 97  VAL A C   1 
ATOM   740 O  O   . VAL A 1 97 ? 9.758   -3.415  11.852  1.00 27.61 ? 97  VAL A O   1 
ATOM   741 C  CB  . VAL A 1 97 ? 7.313   -4.399  10.894  1.00 17.53 ? 97  VAL A CB  1 
ATOM   742 C  CG1 . VAL A 1 97 ? 6.550   -4.607  12.141  1.00 15.91 ? 97  VAL A CG1 1 
ATOM   743 C  CG2 . VAL A 1 97 ? 6.523   -4.846  9.647   1.00 18.48 ? 97  VAL A CG2 1 
ATOM   744 N  N   . ILE A 1 98 ? 8.564   -1.672  12.575  1.00 19.40 ? 98  ILE A N   1 
ATOM   745 C  CA  . ILE A 1 98 ? 9.626   -1.288  13.478  1.00 17.96 ? 98  ILE A CA  1 
ATOM   746 C  C   . ILE A 1 98 ? 9.408   -1.850  14.869  1.00 19.61 ? 98  ILE A C   1 
ATOM   747 O  O   . ILE A 1 98 ? 8.311   -2.222  15.221  1.00 17.02 ? 98  ILE A O   1 
ATOM   748 C  CB  . ILE A 1 98 ? 9.774   0.202   13.478  1.00 22.20 ? 98  ILE A CB  1 
ATOM   749 C  CG1 . ILE A 1 98 ? 8.456   0.856   13.776  1.00 20.15 ? 98  ILE A CG1 1 
ATOM   750 C  CG2 . ILE A 1 98 ? 10.168  0.689   12.056  1.00 23.29 ? 98  ILE A CG2 1 
ATOM   751 C  CD1 . ILE A 1 98 ? 8.668   2.325   14.325  1.00 24.84 ? 98  ILE A CD1 1 
ATOM   752 N  N   . ASP A 1 99 ? 10.481  -1.996  15.624  1.00 15.05 ? 99  ASP A N   1 
ATOM   753 C  CA  . ASP A 1 99 ? 10.354  -2.656  16.917  1.00 18.74 ? 99  ASP A CA  1 
ATOM   754 C  C   . ASP A 1 99 ? 9.413   -1.894  17.826  1.00 17.02 ? 99  ASP A C   1 
ATOM   755 O  O   . ASP A 1 99 ? 9.452   -0.644  17.840  1.00 17.14 ? 99  ASP A O   1 
ATOM   756 C  CB  . ASP A 1 99 ? 11.725  -2.645  17.613  1.00 19.31 ? 99  ASP A CB  1 
ATOM   757 C  CG  . ASP A 1 99 ? 11.972  -3.870  18.421  1.00 19.76 ? 99  ASP A CG  1 
ATOM   758 O  OD1 . ASP A 1 99 ? 11.010  -4.502  18.963  1.00 15.45 ? 99  ASP A OD1 1 
ATOM   759 O  OD2 . ASP A 1 99 ? 13.183  -4.174  18.608  1.00 17.06 ? 99  ASP A OD2 1 
ATOM   760 O  OXT . ASP A 1 99 ? 8.645   -2.483  18.598  1.00 16.88 ? 99  ASP A OXT 1 
HETATM 761 ZN ZN  . ZN  B 2 .  ? 9.078   -4.251  20.090  0.50 24.94 ? 201 ZN  A ZN  1 
HETATM 762 O  O   . HOH C 3 .  ? -5.852  4.014   -21.933 1.00 40.56 ? 100 HOH A O   1 
HETATM 763 O  O   . HOH C 3 .  ? -1.646  1.687   18.246  0.50 3.08  ? 101 HOH A O   1 
HETATM 764 O  O   . HOH C 3 .  ? 9.143   4.818   -4.594  1.00 34.20 ? 102 HOH A O   1 
HETATM 765 O  O   . HOH C 3 .  ? -6.047  -12.553 4.719   1.00 34.12 ? 103 HOH A O   1 
HETATM 766 O  O   . HOH C 3 .  ? -4.822  -13.592 -4.510  1.00 36.59 ? 104 HOH A O   1 
HETATM 767 O  O   . HOH C 3 .  ? 7.036   -9.231  18.544  1.00 19.01 ? 105 HOH A O   1 
HETATM 768 O  O   . HOH C 3 .  ? 0.685   -2.649  21.874  0.50 13.04 ? 106 HOH A O   1 
HETATM 769 O  O   . HOH C 3 .  ? -0.455  -2.705  12.316  1.00 14.26 ? 107 HOH A O   1 
HETATM 770 O  O   . HOH C 3 .  ? 1.274   -3.452  14.274  1.00 15.42 ? 108 HOH A O   1 
HETATM 771 O  O   . HOH C 3 .  ? -5.833  -4.608  19.555  1.00 18.96 ? 109 HOH A O   1 
HETATM 772 O  O   . HOH C 3 .  ? 12.071  -10.358 11.652  1.00 21.79 ? 110 HOH A O   1 
HETATM 773 O  O   . HOH C 3 .  ? 2.997   -10.212 11.340  1.00 21.58 ? 111 HOH A O   1 
HETATM 774 O  O   . HOH C 3 .  ? -3.411  -5.490  18.638  1.00 23.20 ? 112 HOH A O   1 
HETATM 775 O  O   . HOH C 3 .  ? -4.868  -7.657  14.753  1.00 25.53 ? 113 HOH A O   1 
HETATM 776 O  O   . HOH C 3 .  ? 4.733   -8.096  9.823   1.00 20.31 ? 114 HOH A O   1 
HETATM 777 O  O   . HOH C 3 .  ? 7.197   -9.194  3.025   1.00 29.65 ? 115 HOH A O   1 
HETATM 778 O  O   . HOH C 3 .  ? 10.494  -14.284 10.673  0.50 19.57 ? 116 HOH A O   1 
HETATM 779 O  O   . HOH C 3 .  ? -7.425  -6.538  3.282   1.00 26.73 ? 117 HOH A O   1 
HETATM 780 O  O   . HOH C 3 .  ? 15.231  -4.149  17.045  1.00 23.19 ? 118 HOH A O   1 
HETATM 781 O  O   . HOH C 3 .  ? 12.790  -0.744  14.499  1.00 24.19 ? 119 HOH A O   1 
HETATM 782 O  O   . HOH C 3 .  ? -6.878  2.312   2.542   1.00 24.62 ? 120 HOH A O   1 
HETATM 783 O  O   . HOH C 3 .  ? 5.903   4.467   -14.544 1.00 33.68 ? 121 HOH A O   1 
HETATM 784 O  O   . HOH C 3 .  ? -8.228  -0.616  -7.813  1.00 43.14 ? 122 HOH A O   1 
HETATM 785 O  O   . HOH C 3 .  ? -7.650  0.786   -18.170 1.00 44.46 ? 123 HOH A O   1 
HETATM 786 O  O   . HOH C 3 .  ? 12.192  -4.161  10.672  1.00 34.89 ? 124 HOH A O   1 
HETATM 787 O  O   . HOH C 3 .  ? 0.404   -7.741  18.592  1.00 25.12 ? 125 HOH A O   1 
HETATM 788 O  O   . HOH C 3 .  ? 1.708   -9.913  8.861   1.00 30.01 ? 126 HOH A O   1 
HETATM 789 O  O   . HOH C 3 .  ? 0.388   3.334   16.142  1.00 21.47 ? 127 HOH A O   1 
HETATM 790 O  O   . HOH C 3 .  ? 11.167  1.238   17.445  1.00 23.73 ? 128 HOH A O   1 
HETATM 791 O  O   . HOH C 3 .  ? -5.135  -2.484  -5.869  1.00 34.81 ? 129 HOH A O   1 
HETATM 792 O  O   . HOH C 3 .  ? -3.799  3.577   16.582  1.00 30.69 ? 130 HOH A O   1 
HETATM 793 O  O   . HOH C 3 .  ? -10.892 -3.561  14.718  1.00 30.20 ? 131 HOH A O   1 
HETATM 794 O  O   . HOH C 3 .  ? 5.483   6.065   8.314   1.00 30.18 ? 132 HOH A O   1 
HETATM 795 O  O   . HOH C 3 .  ? 2.643   -12.848 12.241  1.00 38.74 ? 133 HOH A O   1 
HETATM 796 O  O   . HOH C 3 .  ? -5.795  -6.094  0.343   1.00 26.45 ? 134 HOH A O   1 
HETATM 797 O  O   . HOH C 3 .  ? -2.876  9.482   -13.119 1.00 44.70 ? 135 HOH A O   1 
HETATM 798 O  O   . HOH C 3 .  ? -9.646  4.052   8.221   1.00 30.12 ? 136 HOH A O   1 
HETATM 799 O  O   . HOH C 3 .  ? 2.636   4.373   10.076  1.00 32.41 ? 137 HOH A O   1 
HETATM 800 O  O   . HOH C 3 .  ? 4.950   -8.425  -10.021 0.50 42.64 ? 138 HOH A O   1 
HETATM 801 O  O   . HOH C 3 .  ? -7.075  -1.652  -10.243 1.00 50.38 ? 139 HOH A O   1 
HETATM 802 O  O   . HOH C 3 .  ? 5.895   -8.647  -2.764  1.00 37.32 ? 140 HOH A O   1 
HETATM 803 O  O   . HOH C 3 .  ? 16.478  -6.881  15.171  1.00 33.85 ? 141 HOH A O   1 
HETATM 804 O  O   . HOH C 3 .  ? 14.584  -8.455  15.013  0.50 37.29 ? 142 HOH A O   1 
HETATM 805 O  O   . HOH C 3 .  ? 15.151  -1.745  15.323  1.00 28.86 ? 143 HOH A O   1 
HETATM 806 O  O   . HOH C 3 .  ? 6.998   7.563   -5.661  1.00 41.64 ? 144 HOH A O   1 
HETATM 807 O  O   . HOH C 3 .  ? 6.137   -5.220  -8.957  1.00 42.02 ? 145 HOH A O   1 
HETATM 808 O  O   . HOH C 3 .  ? -6.727  1.712   -19.915 1.00 43.79 ? 146 HOH A O   1 
HETATM 809 O  O   . HOH C 3 .  ? -10.683 1.754   11.206  1.00 29.48 ? 147 HOH A O   1 
HETATM 810 O  O   . HOH C 3 .  ? -3.331  16.788  -13.764 1.00 42.11 ? 148 HOH A O   1 
HETATM 811 O  O   . HOH C 3 .  ? -8.613  2.169   6.354   1.00 31.44 ? 149 HOH A O   1 
HETATM 812 O  O   . HOH C 3 .  ? 4.194   2.247   -16.750 1.00 29.04 ? 150 HOH A O   1 
HETATM 813 O  O   . HOH C 3 .  ? 2.170   -11.125 18.345  1.00 32.56 ? 151 HOH A O   1 
HETATM 814 O  O   . HOH C 3 .  ? -5.720  -9.216  8.407   1.00 35.14 ? 152 HOH A O   1 
HETATM 815 O  O   . HOH C 3 .  ? -6.308  4.126   14.684  1.00 27.57 ? 153 HOH A O   1 
HETATM 816 O  O   . HOH C 3 .  ? -9.936  9.720   -9.151  1.00 45.42 ? 154 HOH A O   1 
HETATM 817 O  O   . HOH C 3 .  ? 0.208   -9.266  10.735  1.00 36.17 ? 155 HOH A O   1 
HETATM 818 O  O   . HOH C 3 .  ? -11.645 2.136   18.146  1.00 33.36 ? 156 HOH A O   1 
HETATM 819 O  O   . HOH C 3 .  ? -10.038 -3.957  6.195   1.00 37.95 ? 157 HOH A O   1 
HETATM 820 O  O   . HOH C 3 .  ? -9.021  1.222   1.858   1.00 35.83 ? 158 HOH A O   1 
HETATM 821 O  O   . HOH C 3 .  ? 10.326  7.610   0.980   1.00 41.53 ? 159 HOH A O   1 
HETATM 822 O  O   . HOH C 3 .  ? 8.550   3.427   -0.505  1.00 34.08 ? 160 HOH A O   1 
HETATM 823 O  O   . HOH C 3 .  ? -12.354 -3.111  17.220  1.00 36.79 ? 161 HOH A O   1 
HETATM 824 O  O   . HOH C 3 .  ? 11.089  4.411   12.505  1.00 39.36 ? 162 HOH A O   1 
HETATM 825 O  O   . HOH C 3 .  ? -4.546  -7.713  17.396  1.00 33.47 ? 163 HOH A O   1 
HETATM 826 O  O   . HOH C 3 .  ? -3.125  5.593   11.698  1.00 36.99 ? 164 HOH A O   1 
HETATM 827 O  O   . HOH C 3 .  ? 14.169  -6.159  6.607   1.00 38.17 ? 165 HOH A O   1 
HETATM 828 O  O   . HOH C 3 .  ? 0.399   -14.848 -6.167  1.00 43.44 ? 166 HOH A O   1 
HETATM 829 O  O   . HOH C 3 .  ? -8.212  -7.262  12.434  1.00 33.23 ? 167 HOH A O   1 
HETATM 830 O  O   . HOH C 3 .  ? 3.806   -15.856 4.408   1.00 41.32 ? 168 HOH A O   1 
HETATM 831 O  O   . HOH C 3 .  ? -4.893  11.353  -0.101  1.00 43.47 ? 169 HOH A O   1 
HETATM 832 O  O   . HOH C 3 .  ? 4.436   -9.062  18.297  1.00 25.90 ? 170 HOH A O   1 
HETATM 833 O  O   . HOH C 3 .  ? -7.209  5.481   9.548   1.00 29.39 ? 171 HOH A O   1 
HETATM 834 O  O   . HOH C 3 .  ? 9.997   -11.405 20.762  1.00 29.66 ? 172 HOH A O   1 
HETATM 835 O  O   . HOH C 3 .  ? 8.756   -8.393  20.304  0.50 26.41 ? 173 HOH A O   1 
HETATM 836 O  O   . HOH C 3 .  ? 6.263   -8.376  20.623  1.00 30.01 ? 174 HOH A O   1 
HETATM 837 O  O   . HOH C 3 .  ? 6.797   -13.346 17.839  1.00 33.44 ? 175 HOH A O   1 
HETATM 838 O  O   . HOH C 3 .  ? -8.800  -6.850  15.114  1.00 33.70 ? 176 HOH A O   1 
HETATM 839 O  O   . HOH C 3 .  ? -7.860  -6.239  0.929   1.00 34.90 ? 177 HOH A O   1 
HETATM 840 O  O   . HOH C 3 .  ? -12.823 0.658   -23.108 1.00 44.01 ? 178 HOH A O   1 
HETATM 841 O  O   . HOH C 3 .  ? 1.453   -12.754 8.457   1.00 34.21 ? 179 HOH A O   1 
HETATM 842 O  O   . HOH C 3 .  ? -10.793 1.303   -3.173  1.00 38.79 ? 180 HOH A O   1 
HETATM 843 O  O   . HOH C 3 .  ? -9.948  5.229   2.253   1.00 38.65 ? 181 HOH A O   1 
HETATM 844 O  O   . HOH C 3 .  ? 3.335   6.822   2.413   1.00 38.86 ? 182 HOH A O   1 
HETATM 845 O  O   . HOH C 3 .  ? 10.603  -3.051  2.081   1.00 32.95 ? 183 HOH A O   1 
HETATM 846 O  O   . HOH C 3 .  ? -5.528  -2.677  -2.567  1.00 35.27 ? 184 HOH A O   1 
HETATM 847 O  O   . HOH C 3 .  ? -8.541  3.546   11.964  1.00 31.15 ? 185 HOH A O   1 
HETATM 848 O  O   . HOH C 3 .  ? -6.055  -7.926  -2.051  1.00 35.33 ? 186 HOH A O   1 
HETATM 849 O  O   . HOH C 3 .  ? -8.324  0.114   -20.828 1.00 45.44 ? 187 HOH A O   1 
HETATM 850 O  O   . HOH C 3 .  ? -9.746  -5.441  4.211   1.00 37.38 ? 188 HOH A O   1 
HETATM 851 O  O   . HOH C 3 .  ? -3.243  -13.311 5.656   1.00 34.16 ? 189 HOH A O   1 
HETATM 852 O  O   . HOH C 3 .  ? -3.168  11.694  -6.413  1.00 39.90 ? 190 HOH A O   1 
HETATM 853 O  O   . HOH C 3 .  ? -9.430  3.667   -20.888 1.00 46.19 ? 191 HOH A O   1 
HETATM 854 O  O   . HOH C 3 .  ? 3.738   -13.480 14.801  1.00 34.84 ? 192 HOH A O   1 
HETATM 855 O  O   . HOH C 3 .  ? 10.865  -6.927  17.668  1.00 31.74 ? 193 HOH A O   1 
HETATM 856 O  O   . HOH C 3 .  ? 1.081   -16.456 11.439  1.00 42.37 ? 194 HOH A O   1 
HETATM 857 O  O   . HOH C 3 .  ? 15.129  -3.744  0.812   1.00 48.53 ? 195 HOH A O   1 
HETATM 858 O  O   . HOH C 3 .  ? 7.809   13.191  -5.345  1.00 44.42 ? 196 HOH A O   1 
HETATM 859 O  O   . HOH C 3 .  ? -5.169  14.928  -7.655  1.00 44.49 ? 197 HOH A O   1 
HETATM 860 O  O   . HOH C 3 .  ? 9.308   6.526   -8.927  1.00 39.67 ? 198 HOH A O   1 
HETATM 861 O  O   . HOH C 3 .  ? 7.221   -15.393 14.681  1.00 37.67 ? 199 HOH A O   1 
HETATM 862 O  O   . HOH C 3 .  ? -13.266 1.543   8.395   1.00 41.22 ? 200 HOH A O   1 
HETATM 863 O  O   . HOH C 3 .  ? 8.974   -9.089  -3.460  1.00 40.86 ? 202 HOH A O   1 
# 
